data_3KUS
# 
_entry.id   3KUS 
# 
_audit_conform.dict_name       mmcif_pdbx.dic 
_audit_conform.dict_version    5.378 
_audit_conform.dict_location   http://mmcif.pdb.org/dictionaries/ascii/mmcif_pdbx.dic 
# 
loop_
_database_2.database_id 
_database_2.database_code 
_database_2.pdbx_database_accession 
_database_2.pdbx_DOI 
PDB   3KUS         pdb_00003kus 10.2210/pdb3kus/pdb 
RCSB  RCSB056473   ?            ?                   
WWPDB D_1000056473 ?            ?                   
# 
loop_
_pdbx_database_related.db_name 
_pdbx_database_related.db_id 
_pdbx_database_related.details 
_pdbx_database_related.content_type 
PDB 3KUR . unspecified 
PDB 3KUT . unspecified 
# 
_pdbx_database_status.status_code                     REL 
_pdbx_database_status.entry_id                        3KUS 
_pdbx_database_status.recvd_initial_deposition_date   2009-11-27 
_pdbx_database_status.deposit_site                    RCSB 
_pdbx_database_status.process_site                    RCSB 
_pdbx_database_status.status_code_sf                  REL 
_pdbx_database_status.status_code_mr                  ? 
_pdbx_database_status.SG_entry                        ? 
_pdbx_database_status.pdb_format_compatible           Y 
_pdbx_database_status.status_code_cs                  ? 
_pdbx_database_status.status_code_nmr_data            ? 
_pdbx_database_status.methods_development_category    ? 
# 
loop_
_audit_author.name 
_audit_author.pdbx_ordinal 
'Kozlov, G.'  1 
'Gehring, K.' 2 
# 
_citation.id                        primary 
_citation.title                     'Molecular Determinants of PAM2 Recognition by the MLLE Domain of Poly(A)-Binding Protein.' 
_citation.journal_abbrev            J.Mol.Biol. 
_citation.journal_volume            397 
_citation.page_first                397 
_citation.page_last                 407 
_citation.year                      2010 
_citation.journal_id_ASTM           JMOBAK 
_citation.country                   UK 
_citation.journal_id_ISSN           0022-2836 
_citation.journal_id_CSD            0070 
_citation.book_publisher            ? 
_citation.pdbx_database_id_PubMed   20096703 
_citation.pdbx_database_id_DOI      10.1016/j.jmb.2010.01.032 
# 
loop_
_citation_author.citation_id 
_citation_author.name 
_citation_author.ordinal 
_citation_author.identifier_ORCID 
primary 'Kozlov, G.'    1 ? 
primary 'Menade, M.'    2 ? 
primary 'Rosenauer, A.' 3 ? 
primary 'Nguyen, L.'    4 ? 
primary 'Gehring, K.'   5 ? 
# 
_cell.entry_id           3KUS 
_cell.length_a           26.396 
_cell.length_b           31.610 
_cell.length_c           48.214 
_cell.angle_alpha        100.12 
_cell.angle_beta         92.26 
_cell.angle_gamma        98.90 
_cell.Z_PDB              2 
_cell.pdbx_unique_axis   ? 
_cell.length_a_esd       ? 
_cell.length_b_esd       ? 
_cell.length_c_esd       ? 
_cell.angle_alpha_esd    ? 
_cell.angle_beta_esd     ? 
_cell.angle_gamma_esd    ? 
# 
_symmetry.entry_id                         3KUS 
_symmetry.space_group_name_H-M             'P 1' 
_symmetry.pdbx_full_space_group_name_H-M   ? 
_symmetry.cell_setting                     ? 
_symmetry.Int_Tables_number                1 
_symmetry.space_group_name_Hall            ? 
# 
loop_
_entity.id 
_entity.type 
_entity.src_method 
_entity.pdbx_description 
_entity.formula_weight 
_entity.pdbx_number_of_molecules 
_entity.pdbx_ec 
_entity.pdbx_mutation 
_entity.pdbx_fragment 
_entity.details 
1 polymer     man 'Polyadenylate-binding protein 1'                     9421.909 2   ? ? 'C-terminal domain'     ? 
2 polymer     syn 'PAIP2 protein'                                       1615.827 2   ? ? 'PABPC1-binding region' ? 
3 non-polymer syn GLYCEROL                                              92.094   1   ? ? ?                       ? 
4 non-polymer syn '4-(2-HYDROXYETHYL)-1-PIPERAZINE ETHANESULFONIC ACID' 238.305  1   ? ? ?                       ? 
5 water       nat water                                                 18.015   128 ? ? ?                       ? 
# 
_entity_name_com.entity_id   1 
_entity_name_com.name        'Poly(A)-binding protein 1, PABP 1' 
# 
loop_
_entity_poly.entity_id 
_entity_poly.type 
_entity_poly.nstd_linkage 
_entity_poly.nstd_monomer 
_entity_poly.pdbx_seq_one_letter_code 
_entity_poly.pdbx_seq_one_letter_code_can 
_entity_poly.pdbx_strand_id 
_entity_poly.pdbx_target_identifier 
1 'polypeptide(L)' no no 
;GPLGSPLTASMLASAPPQEQKQMLGERLFPLIQAMHPTLAGKITGMLLEIDNSELLHMLESPESLRSKVDEAVAVLQAHQ
AKEAAQKA
;
;GPLGSPLTASMLASAPPQEQKQMLGERLFPLIQAMHPTLAGKITGMLLEIDNSELLHMLESPESLRSKVDEAVAVLQAHQ
AKEAAQKA
;
A,B ? 
2 'polypeptide(L)' no no SNLNPNAKEFVPGVK                                                                             
SNLNPNAKEFVPGVK                                                                             C,D ? 
# 
loop_
_entity_poly_seq.entity_id 
_entity_poly_seq.num 
_entity_poly_seq.mon_id 
_entity_poly_seq.hetero 
1 1  GLY n 
1 2  PRO n 
1 3  LEU n 
1 4  GLY n 
1 5  SER n 
1 6  PRO n 
1 7  LEU n 
1 8  THR n 
1 9  ALA n 
1 10 SER n 
1 11 MET n 
1 12 LEU n 
1 13 ALA n 
1 14 SER n 
1 15 ALA n 
1 16 PRO n 
1 17 PRO n 
1 18 GLN n 
1 19 GLU n 
1 20 GLN n 
1 21 LYS n 
1 22 GLN n 
1 23 MET n 
1 24 LEU n 
1 25 GLY n 
1 26 GLU n 
1 27 ARG n 
1 28 LEU n 
1 29 PHE n 
1 30 PRO n 
1 31 LEU n 
1 32 ILE n 
1 33 GLN n 
1 34 ALA n 
1 35 MET n 
1 36 HIS n 
1 37 PRO n 
1 38 THR n 
1 39 LEU n 
1 40 ALA n 
1 41 GLY n 
1 42 LYS n 
1 43 ILE n 
1 44 THR n 
1 45 GLY n 
1 46 MET n 
1 47 LEU n 
1 48 LEU n 
1 49 GLU n 
1 50 ILE n 
1 51 ASP n 
1 52 ASN n 
1 53 SER n 
1 54 GLU n 
1 55 LEU n 
1 56 LEU n 
1 57 HIS n 
1 58 MET n 
1 59 LEU n 
1 60 GLU n 
1 61 SER n 
1 62 PRO n 
1 63 GLU n 
1 64 SER n 
1 65 LEU n 
1 66 ARG n 
1 67 SER n 
1 68 LYS n 
1 69 VAL n 
1 70 ASP n 
1 71 GLU n 
1 72 ALA n 
1 73 VAL n 
1 74 ALA n 
1 75 VAL n 
1 76 LEU n 
1 77 GLN n 
1 78 ALA n 
1 79 HIS n 
1 80 GLN n 
1 81 ALA n 
1 82 LYS n 
1 83 GLU n 
1 84 ALA n 
1 85 ALA n 
1 86 GLN n 
1 87 LYS n 
1 88 ALA n 
2 1  SER n 
2 2  ASN n 
2 3  LEU n 
2 4  ASN n 
2 5  PRO n 
2 6  ASN n 
2 7  ALA n 
2 8  LYS n 
2 9  GLU n 
2 10 PHE n 
2 11 VAL n 
2 12 PRO n 
2 13 GLY n 
2 14 VAL n 
2 15 LYS n 
# 
_entity_src_gen.entity_id                          1 
_entity_src_gen.pdbx_src_id                        1 
_entity_src_gen.pdbx_alt_source_flag               sample 
_entity_src_gen.pdbx_seq_type                      ? 
_entity_src_gen.pdbx_beg_seq_num                   ? 
_entity_src_gen.pdbx_end_seq_num                   ? 
_entity_src_gen.gene_src_common_name               human 
_entity_src_gen.gene_src_genus                     ? 
_entity_src_gen.pdbx_gene_src_gene                 'PABPC1, PAB1, PABP1, PABPC2' 
_entity_src_gen.gene_src_species                   ? 
_entity_src_gen.gene_src_strain                    ? 
_entity_src_gen.gene_src_tissue                    ? 
_entity_src_gen.gene_src_tissue_fraction           ? 
_entity_src_gen.gene_src_details                   ? 
_entity_src_gen.pdbx_gene_src_fragment             ? 
_entity_src_gen.pdbx_gene_src_scientific_name      'Homo sapiens' 
_entity_src_gen.pdbx_gene_src_ncbi_taxonomy_id     9606 
_entity_src_gen.pdbx_gene_src_variant              ? 
_entity_src_gen.pdbx_gene_src_cell_line            ? 
_entity_src_gen.pdbx_gene_src_atcc                 ? 
_entity_src_gen.pdbx_gene_src_organ                ? 
_entity_src_gen.pdbx_gene_src_organelle            ? 
_entity_src_gen.pdbx_gene_src_cell                 ? 
_entity_src_gen.pdbx_gene_src_cellular_location    ? 
_entity_src_gen.host_org_common_name               ? 
_entity_src_gen.pdbx_host_org_scientific_name      'Escherichia coli' 
_entity_src_gen.pdbx_host_org_ncbi_taxonomy_id     562 
_entity_src_gen.host_org_genus                     ? 
_entity_src_gen.pdbx_host_org_gene                 ? 
_entity_src_gen.pdbx_host_org_organ                ? 
_entity_src_gen.host_org_species                   ? 
_entity_src_gen.pdbx_host_org_tissue               ? 
_entity_src_gen.pdbx_host_org_tissue_fraction      ? 
_entity_src_gen.pdbx_host_org_strain               BL21 
_entity_src_gen.pdbx_host_org_variant              ? 
_entity_src_gen.pdbx_host_org_cell_line            ? 
_entity_src_gen.pdbx_host_org_atcc                 ? 
_entity_src_gen.pdbx_host_org_culture_collection   ? 
_entity_src_gen.pdbx_host_org_cell                 ? 
_entity_src_gen.pdbx_host_org_organelle            ? 
_entity_src_gen.pdbx_host_org_cellular_location    ? 
_entity_src_gen.pdbx_host_org_vector_type          plasmid 
_entity_src_gen.pdbx_host_org_vector               ? 
_entity_src_gen.host_org_details                   ? 
_entity_src_gen.expression_system_id               ? 
_entity_src_gen.plasmid_name                       pGEX-6P-1 
_entity_src_gen.plasmid_details                    ? 
_entity_src_gen.pdbx_description                   ? 
# 
_pdbx_entity_src_syn.entity_id              2 
_pdbx_entity_src_syn.pdbx_src_id            1 
_pdbx_entity_src_syn.pdbx_alt_source_flag   sample 
_pdbx_entity_src_syn.pdbx_beg_seq_num       ? 
_pdbx_entity_src_syn.pdbx_end_seq_num       ? 
_pdbx_entity_src_syn.organism_scientific    'Homo sapiens' 
_pdbx_entity_src_syn.organism_common_name   human 
_pdbx_entity_src_syn.ncbi_taxonomy_id       9606 
_pdbx_entity_src_syn.details                'chemically synthesized' 
# 
loop_
_struct_ref.id 
_struct_ref.db_name 
_struct_ref.db_code 
_struct_ref.pdbx_db_accession 
_struct_ref.entity_id 
_struct_ref.pdbx_seq_one_letter_code 
_struct_ref.pdbx_align_begin 
_struct_ref.pdbx_db_isoform 
1 UNP PABP1_HUMAN  P11940 1 
;PLTASMLASAPPQEQKQMLGERLFPLIQAMHPTLAGKITGMLLEIDNSELLHMLESPESLRSKVDEAVAVLQAHQAKEAA
QKA
;
544 ? 
2 UNP Q6FID7_HUMAN Q6FID7 2 SNLNPNAKEFVPGVK                                                                        109 ? 
# 
loop_
_struct_ref_seq.align_id 
_struct_ref_seq.ref_id 
_struct_ref_seq.pdbx_PDB_id_code 
_struct_ref_seq.pdbx_strand_id 
_struct_ref_seq.seq_align_beg 
_struct_ref_seq.pdbx_seq_align_beg_ins_code 
_struct_ref_seq.seq_align_end 
_struct_ref_seq.pdbx_seq_align_end_ins_code 
_struct_ref_seq.pdbx_db_accession 
_struct_ref_seq.db_align_beg 
_struct_ref_seq.pdbx_db_align_beg_ins_code 
_struct_ref_seq.db_align_end 
_struct_ref_seq.pdbx_db_align_end_ins_code 
_struct_ref_seq.pdbx_auth_seq_align_beg 
_struct_ref_seq.pdbx_auth_seq_align_end 
1 1 3KUS A 6 ? 88 ? P11940 544 ? 626 ? 544 626 
2 1 3KUS B 6 ? 88 ? P11940 544 ? 626 ? 544 626 
3 2 3KUS C 1 ? 15 ? Q6FID7 109 ? 123 ? 109 123 
4 2 3KUS D 1 ? 15 ? Q6FID7 109 ? 123 ? 109 123 
# 
loop_
_struct_ref_seq_dif.align_id 
_struct_ref_seq_dif.pdbx_pdb_id_code 
_struct_ref_seq_dif.mon_id 
_struct_ref_seq_dif.pdbx_pdb_strand_id 
_struct_ref_seq_dif.seq_num 
_struct_ref_seq_dif.pdbx_pdb_ins_code 
_struct_ref_seq_dif.pdbx_seq_db_name 
_struct_ref_seq_dif.pdbx_seq_db_accession_code 
_struct_ref_seq_dif.db_mon_id 
_struct_ref_seq_dif.pdbx_seq_db_seq_num 
_struct_ref_seq_dif.details 
_struct_ref_seq_dif.pdbx_auth_seq_num 
_struct_ref_seq_dif.pdbx_ordinal 
1 3KUS GLY A 1 ? UNP P11940 ? ? 'expression tag' 539 1  
1 3KUS PRO A 2 ? UNP P11940 ? ? 'expression tag' 540 2  
1 3KUS LEU A 3 ? UNP P11940 ? ? 'expression tag' 541 3  
1 3KUS GLY A 4 ? UNP P11940 ? ? 'expression tag' 542 4  
1 3KUS SER A 5 ? UNP P11940 ? ? 'expression tag' 543 5  
2 3KUS GLY B 1 ? UNP P11940 ? ? 'expression tag' 539 6  
2 3KUS PRO B 2 ? UNP P11940 ? ? 'expression tag' 540 7  
2 3KUS LEU B 3 ? UNP P11940 ? ? 'expression tag' 541 8  
2 3KUS GLY B 4 ? UNP P11940 ? ? 'expression tag' 542 9  
2 3KUS SER B 5 ? UNP P11940 ? ? 'expression tag' 543 10 
# 
loop_
_chem_comp.id 
_chem_comp.type 
_chem_comp.mon_nstd_flag 
_chem_comp.name 
_chem_comp.pdbx_synonyms 
_chem_comp.formula 
_chem_comp.formula_weight 
ALA 'L-peptide linking' y ALANINE                                               ?                               'C3 H7 N O2'     
89.093  
ARG 'L-peptide linking' y ARGININE                                              ?                               'C6 H15 N4 O2 1' 
175.209 
ASN 'L-peptide linking' y ASPARAGINE                                            ?                               'C4 H8 N2 O3'    
132.118 
ASP 'L-peptide linking' y 'ASPARTIC ACID'                                       ?                               'C4 H7 N O4'     
133.103 
EPE non-polymer         . '4-(2-HYDROXYETHYL)-1-PIPERAZINE ETHANESULFONIC ACID' HEPES                           'C8 H18 N2 O4 S' 
238.305 
GLN 'L-peptide linking' y GLUTAMINE                                             ?                               'C5 H10 N2 O3'   
146.144 
GLU 'L-peptide linking' y 'GLUTAMIC ACID'                                       ?                               'C5 H9 N O4'     
147.129 
GLY 'peptide linking'   y GLYCINE                                               ?                               'C2 H5 N O2'     
75.067  
GOL non-polymer         . GLYCEROL                                              'GLYCERIN; PROPANE-1,2,3-TRIOL' 'C3 H8 O3'       
92.094  
HIS 'L-peptide linking' y HISTIDINE                                             ?                               'C6 H10 N3 O2 1' 
156.162 
HOH non-polymer         . WATER                                                 ?                               'H2 O'           
18.015  
ILE 'L-peptide linking' y ISOLEUCINE                                            ?                               'C6 H13 N O2'    
131.173 
LEU 'L-peptide linking' y LEUCINE                                               ?                               'C6 H13 N O2'    
131.173 
LYS 'L-peptide linking' y LYSINE                                                ?                               'C6 H15 N2 O2 1' 
147.195 
MET 'L-peptide linking' y METHIONINE                                            ?                               'C5 H11 N O2 S'  
149.211 
PHE 'L-peptide linking' y PHENYLALANINE                                         ?                               'C9 H11 N O2'    
165.189 
PRO 'L-peptide linking' y PROLINE                                               ?                               'C5 H9 N O2'     
115.130 
SER 'L-peptide linking' y SERINE                                                ?                               'C3 H7 N O3'     
105.093 
THR 'L-peptide linking' y THREONINE                                             ?                               'C4 H9 N O3'     
119.119 
VAL 'L-peptide linking' y VALINE                                                ?                               'C5 H11 N O2'    
117.146 
# 
_exptl.entry_id          3KUS 
_exptl.method            'X-RAY DIFFRACTION' 
_exptl.crystals_number   1 
# 
_exptl_crystal.id                    1 
_exptl_crystal.density_meas          ? 
_exptl_crystal.density_Matthews      1.77 
_exptl_crystal.density_percent_sol   30.44 
_exptl_crystal.description           ? 
_exptl_crystal.F_000                 ? 
_exptl_crystal.preparation           ? 
# 
_exptl_crystal_grow.crystal_id      1 
_exptl_crystal_grow.method          'VAPOR DIFFUSION, HANGING DROP' 
_exptl_crystal_grow.temp            295 
_exptl_crystal_grow.temp_details    ? 
_exptl_crystal_grow.pH              7.0 
_exptl_crystal_grow.pdbx_details    '2.3M ammonium sulfate, 0.1M HEPES, pH 7.0, VAPOR DIFFUSION, HANGING DROP, temperature 295K' 
_exptl_crystal_grow.pdbx_pH_range   ? 
# 
_diffrn.id                     1 
_diffrn.ambient_temp           100 
_diffrn.ambient_temp_details   ? 
_diffrn.crystal_id             1 
# 
_diffrn_detector.diffrn_id              1 
_diffrn_detector.detector               CCD 
_diffrn_detector.type                   'ADSC QUANTUM 210' 
_diffrn_detector.pdbx_collection_date   2009-04-30 
_diffrn_detector.details                mirrors 
# 
_diffrn_radiation.diffrn_id                        1 
_diffrn_radiation.wavelength_id                    1 
_diffrn_radiation.pdbx_monochromatic_or_laue_m_l   M 
_diffrn_radiation.monochromator                    'Si 111 CHANNEL' 
_diffrn_radiation.pdbx_diffrn_protocol             'SINGLE WAVELENGTH' 
_diffrn_radiation.pdbx_scattering_type             x-ray 
# 
_diffrn_radiation_wavelength.id           1 
_diffrn_radiation_wavelength.wavelength   0.9950 
_diffrn_radiation_wavelength.wt           1.0 
# 
_diffrn_source.diffrn_id                   1 
_diffrn_source.source                      SYNCHROTRON 
_diffrn_source.type                        'CHESS BEAMLINE F2' 
_diffrn_source.pdbx_synchrotron_site       CHESS 
_diffrn_source.pdbx_synchrotron_beamline   F2 
_diffrn_source.pdbx_wavelength             ? 
_diffrn_source.pdbx_wavelength_list        0.9950 
# 
_reflns.entry_id                     3KUS 
_reflns.observed_criterion_sigma_I   1 
_reflns.observed_criterion_sigma_F   1 
_reflns.d_resolution_low             50 
_reflns.d_resolution_high            1.40 
_reflns.number_obs                   27147 
_reflns.number_all                   28308 
_reflns.percent_possible_obs         95.9 
_reflns.pdbx_Rmerge_I_obs            0.036 
_reflns.pdbx_Rsym_value              ? 
_reflns.pdbx_netI_over_sigmaI        33.1 
_reflns.B_iso_Wilson_estimate        ? 
_reflns.pdbx_redundancy              3.9 
_reflns.R_free_details               ? 
_reflns.limit_h_max                  ? 
_reflns.limit_h_min                  ? 
_reflns.limit_k_max                  ? 
_reflns.limit_k_min                  ? 
_reflns.limit_l_max                  ? 
_reflns.limit_l_min                  ? 
_reflns.observed_criterion_F_max     ? 
_reflns.observed_criterion_F_min     ? 
_reflns.pdbx_chi_squared             ? 
_reflns.pdbx_scaling_rejects         ? 
_reflns.pdbx_ordinal                 1 
_reflns.pdbx_diffrn_id               1 
# 
_reflns_shell.d_res_high             1.40 
_reflns_shell.d_res_low              1.42 
_reflns_shell.percent_possible_all   90.2 
_reflns_shell.Rmerge_I_obs           0.240 
_reflns_shell.pdbx_Rsym_value        ? 
_reflns_shell.meanI_over_sigI_obs    4.0 
_reflns_shell.pdbx_redundancy        3.5 
_reflns_shell.percent_possible_obs   ? 
_reflns_shell.number_unique_all      1857 
_reflns_shell.number_measured_all    ? 
_reflns_shell.number_measured_obs    ? 
_reflns_shell.number_unique_obs      ? 
_reflns_shell.pdbx_chi_squared       ? 
_reflns_shell.pdbx_ordinal           1 
_reflns_shell.pdbx_diffrn_id         1 
# 
_refine.entry_id                                 3KUS 
_refine.ls_number_reflns_obs                     27147 
_refine.ls_number_reflns_all                     28308 
_refine.pdbx_ls_sigma_I                          ? 
_refine.pdbx_ls_sigma_F                          1 
_refine.pdbx_data_cutoff_high_absF               ? 
_refine.pdbx_data_cutoff_low_absF                ? 
_refine.pdbx_data_cutoff_high_rms_absF           ? 
_refine.ls_d_res_low                             47.35 
_refine.ls_d_res_high                            1.40 
_refine.ls_percent_reflns_obs                    95.73 
_refine.ls_R_factor_obs                          0.17941 
_refine.ls_R_factor_all                          ? 
_refine.ls_R_factor_R_work                       0.17808 
_refine.ls_R_factor_R_free                       0.20514 
_refine.ls_R_factor_R_free_error                 ? 
_refine.ls_R_factor_R_free_error_details         ? 
_refine.ls_percent_reflns_R_free                 5.0 
_refine.ls_number_reflns_R_free                  1438 
_refine.ls_number_parameters                     ? 
_refine.ls_number_restraints                     ? 
_refine.occupancy_min                            ? 
_refine.occupancy_max                            ? 
_refine.correlation_coeff_Fo_to_Fc               0.959 
_refine.correlation_coeff_Fo_to_Fc_free          0.943 
_refine.B_iso_mean                               10.843 
_refine.aniso_B[1][1]                            0.07 
_refine.aniso_B[2][2]                            0.19 
_refine.aniso_B[3][3]                            -0.18 
_refine.aniso_B[1][2]                            0.47 
_refine.aniso_B[1][3]                            -0.10 
_refine.aniso_B[2][3]                            -0.15 
_refine.solvent_model_details                    MASK 
_refine.solvent_model_param_ksol                 ? 
_refine.solvent_model_param_bsol                 ? 
_refine.pdbx_solvent_vdw_probe_radii             1.20 
_refine.pdbx_solvent_ion_probe_radii             0.80 
_refine.pdbx_solvent_shrinkage_radii             0.80 
_refine.pdbx_ls_cross_valid_method               THROUGHOUT 
_refine.details                                  ? 
_refine.pdbx_starting_model                      'pdb entry 1I2T' 
_refine.pdbx_method_to_determine_struct          'MOLECULAR REPLACEMENT' 
_refine.pdbx_isotropic_thermal_model             ? 
_refine.pdbx_stereochemistry_target_values       'MAXIMUM LIKELIHOOD' 
_refine.pdbx_stereochem_target_val_spec_case     ? 
_refine.pdbx_R_Free_selection_details            RANDOM 
_refine.pdbx_overall_ESU_R                       0.069 
_refine.pdbx_overall_ESU_R_Free                  0.070 
_refine.overall_SU_ML                            0.036 
_refine.overall_SU_B                             1.765 
_refine.ls_redundancy_reflns_obs                 ? 
_refine.B_iso_min                                ? 
_refine.B_iso_max                                ? 
_refine.overall_SU_R_Cruickshank_DPI             ? 
_refine.overall_SU_R_free                        ? 
_refine.ls_wR_factor_R_free                      ? 
_refine.ls_wR_factor_R_work                      ? 
_refine.overall_FOM_free_R_set                   ? 
_refine.overall_FOM_work_R_set                   ? 
_refine.pdbx_overall_phase_error                 ? 
_refine.pdbx_refine_id                           'X-RAY DIFFRACTION' 
_refine.pdbx_TLS_residual_ADP_flag               'LIKELY RESIDUAL' 
_refine.pdbx_diffrn_id                           1 
_refine.pdbx_overall_SU_R_free_Cruickshank_DPI   ? 
_refine.pdbx_overall_SU_R_Blow_DPI               ? 
_refine.pdbx_overall_SU_R_free_Blow_DPI          ? 
# 
_refine_hist.pdbx_refine_id                   'X-RAY DIFFRACTION' 
_refine_hist.cycle_id                         LAST 
_refine_hist.pdbx_number_atoms_protein        1343 
_refine_hist.pdbx_number_atoms_nucleic_acid   0 
_refine_hist.pdbx_number_atoms_ligand         21 
_refine_hist.number_atoms_solvent             128 
_refine_hist.number_atoms_total               1492 
_refine_hist.d_res_high                       1.40 
_refine_hist.d_res_low                        47.35 
# 
loop_
_refine_ls_restr.type 
_refine_ls_restr.dev_ideal 
_refine_ls_restr.dev_ideal_target 
_refine_ls_restr.weight 
_refine_ls_restr.number 
_refine_ls_restr.pdbx_refine_id 
_refine_ls_restr.pdbx_restraint_function 
r_bond_refined_d         0.007  0.022  ? 1397 'X-RAY DIFFRACTION' ? 
r_angle_refined_deg      1.052  2.019  ? 1891 'X-RAY DIFFRACTION' ? 
r_dihedral_angle_1_deg   3.864  5.000  ? 179  'X-RAY DIFFRACTION' ? 
r_dihedral_angle_2_deg   30.680 26.727 ? 55   'X-RAY DIFFRACTION' ? 
r_dihedral_angle_3_deg   13.357 15.000 ? 256  'X-RAY DIFFRACTION' ? 
r_dihedral_angle_4_deg   9.362  15.000 ? 4    'X-RAY DIFFRACTION' ? 
r_chiral_restr           0.061  0.200  ? 219  'X-RAY DIFFRACTION' ? 
r_gen_planes_refined     0.004  0.020  ? 1016 'X-RAY DIFFRACTION' ? 
r_nbd_refined            0.209  0.200  ? 695  'X-RAY DIFFRACTION' ? 
r_nbtor_refined          0.300  0.200  ? 974  'X-RAY DIFFRACTION' ? 
r_xyhbond_nbd_refined    0.096  0.200  ? 70   'X-RAY DIFFRACTION' ? 
r_symmetry_vdw_refined   0.174  0.200  ? 59   'X-RAY DIFFRACTION' ? 
r_symmetry_hbond_refined 0.160  0.200  ? 15   'X-RAY DIFFRACTION' ? 
r_mcbond_it              0.770  1.500  ? 925  'X-RAY DIFFRACTION' ? 
r_mcangle_it             1.005  2.000  ? 1441 'X-RAY DIFFRACTION' ? 
r_scbond_it              1.997  3.000  ? 503  'X-RAY DIFFRACTION' ? 
r_scangle_it             3.085  4.500  ? 447  'X-RAY DIFFRACTION' ? 
# 
_refine_ls_shell.pdbx_total_number_of_bins_used   20 
_refine_ls_shell.d_res_high                       1.40 
_refine_ls_shell.d_res_low                        1.435 
_refine_ls_shell.number_reflns_R_work             1857 
_refine_ls_shell.R_factor_R_work                  0.217 
_refine_ls_shell.percent_reflns_obs               88.70 
_refine_ls_shell.R_factor_R_free                  0.226 
_refine_ls_shell.R_factor_R_free_error            ? 
_refine_ls_shell.percent_reflns_R_free            ? 
_refine_ls_shell.number_reflns_R_free             97 
_refine_ls_shell.number_reflns_all                ? 
_refine_ls_shell.R_factor_all                     ? 
_refine_ls_shell.number_reflns_obs                ? 
_refine_ls_shell.redundancy_reflns_obs            ? 
_refine_ls_shell.pdbx_refine_id                   'X-RAY DIFFRACTION' 
# 
_struct.entry_id                  3KUS 
_struct.title                     
'Crystal structure of the MLLE domain of poly(A)-binding protein in complex with the binding region of Paip2' 
_struct.pdbx_model_details        ? 
_struct.pdbx_CASP_flag            N 
_struct.pdbx_model_type_details   ? 
# 
_struct_keywords.entry_id        3KUS 
_struct_keywords.pdbx_keywords   'PROTEIN BINDING' 
_struct_keywords.text            
;protein-protein complex, Methylation, mRNA processing, mRNA splicing, Nucleus, Phosphoprotein, RNA-binding, Spliceosome, PROTEIN BINDING
;
# 
loop_
_struct_asym.id 
_struct_asym.pdbx_blank_PDB_chainid_flag 
_struct_asym.pdbx_modified 
_struct_asym.entity_id 
_struct_asym.details 
A N N 1 ? 
B N N 1 ? 
C N N 2 ? 
D N N 2 ? 
E N N 3 ? 
F N N 4 ? 
G N N 5 ? 
H N N 5 ? 
I N N 5 ? 
J N N 5 ? 
# 
_struct_biol.id        1 
_struct_biol.details   ? 
# 
loop_
_struct_conf.conf_type_id 
_struct_conf.id 
_struct_conf.pdbx_PDB_helix_id 
_struct_conf.beg_label_comp_id 
_struct_conf.beg_label_asym_id 
_struct_conf.beg_label_seq_id 
_struct_conf.pdbx_beg_PDB_ins_code 
_struct_conf.end_label_comp_id 
_struct_conf.end_label_asym_id 
_struct_conf.end_label_seq_id 
_struct_conf.pdbx_end_PDB_ins_code 
_struct_conf.beg_auth_comp_id 
_struct_conf.beg_auth_asym_id 
_struct_conf.beg_auth_seq_id 
_struct_conf.end_auth_comp_id 
_struct_conf.end_auth_asym_id 
_struct_conf.end_auth_seq_id 
_struct_conf.pdbx_PDB_helix_class 
_struct_conf.details 
_struct_conf.pdbx_PDB_helix_length 
HELX_P HELX_P1 1 THR A 8  ? SER A 14 ? THR A 546 SER A 552 1 ? 7  
HELX_P HELX_P2 2 PRO A 16 ? HIS A 36 ? PRO A 554 HIS A 574 1 ? 21 
HELX_P HELX_P3 3 LEU A 39 ? GLU A 49 ? LEU A 577 GLU A 587 1 ? 11 
HELX_P HELX_P4 4 ASP A 51 ? SER A 61 ? ASP A 589 SER A 599 1 ? 11 
HELX_P HELX_P5 5 SER A 61 ? ALA A 88 ? SER A 599 ALA A 626 1 ? 28 
HELX_P HELX_P6 6 PRO B 16 ? HIS B 36 ? PRO B 554 HIS B 574 1 ? 21 
HELX_P HELX_P7 7 LEU B 39 ? GLU B 49 ? LEU B 577 GLU B 587 1 ? 11 
HELX_P HELX_P8 8 ASP B 51 ? LEU B 59 ? ASP B 589 LEU B 597 1 ? 9  
HELX_P HELX_P9 9 SER B 61 ? ALA B 84 ? SER B 599 ALA B 622 1 ? 24 
# 
_struct_conf_type.id          HELX_P 
_struct_conf_type.criteria    ? 
_struct_conf_type.reference   ? 
# 
loop_
_struct_site.id 
_struct_site.pdbx_evidence_code 
_struct_site.pdbx_auth_asym_id 
_struct_site.pdbx_auth_comp_id 
_struct_site.pdbx_auth_seq_id 
_struct_site.pdbx_auth_ins_code 
_struct_site.pdbx_num_residues 
_struct_site.details 
AC1 Software A GOL 1 ? 5 'BINDING SITE FOR RESIDUE GOL A 1' 
AC2 Software B EPE 1 ? 7 'BINDING SITE FOR RESIDUE EPE B 1' 
# 
loop_
_struct_site_gen.id 
_struct_site_gen.site_id 
_struct_site_gen.pdbx_num_res 
_struct_site_gen.label_comp_id 
_struct_site_gen.label_asym_id 
_struct_site_gen.label_seq_id 
_struct_site_gen.pdbx_auth_ins_code 
_struct_site_gen.auth_comp_id 
_struct_site_gen.auth_asym_id 
_struct_site_gen.auth_seq_id 
_struct_site_gen.label_atom_id 
_struct_site_gen.label_alt_id 
_struct_site_gen.symmetry 
_struct_site_gen.details 
1  AC1 5 HIS A 36 ? HIS A 574 . ? 1_555 ? 
2  AC1 5 PRO A 37 ? PRO A 575 . ? 1_555 ? 
3  AC1 5 THR A 38 ? THR A 576 . ? 1_555 ? 
4  AC1 5 LEU A 39 ? LEU A 577 . ? 1_555 ? 
5  AC1 5 ARG B 66 ? ARG B 604 . ? 1_555 ? 
6  AC2 7 ARG A 66 ? ARG A 604 . ? 1_555 ? 
7  AC2 7 HOH H .  ? HOH B 130 . ? 1_555 ? 
8  AC2 7 HIS B 36 ? HIS B 574 . ? 1_555 ? 
9  AC2 7 PRO B 37 ? PRO B 575 . ? 1_555 ? 
10 AC2 7 THR B 38 ? THR B 576 . ? 1_555 ? 
11 AC2 7 LEU B 39 ? LEU B 577 . ? 1_555 ? 
12 AC2 7 LYS D 15 ? LYS D 123 . ? 1_565 ? 
# 
_atom_sites.entry_id                    3KUS 
_atom_sites.fract_transf_matrix[1][1]   -0.00286763 
_atom_sites.fract_transf_matrix[1][2]   -0.02841049 
_atom_sites.fract_transf_matrix[1][3]   -0.02573045 
_atom_sites.fract_transf_matrix[2][1]   0.01311926 
_atom_sites.fract_transf_matrix[2][2]   0.01485002 
_atom_sites.fract_transf_matrix[2][3]   -0.02585889 
_atom_sites.fract_transf_matrix[3][1]   0.02020124 
_atom_sites.fract_transf_matrix[3][2]   -0.00581722 
_atom_sites.fract_transf_matrix[3][3]   0.00200990 
_atom_sites.fract_transf_vector[1]      0.180318 
_atom_sites.fract_transf_vector[2]      0.175665 
_atom_sites.fract_transf_vector[3]      -0.086925 
# 
loop_
_atom_type.symbol 
C 
N 
O 
S 
# 
loop_
_atom_site.group_PDB 
_atom_site.id 
_atom_site.type_symbol 
_atom_site.label_atom_id 
_atom_site.label_alt_id 
_atom_site.label_comp_id 
_atom_site.label_asym_id 
_atom_site.label_entity_id 
_atom_site.label_seq_id 
_atom_site.pdbx_PDB_ins_code 
_atom_site.Cartn_x 
_atom_site.Cartn_y 
_atom_site.Cartn_z 
_atom_site.occupancy 
_atom_site.B_iso_or_equiv 
_atom_site.pdbx_formal_charge 
_atom_site.auth_seq_id 
_atom_site.auth_comp_id 
_atom_site.auth_asym_id 
_atom_site.auth_atom_id 
_atom_site.pdbx_PDB_model_num 
ATOM   1    N N   . LEU A 1 7  ? -9.458  -11.711 5.160   1.00 14.91 ? 545 LEU A N   1 
ATOM   2    C CA  . LEU A 1 7  ? -10.926 -11.468 5.145   1.00 14.73 ? 545 LEU A CA  1 
ATOM   3    C C   . LEU A 1 7  ? -11.632 -12.387 4.155   1.00 14.94 ? 545 LEU A C   1 
ATOM   4    O O   . LEU A 1 7  ? -11.301 -12.408 2.968   1.00 15.35 ? 545 LEU A O   1 
ATOM   5    C CB  . LEU A 1 7  ? -11.216 -10.004 4.799   1.00 14.78 ? 545 LEU A CB  1 
ATOM   6    C CG  . LEU A 1 7  ? -12.660 -9.537  4.969   1.00 14.56 ? 545 LEU A CG  1 
ATOM   7    C CD1 . LEU A 1 7  ? -13.073 -9.587  6.431   1.00 16.64 ? 545 LEU A CD1 1 
ATOM   8    C CD2 . LEU A 1 7  ? -12.806 -8.136  4.423   1.00 14.93 ? 545 LEU A CD2 1 
ATOM   9    N N   . THR A 1 8  ? -12.615 -13.129 4.654   1.00 14.61 ? 546 THR A N   1 
ATOM   10   C CA  . THR A 1 8  ? -13.349 -14.082 3.827   1.00 14.60 ? 546 THR A CA  1 
ATOM   11   C C   . THR A 1 8  ? -14.763 -13.579 3.551   1.00 14.18 ? 546 THR A C   1 
ATOM   12   O O   . THR A 1 8  ? -15.280 -12.727 4.277   1.00 13.83 ? 546 THR A O   1 
ATOM   13   C CB  . THR A 1 8  ? -13.439 -15.472 4.502   1.00 14.48 ? 546 THR A CB  1 
ATOM   14   O OG1 . THR A 1 8  ? -14.215 -15.371 5.698   1.00 15.39 ? 546 THR A OG1 1 
ATOM   15   C CG2 . THR A 1 8  ? -12.049 -16.013 4.852   1.00 15.54 ? 546 THR A CG2 1 
ATOM   16   N N   . ALA A 1 9  ? -15.387 -14.119 2.506   1.00 14.28 ? 547 ALA A N   1 
ATOM   17   C CA  . ALA A 1 9  ? -16.785 -13.823 2.206   1.00 14.22 ? 547 ALA A CA  1 
ATOM   18   C C   . ALA A 1 9  ? -17.705 -14.184 3.380   1.00 14.20 ? 547 ALA A C   1 
ATOM   19   O O   . ALA A 1 9  ? -18.668 -13.462 3.654   1.00 14.21 ? 547 ALA A O   1 
ATOM   20   C CB  . ALA A 1 9  ? -17.224 -14.541 0.937   1.00 14.20 ? 547 ALA A CB  1 
ATOM   21   N N   . SER A 1 10 ? -17.401 -15.285 4.075   1.00 14.17 ? 548 SER A N   1 
ATOM   22   C CA  A SER A 1 10 ? -18.181 -15.709 5.240   0.50 14.37 ? 548 SER A CA  1 
ATOM   23   C CA  B SER A 1 10 ? -18.183 -15.708 5.240   0.50 14.16 ? 548 SER A CA  1 
ATOM   24   C C   . SER A 1 10 ? -18.106 -14.689 6.376   1.00 14.47 ? 548 SER A C   1 
ATOM   25   O O   . SER A 1 10 ? -19.108 -14.407 7.039   1.00 14.07 ? 548 SER A O   1 
ATOM   26   C CB  A SER A 1 10 ? -17.736 -17.093 5.725   0.50 14.39 ? 548 SER A CB  1 
ATOM   27   C CB  B SER A 1 10 ? -17.733 -17.089 5.729   0.50 14.15 ? 548 SER A CB  1 
ATOM   28   O OG  A SER A 1 10 ? -16.334 -17.144 5.933   0.50 15.23 ? 548 SER A OG  1 
ATOM   29   O OG  B SER A 1 10 ? -18.534 -17.535 6.812   0.50 13.77 ? 548 SER A OG  1 
ATOM   30   N N   . MET A 1 11 ? -16.917 -14.134 6.596   1.00 14.80 ? 549 MET A N   1 
ATOM   31   C CA  . MET A 1 11 ? -16.744 -13.071 7.589   1.00 16.38 ? 549 MET A CA  1 
ATOM   32   C C   . MET A 1 11 ? -17.606 -11.860 7.225   1.00 16.23 ? 549 MET A C   1 
ATOM   33   O O   . MET A 1 11 ? -18.305 -11.309 8.070   1.00 16.98 ? 549 MET A O   1 
ATOM   34   C CB  . MET A 1 11 ? -15.267 -12.672 7.704   1.00 15.95 ? 549 MET A CB  1 
ATOM   35   C CG  . MET A 1 11 ? -14.382 -13.735 8.349   1.00 17.25 ? 549 MET A CG  1 
ATOM   36   S SD  . MET A 1 11 ? -12.608 -13.469 8.111   1.00 19.42 ? 549 MET A SD  1 
ATOM   37   C CE  . MET A 1 11 ? -12.345 -12.049 9.154   1.00 20.61 ? 549 MET A CE  1 
ATOM   38   N N   . LEU A 1 12 ? -17.559 -11.452 5.958   1.00 16.67 ? 550 LEU A N   1 
ATOM   39   C CA  . LEU A 1 12 ? -18.365 -10.324 5.482   1.00 17.24 ? 550 LEU A CA  1 
ATOM   40   C C   . LEU A 1 12 ? -19.858 -10.586 5.589   1.00 17.16 ? 550 LEU A C   1 
ATOM   41   O O   . LEU A 1 12 ? -20.621 -9.722  6.017   1.00 17.12 ? 550 LEU A O   1 
ATOM   42   C CB  . LEU A 1 12 ? -18.043 -10.022 4.023   1.00 17.97 ? 550 LEU A CB  1 
ATOM   43   C CG  . LEU A 1 12 ? -17.102 -8.894  3.633   1.00 18.27 ? 550 LEU A CG  1 
ATOM   44   C CD1 . LEU A 1 12 ? -17.312 -8.644  2.152   1.00 18.76 ? 550 LEU A CD1 1 
ATOM   45   C CD2 . LEU A 1 12 ? -17.304 -7.601  4.416   1.00 17.00 ? 550 LEU A CD2 1 
ATOM   46   N N   . ALA A 1 13 ? -20.267 -11.782 5.167   1.00 16.95 ? 551 ALA A N   1 
ATOM   47   C CA  . ALA A 1 13 ? -21.671 -12.184 5.171   1.00 16.58 ? 551 ALA A CA  1 
ATOM   48   C C   . ALA A 1 13 ? -22.306 -12.101 6.557   1.00 16.59 ? 551 ALA A C   1 
ATOM   49   O O   . ALA A 1 13 ? -23.531 -12.008 6.684   1.00 16.05 ? 551 ALA A O   1 
ATOM   50   C CB  . ALA A 1 13 ? -21.813 -13.593 4.614   1.00 16.32 ? 551 ALA A CB  1 
ATOM   51   N N   . SER A 1 14 ? -21.464 -12.125 7.589   1.00 16.95 ? 552 SER A N   1 
ATOM   52   C CA  . SER A 1 14 ? -21.915 -12.099 8.979   1.00 17.43 ? 552 SER A CA  1 
ATOM   53   C C   . SER A 1 14 ? -22.303 -10.694 9.480   1.00 17.09 ? 552 SER A C   1 
ATOM   54   O O   . SER A 1 14 ? -22.888 -10.561 10.559  1.00 17.32 ? 552 SER A O   1 
ATOM   55   C CB  . SER A 1 14 ? -20.826 -12.701 9.885   1.00 17.64 ? 552 SER A CB  1 
ATOM   56   O OG  . SER A 1 14 ? -20.576 -14.068 9.573   1.00 19.98 ? 552 SER A OG  1 
ATOM   57   N N   . ALA A 1 15 ? -21.983 -9.657  8.698   1.00 16.58 ? 553 ALA A N   1 
ATOM   58   C CA  . ALA A 1 15 ? -22.187 -8.258  9.121   1.00 16.11 ? 553 ALA A CA  1 
ATOM   59   C C   . ALA A 1 15 ? -23.274 -7.508  8.323   1.00 15.60 ? 553 ALA A C   1 
ATOM   60   O O   . ALA A 1 15 ? -23.478 -7.808  7.145   1.00 15.59 ? 553 ALA A O   1 
ATOM   61   C CB  . ALA A 1 15 ? -20.854 -7.499  9.039   1.00 16.14 ? 553 ALA A CB  1 
ATOM   62   N N   . PRO A 1 16 ? -23.971 -6.526  8.954   1.00 14.98 ? 554 PRO A N   1 
ATOM   63   C CA  . PRO A 1 16 ? -24.909 -5.649  8.221   1.00 14.43 ? 554 PRO A CA  1 
ATOM   64   C C   . PRO A 1 16 ? -24.151 -4.768  7.213   1.00 13.91 ? 554 PRO A C   1 
ATOM   65   O O   . PRO A 1 16 ? -22.950 -4.581  7.375   1.00 13.19 ? 554 PRO A O   1 
ATOM   66   C CB  . PRO A 1 16 ? -25.545 -4.792  9.329   1.00 14.78 ? 554 PRO A CB  1 
ATOM   67   C CG  . PRO A 1 16 ? -25.258 -5.520  10.597  1.00 15.26 ? 554 PRO A CG  1 
ATOM   68   C CD  . PRO A 1 16 ? -23.937 -6.185  10.386  1.00 15.15 ? 554 PRO A CD  1 
ATOM   69   N N   . PRO A 1 17 ? -24.831 -4.247  6.172   1.00 13.47 ? 555 PRO A N   1 
ATOM   70   C CA  . PRO A 1 17 ? -24.146 -3.579  5.047   1.00 12.91 ? 555 PRO A CA  1 
ATOM   71   C C   . PRO A 1 17 ? -23.178 -2.433  5.369   1.00 12.34 ? 555 PRO A C   1 
ATOM   72   O O   . PRO A 1 17 ? -22.086 -2.394  4.801   1.00 11.18 ? 555 PRO A O   1 
ATOM   73   C CB  . PRO A 1 17 ? -25.306 -3.088  4.181   1.00 13.32 ? 555 PRO A CB  1 
ATOM   74   C CG  . PRO A 1 17 ? -26.376 -4.082  4.454   1.00 13.65 ? 555 PRO A CG  1 
ATOM   75   C CD  . PRO A 1 17 ? -26.288 -4.288  5.939   1.00 13.58 ? 555 PRO A CD  1 
ATOM   76   N N   . GLN A 1 18 ? -23.548 -1.509  6.252   1.00 11.82 ? 556 GLN A N   1 
ATOM   77   C CA  . GLN A 1 18 ? -22.627 -0.421  6.595   1.00 11.72 ? 556 GLN A CA  1 
ATOM   78   C C   . GLN A 1 18 ? -21.408 -0.952  7.356   1.00 10.81 ? 556 GLN A C   1 
ATOM   79   O O   . GLN A 1 18 ? -20.291 -0.435  7.230   1.00 11.65 ? 556 GLN A O   1 
ATOM   80   C CB  . GLN A 1 18 ? -23.331 0.684   7.393   1.00 12.33 ? 556 GLN A CB  1 
ATOM   81   C CG  . GLN A 1 18 ? -22.646 2.049   7.316   1.00 15.63 ? 556 GLN A CG  1 
ATOM   82   C CD  . GLN A 1 18 ? -22.876 2.770   5.989   1.00 18.24 ? 556 GLN A CD  1 
ATOM   83   O OE1 . GLN A 1 18 ? -23.606 3.763   5.930   1.00 19.86 ? 556 GLN A OE1 1 
ATOM   84   N NE2 . GLN A 1 18 ? -22.249 2.277   4.923   1.00 19.49 ? 556 GLN A NE2 1 
ATOM   85   N N   . GLU A 1 19 ? -21.620 -2.006  8.134   1.00 9.10  ? 557 GLU A N   1 
ATOM   86   C CA  . GLU A 1 19 ? -20.522 -2.626  8.864   1.00 7.60  ? 557 GLU A CA  1 
ATOM   87   C C   . GLU A 1 19 ? -19.623 -3.476  7.963   1.00 6.71  ? 557 GLU A C   1 
ATOM   88   O O   . GLU A 1 19 ? -18.420 -3.599  8.210   1.00 6.51  ? 557 GLU A O   1 
ATOM   89   C CB  . GLU A 1 19 ? -21.057 -3.405  10.052  1.00 8.10  ? 557 GLU A CB  1 
ATOM   90   C CG  . GLU A 1 19 ? -21.578 -2.445  11.102  1.00 8.77  ? 557 GLU A CG  1 
ATOM   91   C CD  . GLU A 1 19 ? -22.300 -3.101  12.245  1.00 11.12 ? 557 GLU A CD  1 
ATOM   92   O OE1 . GLU A 1 19 ? -22.148 -4.319  12.458  1.00 12.19 ? 557 GLU A OE1 1 
ATOM   93   O OE2 . GLU A 1 19 ? -23.018 -2.369  12.951  1.00 12.21 ? 557 GLU A OE2 1 
ATOM   94   N N   . GLN A 1 20 ? -20.194 -4.040  6.901   1.00 5.67  ? 558 GLN A N   1 
ATOM   95   C CA  . GLN A 1 20 ? -19.390 -4.694  5.873   1.00 5.35  ? 558 GLN A CA  1 
ATOM   96   C C   . GLN A 1 20 ? -18.407 -3.709  5.262   1.00 4.92  ? 558 GLN A C   1 
ATOM   97   O O   . GLN A 1 20 ? -17.243 -4.043  5.019   1.00 4.43  ? 558 GLN A O   1 
ATOM   98   C CB  . GLN A 1 20 ? -20.277 -5.257  4.777   1.00 5.08  ? 558 GLN A CB  1 
ATOM   99   C CG  . GLN A 1 20 ? -21.094 -6.456  5.211   1.00 5.57  ? 558 GLN A CG  1 
ATOM   100  C CD  . GLN A 1 20 ? -22.009 -6.964  4.125   1.00 6.88  ? 558 GLN A CD  1 
ATOM   101  O OE1 . GLN A 1 20 ? -22.460 -6.206  3.256   1.00 7.76  ? 558 GLN A OE1 1 
ATOM   102  N NE2 . GLN A 1 20 ? -22.331 -8.250  4.190   1.00 6.71  ? 558 GLN A NE2 1 
ATOM   103  N N   . LYS A 1 21 ? -18.862 -2.490  5.006   1.00 4.60  ? 559 LYS A N   1 
ATOM   104  C CA  . LYS A 1 21 ? -17.968 -1.470  4.472   1.00 4.64  ? 559 LYS A CA  1 
ATOM   105  C C   . LYS A 1 21 ? -16.839 -1.146  5.453   1.00 4.60  ? 559 LYS A C   1 
ATOM   106  O O   . LYS A 1 21 ? -15.689 -1.008  5.053   1.00 4.83  ? 559 LYS A O   1 
ATOM   107  C CB  . LYS A 1 21 ? -18.744 -0.200  4.124   1.00 4.83  ? 559 LYS A CB  1 
ATOM   108  C CG  . LYS A 1 21 ? -19.751 -0.358  2.987   1.00 4.67  ? 559 LYS A CG  1 
ATOM   109  C CD  . LYS A 1 21 ? -19.117 -0.944  1.728   1.00 4.14  ? 559 LYS A CD  1 
ATOM   110  C CE  . LYS A 1 21 ? -20.062 -0.797  0.553   1.00 5.39  ? 559 LYS A CE  1 
ATOM   111  N NZ  . LYS A 1 21 ? -19.478 -1.320  -0.722  1.00 5.00  ? 559 LYS A NZ  1 
ATOM   112  N N   . GLN A 1 22 ? -17.143 -1.009  6.719   1.00 4.52  ? 560 GLN A N   1 
ATOM   113  C CA  . GLN A 1 22 ? -16.089 -0.819  7.724   1.00 5.00  ? 560 GLN A CA  1 
ATOM   114  C C   . GLN A 1 22 ? -15.100 -1.953  7.781   1.00 4.78  ? 560 GLN A C   1 
ATOM   115  O O   . GLN A 1 22 ? -13.957 -1.743  7.880   1.00 4.31  ? 560 GLN A O   1 
ATOM   116  C CB  . GLN A 1 22 ? -16.700 -0.490  9.116   1.00 5.38  ? 560 GLN A CB  1 
ATOM   117  C CG  . GLN A 1 22 ? -15.648 -0.008  10.121  1.00 6.57  ? 560 GLN A CG  1 
ATOM   118  C CD  . GLN A 1 22 ? -15.218 1.449   9.954   1.00 6.96  ? 560 GLN A CD  1 
ATOM   119  O OE1 . GLN A 1 22 ? -15.940 2.225   9.512   1.00 9.62  ? 560 GLN A OE1 1 
ATOM   120  N NE2 . GLN A 1 22 ? -14.038 1.763   10.385  1.00 6.15  ? 560 GLN A NE2 1 
ATOM   121  N N   . MET A 1 23 ? -15.621 -3.168  7.705   1.00 4.79  ? 561 MET A N   1 
ATOM   122  C CA  . MET A 1 23 ? -14.784 -4.357  7.752   1.00 5.45  ? 561 MET A CA  1 
ATOM   123  C C   . MET A 1 23 ? -13.797 -4.376  6.574   1.00 4.96  ? 561 MET A C   1 
ATOM   124  O O   . MET A 1 23 ? -12.598 -4.607  6.753   1.00 4.90  ? 561 MET A O   1 
ATOM   125  C CB  . MET A 1 23 ? -15.670 -5.594  7.712   1.00 6.32  ? 561 MET A CB  1 
ATOM   126  C CG  . MET A 1 23 ? -14.943 -6.847  8.102   1.00 7.41  ? 561 MET A CG  1 
ATOM   127  S SD  . MET A 1 23 ? -15.983 -8.307  7.986   1.00 8.07  ? 561 MET A SD  1 
ATOM   128  C CE  . MET A 1 23 ? -17.201 -7.912  9.230   1.00 7.05  ? 561 MET A CE  1 
ATOM   129  N N   . LEU A 1 24 ? -14.306 -4.126  5.372   1.00 4.41  ? 562 LEU A N   1 
ATOM   130  C CA  . LEU A 1 24 ? -13.462 -4.028  4.185   1.00 4.57  ? 562 LEU A CA  1 
ATOM   131  C C   . LEU A 1 24 ? -12.484 -2.871  4.315   1.00 4.46  ? 562 LEU A C   1 
ATOM   132  O O   . LEU A 1 24 ? -11.302 -3.010  3.998   1.00 4.62  ? 562 LEU A O   1 
ATOM   133  C CB  . LEU A 1 24 ? -14.329 -3.865  2.925   1.00 4.80  ? 562 LEU A CB  1 
ATOM   134  C CG  . LEU A 1 24 ? -15.033 -5.142  2.464   1.00 5.24  ? 562 LEU A CG  1 
ATOM   135  C CD1 . LEU A 1 24 ? -16.243 -4.791  1.611   1.00 6.33  ? 562 LEU A CD1 1 
ATOM   136  C CD2 . LEU A 1 24 ? -14.078 -6.025  1.681   1.00 7.77  ? 562 LEU A CD2 1 
ATOM   137  N N   . GLY A 1 25 ? -12.966 -1.728  4.787   1.00 4.35  ? 563 GLY A N   1 
ATOM   138  C CA  . GLY A 1 25 ? -12.112 -0.560  4.942   1.00 4.64  ? 563 GLY A CA  1 
ATOM   139  C C   . GLY A 1 25 ? -10.944 -0.803  5.880   1.00 4.45  ? 563 GLY A C   1 
ATOM   140  O O   . GLY A 1 25 ? -9.842  -0.318  5.639   1.00 4.86  ? 563 GLY A O   1 
ATOM   141  N N   . GLU A 1 26 ? -11.166 -1.546  6.958   1.00 4.52  ? 564 GLU A N   1 
ATOM   142  C CA  . GLU A 1 26 ? -10.085 -1.793  7.912   1.00 4.89  ? 564 GLU A CA  1 
ATOM   143  C C   . GLU A 1 26 ? -8.959  -2.611  7.289   1.00 5.11  ? 564 GLU A C   1 
ATOM   144  O O   . GLU A 1 26 ? -7.804  -2.467  7.677   1.00 5.81  ? 564 GLU A O   1 
ATOM   145  C CB  . GLU A 1 26 ? -10.594 -2.472  9.192   1.00 5.65  ? 564 GLU A CB  1 
ATOM   146  C CG  . GLU A 1 26 ? -11.597 -1.649  10.018  1.00 6.90  ? 564 GLU A CG  1 
ATOM   147  C CD  . GLU A 1 26 ? -10.987 -0.482  10.786  1.00 7.90  ? 564 GLU A CD  1 
ATOM   148  O OE1 . GLU A 1 26 ? -9.748  -0.310  10.810  1.00 8.95  ? 564 GLU A OE1 1 
ATOM   149  O OE2 . GLU A 1 26 ? -11.765 0.283   11.385  1.00 10.24 ? 564 GLU A OE2 1 
ATOM   150  N N   . ARG A 1 27 ? -9.297  -3.464  6.323   1.00 5.17  ? 565 ARG A N   1 
ATOM   151  C CA  . ARG A 1 27 ? -8.288  -4.265  5.627   1.00 6.23  ? 565 ARG A CA  1 
ATOM   152  C C   . ARG A 1 27 ? -7.638  -3.511  4.464   1.00 5.83  ? 565 ARG A C   1 
ATOM   153  O O   . ARG A 1 27 ? -6.436  -3.672  4.212   1.00 6.43  ? 565 ARG A O   1 
ATOM   154  C CB  . ARG A 1 27 ? -8.902  -5.569  5.106   1.00 6.59  ? 565 ARG A CB  1 
ATOM   155  C CG  . ARG A 1 27 ? -9.541  -6.462  6.168   1.00 10.40 ? 565 ARG A CG  1 
ATOM   156  C CD  . ARG A 1 27 ? -8.563  -6.871  7.239   1.00 14.84 ? 565 ARG A CD  1 
ATOM   157  N NE  . ARG A 1 27 ? -9.194  -7.766  8.211   1.00 16.84 ? 565 ARG A NE  1 
ATOM   158  C CZ  . ARG A 1 27 ? -8.964  -9.076  8.290   1.00 18.95 ? 565 ARG A CZ  1 
ATOM   159  N NH1 . ARG A 1 27 ? -8.116  -9.665  7.457   1.00 20.59 ? 565 ARG A NH1 1 
ATOM   160  N NH2 . ARG A 1 27 ? -9.580  -9.801  9.213   1.00 20.28 ? 565 ARG A NH2 1 
ATOM   161  N N   . LEU A 1 28 ? -8.417  -2.686  3.773   1.00 5.20  ? 566 LEU A N   1 
ATOM   162  C CA  . LEU A 1 28 ? -7.901  -1.892  2.650   1.00 5.61  ? 566 LEU A CA  1 
ATOM   163  C C   . LEU A 1 28 ? -7.042  -0.724  3.112   1.00 5.16  ? 566 LEU A C   1 
ATOM   164  O O   . LEU A 1 28 ? -6.037  -0.389  2.470   1.00 5.31  ? 566 LEU A O   1 
ATOM   165  C CB  . LEU A 1 28 ? -9.047  -1.344  1.805   1.00 6.29  ? 566 LEU A CB  1 
ATOM   166  C CG  . LEU A 1 28 ? -9.807  -2.353  0.943   1.00 6.58  ? 566 LEU A CG  1 
ATOM   167  C CD1 . LEU A 1 28 ? -11.172 -1.781  0.604   1.00 10.31 ? 566 LEU A CD1 1 
ATOM   168  C CD2 . LEU A 1 28 ? -9.025  -2.668  -0.312  1.00 10.01 ? 566 LEU A CD2 1 
ATOM   169  N N   . PHE A 1 29 ? -7.440  -0.090  4.212   1.00 4.72  ? 567 PHE A N   1 
ATOM   170  C CA  . PHE A 1 29 ? -6.801  1.138   4.646   1.00 4.99  ? 567 PHE A CA  1 
ATOM   171  C C   . PHE A 1 29 ? -5.277  1.047   4.809   1.00 5.34  ? 567 PHE A C   1 
ATOM   172  O O   . PHE A 1 29 ? -4.581  1.907   4.285   1.00 5.21  ? 567 PHE A O   1 
ATOM   173  C CB  . PHE A 1 29 ? -7.466  1.680   5.920   1.00 5.25  ? 567 PHE A CB  1 
ATOM   174  C CG  . PHE A 1 29 ? -6.839  2.946   6.429   1.00 4.15  ? 567 PHE A CG  1 
ATOM   175  C CD1 . PHE A 1 29 ? -7.216  4.175   5.892   1.00 5.27  ? 567 PHE A CD1 1 
ATOM   176  C CD2 . PHE A 1 29 ? -5.856  2.908   7.411   1.00 6.43  ? 567 PHE A CD2 1 
ATOM   177  C CE1 . PHE A 1 29 ? -6.630  5.372   6.350   1.00 5.42  ? 567 PHE A CE1 1 
ATOM   178  C CE2 . PHE A 1 29 ? -5.252  4.087   7.868   1.00 6.18  ? 567 PHE A CE2 1 
ATOM   179  C CZ  . PHE A 1 29 ? -5.644  5.328   7.333   1.00 6.37  ? 567 PHE A CZ  1 
ATOM   180  N N   . PRO A 1 30 ? -4.750  0.032   5.529   1.00 5.39  ? 568 PRO A N   1 
ATOM   181  C CA  . PRO A 1 30 ? -3.278  0.007   5.679   1.00 5.32  ? 568 PRO A CA  1 
ATOM   182  C C   . PRO A 1 30 ? -2.557  -0.070  4.337   1.00 4.83  ? 568 PRO A C   1 
ATOM   183  O O   . PRO A 1 30 ? -1.469  0.490   4.185   1.00 4.61  ? 568 PRO A O   1 
ATOM   184  C CB  . PRO A 1 30 ? -3.014  -1.245  6.526   1.00 5.58  ? 568 PRO A CB  1 
ATOM   185  C CG  . PRO A 1 30 ? -4.345  -1.563  7.181   1.00 8.23  ? 568 PRO A CG  1 
ATOM   186  C CD  . PRO A 1 30 ? -5.410  -1.063  6.266   1.00 5.44  ? 568 PRO A CD  1 
ATOM   187  N N   . LEU A 1 31 ? -3.165  -0.743  3.364   1.00 4.29  ? 569 LEU A N   1 
ATOM   188  C CA  . LEU A 1 31 ? -2.564  -0.872  2.033   1.00 3.98  ? 569 LEU A CA  1 
ATOM   189  C C   . LEU A 1 31 ? -2.641  0.440   1.268   1.00 3.93  ? 569 LEU A C   1 
ATOM   190  O O   . LEU A 1 31 ? -1.638  0.908   0.684   1.00 4.56  ? 569 LEU A O   1 
ATOM   191  C CB  . LEU A 1 31 ? -3.244  -1.994  1.241   1.00 3.94  ? 569 LEU A CB  1 
ATOM   192  C CG  . LEU A 1 31 ? -3.299  -3.348  1.948   1.00 3.21  ? 569 LEU A CG  1 
ATOM   193  C CD1 . LEU A 1 31 ? -4.077  -4.347  1.113   1.00 5.89  ? 569 LEU A CD1 1 
ATOM   194  C CD2 . LEU A 1 31 ? -1.885  -3.860  2.237   1.00 5.85  ? 569 LEU A CD2 1 
ATOM   195  N N   . ILE A 1 32 ? -3.816  1.061   1.281   1.00 4.21  ? 570 ILE A N   1 
ATOM   196  C CA  . ILE A 1 32 ? -4.002  2.328   0.582   1.00 4.40  ? 570 ILE A CA  1 
ATOM   197  C C   . ILE A 1 32 ? -3.169  3.429   1.238   1.00 4.66  ? 570 ILE A C   1 
ATOM   198  O O   . ILE A 1 32 ? -2.568  4.259   0.546   1.00 5.18  ? 570 ILE A O   1 
ATOM   199  C CB  . ILE A 1 32 ? -5.489  2.676   0.529   1.00 4.45  ? 570 ILE A CB  1 
ATOM   200  C CG1 . ILE A 1 32 ? -6.214  1.638   -0.331  1.00 4.69  ? 570 ILE A CG1 1 
ATOM   201  C CG2 . ILE A 1 32 ? -5.701  4.083   -0.033  1.00 5.87  ? 570 ILE A CG2 1 
ATOM   202  C CD1 . ILE A 1 32 ? -7.719  1.794   -0.354  1.00 5.42  ? 570 ILE A CD1 1 
ATOM   203  N N   . GLN A 1 33 ? -3.098  3.403   2.560   1.00 4.53  ? 571 GLN A N   1 
ATOM   204  C CA  . GLN A 1 33 ? -2.266  4.338   3.298   1.00 4.53  ? 571 GLN A CA  1 
ATOM   205  C C   . GLN A 1 33 ? -0.792  4.177   2.946   1.00 4.91  ? 571 GLN A C   1 
ATOM   206  O O   . GLN A 1 33 ? -0.069  5.167   2.862   1.00 5.94  ? 571 GLN A O   1 
ATOM   207  C CB  . GLN A 1 33 ? -2.481  4.162   4.798   1.00 4.58  ? 571 GLN A CB  1 
ATOM   208  C CG  . GLN A 1 33 ? -1.667  5.106   5.638   1.00 5.39  ? 571 GLN A CG  1 
ATOM   209  C CD  . GLN A 1 33 ? -1.771  4.785   7.087   1.00 5.09  ? 571 GLN A CD  1 
ATOM   210  O OE1 . GLN A 1 33 ? -1.547  3.648   7.506   1.00 7.35  ? 571 GLN A OE1 1 
ATOM   211  N NE2 . GLN A 1 33 ? -2.125  5.785   7.883   1.00 6.47  ? 571 GLN A NE2 1 
ATOM   212  N N   . ALA A 1 34 ? -0.339  2.940   2.741   1.00 4.54  ? 572 ALA A N   1 
ATOM   213  C CA  . ALA A 1 34 ? 1.052   2.716   2.375   1.00 4.74  ? 572 ALA A CA  1 
ATOM   214  C C   . ALA A 1 34 ? 1.333   3.374   1.028   1.00 4.49  ? 572 ALA A C   1 
ATOM   215  O O   . ALA A 1 34 ? 2.383   3.981   0.826   1.00 4.73  ? 572 ALA A O   1 
ATOM   216  C CB  . ALA A 1 34 ? 1.385   1.232   2.324   1.00 5.37  ? 572 ALA A CB  1 
ATOM   217  N N   . MET A 1 35 ? 0.381   3.239   0.104   1.00 4.34  ? 573 MET A N   1 
ATOM   218  C CA  . MET A 1 35 ? 0.513   3.806   -1.240  1.00 4.87  ? 573 MET A CA  1 
ATOM   219  C C   . MET A 1 35 ? 0.454   5.341   -1.259  1.00 4.29  ? 573 MET A C   1 
ATOM   220  O O   . MET A 1 35 ? 1.246   5.987   -1.948  1.00 4.84  ? 573 MET A O   1 
ATOM   221  C CB  . MET A 1 35 ? -0.585  3.210   -2.143  1.00 4.86  ? 573 MET A CB  1 
ATOM   222  C CG  . MET A 1 35 ? -0.594  1.676   -2.140  1.00 5.19  ? 573 MET A CG  1 
ATOM   223  S SD  . MET A 1 35 ? -2.172  0.883   -2.538  1.00 7.20  ? 573 MET A SD  1 
ATOM   224  C CE  . MET A 1 35 ? -2.104  1.046   -4.314  1.00 8.73  ? 573 MET A CE  1 
ATOM   225  N N   . HIS A 1 36 ? -0.490  5.906   -0.503  1.00 4.60  ? 574 HIS A N   1 
ATOM   226  C CA  . HIS A 1 36 ? -0.746  7.357   -0.482  1.00 4.95  ? 574 HIS A CA  1 
ATOM   227  C C   . HIS A 1 36 ? -1.082  7.817   0.923   1.00 5.14  ? 574 HIS A C   1 
ATOM   228  O O   . HIS A 1 36 ? -2.253  8.031   1.251   1.00 5.30  ? 574 HIS A O   1 
ATOM   229  C CB  . HIS A 1 36 ? -1.854  7.704   -1.470  1.00 5.29  ? 574 HIS A CB  1 
ATOM   230  C CG  . HIS A 1 36 ? -1.458  7.425   -2.875  1.00 6.22  ? 574 HIS A CG  1 
ATOM   231  N ND1 . HIS A 1 36 ? -1.779  6.260   -3.542  1.00 8.96  ? 574 HIS A ND1 1 
ATOM   232  C CD2 . HIS A 1 36 ? -0.669  8.134   -3.709  1.00 6.24  ? 574 HIS A CD2 1 
ATOM   233  C CE1 . HIS A 1 36 ? -1.227  6.291   -4.744  1.00 6.77  ? 574 HIS A CE1 1 
ATOM   234  N NE2 . HIS A 1 36 ? -0.562  7.421   -4.873  1.00 10.58 ? 574 HIS A NE2 1 
ATOM   235  N N   . PRO A 1 37 ? -0.051  7.964   1.773   1.00 5.23  ? 575 PRO A N   1 
ATOM   236  C CA  . PRO A 1 37 ? -0.289  8.338   3.163   1.00 5.31  ? 575 PRO A CA  1 
ATOM   237  C C   . PRO A 1 37 ? -1.161  9.583   3.329   1.00 4.72  ? 575 PRO A C   1 
ATOM   238  O O   . PRO A 1 37 ? -2.020  9.628   4.217   1.00 5.53  ? 575 PRO A O   1 
ATOM   239  C CB  . PRO A 1 37 ? 1.129   8.577   3.696   1.00 6.22  ? 575 PRO A CB  1 
ATOM   240  C CG  . PRO A 1 37 ? 1.998   7.710   2.853   1.00 6.13  ? 575 PRO A CG  1 
ATOM   241  C CD  . PRO A 1 37 ? 1.380   7.732   1.491   1.00 4.94  ? 575 PRO A CD  1 
ATOM   242  N N   . THR A 1 38 ? -0.962  10.593  2.494   1.00 4.75  ? 576 THR A N   1 
ATOM   243  C CA  . THR A 1 38 ? -1.659  11.861  2.736   1.00 5.48  ? 576 THR A CA  1 
ATOM   244  C C   . THR A 1 38 ? -3.110  11.833  2.280   1.00 5.49  ? 576 THR A C   1 
ATOM   245  O O   . THR A 1 38 ? -3.882  12.718  2.634   1.00 6.15  ? 576 THR A O   1 
ATOM   246  C CB  . THR A 1 38 ? -0.966  13.055  2.073   1.00 5.75  ? 576 THR A CB  1 
ATOM   247  O OG1 . THR A 1 38 ? -1.048  12.931  0.655   1.00 7.84  ? 576 THR A OG1 1 
ATOM   248  C CG2 . THR A 1 38 ? 0.479   13.109  2.482   1.00 7.41  ? 576 THR A CG2 1 
ATOM   249  N N   . LEU A 1 39 ? -3.473  10.830  1.483   1.00 5.45  ? 577 LEU A N   1 
ATOM   250  C CA  . LEU A 1 39 ? -4.816  10.738  0.901   1.00 5.48  ? 577 LEU A CA  1 
ATOM   251  C C   . LEU A 1 39 ? -5.588  9.521   1.394   1.00 5.66  ? 577 LEU A C   1 
ATOM   252  O O   . LEU A 1 39 ? -6.682  9.225   0.895   1.00 5.37  ? 577 LEU A O   1 
ATOM   253  C CB  . LEU A 1 39 ? -4.712  10.636  -0.624  1.00 6.00  ? 577 LEU A CB  1 
ATOM   254  C CG  . LEU A 1 39 ? -3.899  11.716  -1.334  1.00 7.76  ? 577 LEU A CG  1 
ATOM   255  C CD1 . LEU A 1 39 ? -3.788  11.403  -2.817  1.00 8.12  ? 577 LEU A CD1 1 
ATOM   256  C CD2 . LEU A 1 39 ? -4.525  13.075  -1.129  1.00 8.00  ? 577 LEU A CD2 1 
ATOM   257  N N   . ALA A 1 40 ? -5.036  8.835   2.384   1.00 5.96  ? 578 ALA A N   1 
ATOM   258  C CA  . ALA A 1 40 ? -5.431  7.475   2.717   1.00 6.57  ? 578 ALA A CA  1 
ATOM   259  C C   . ALA A 1 40 ? -6.926  7.316   3.001   1.00 6.08  ? 578 ALA A C   1 
ATOM   260  O O   . ALA A 1 40 ? -7.582  6.421   2.456   1.00 6.73  ? 578 ALA A O   1 
ATOM   261  C CB  . ALA A 1 40 ? -4.608  6.993   3.911   1.00 7.58  ? 578 ALA A CB  1 
ATOM   262  N N   . GLY A 1 41 ? -7.460  8.164   3.870   1.00 5.90  ? 579 GLY A N   1 
ATOM   263  C CA  . GLY A 1 41 ? -8.854  8.021   4.294   1.00 5.53  ? 579 GLY A CA  1 
ATOM   264  C C   . GLY A 1 41 ? -9.829  8.347   3.186   1.00 5.21  ? 579 GLY A C   1 
ATOM   265  O O   . GLY A 1 41 ? -10.860 7.680   3.034   1.00 5.25  ? 579 GLY A O   1 
ATOM   266  N N   . LYS A 1 42 ? -9.494  9.372   2.406   1.00 4.86  ? 580 LYS A N   1 
ATOM   267  C CA  . LYS A 1 42 ? -10.347 9.788   1.308   1.00 5.15  ? 580 LYS A CA  1 
ATOM   268  C C   . LYS A 1 42 ? -10.363 8.732   0.205   1.00 4.51  ? 580 LYS A C   1 
ATOM   269  O O   . LYS A 1 42 ? -11.424 8.370   -0.288  1.00 4.69  ? 580 LYS A O   1 
ATOM   270  C CB  . LYS A 1 42 ? -9.891  11.142  0.745   1.00 5.12  ? 580 LYS A CB  1 
ATOM   271  C CG  . LYS A 1 42 ? -10.925 11.818  -0.137  1.00 8.53  ? 580 LYS A CG  1 
ATOM   272  C CD  . LYS A 1 42 ? -12.181 12.142  0.666   1.00 11.53 ? 580 LYS A CD  1 
ATOM   273  C CE  . LYS A 1 42 ? -13.080 13.118  -0.045  1.00 13.63 ? 580 LYS A CE  1 
ATOM   274  N NZ  . LYS A 1 42 ? -14.262 13.425  0.784   1.00 15.03 ? 580 LYS A NZ  1 
ATOM   275  N N   . ILE A 1 43 ? -9.192  8.224   -0.176  1.00 4.08  ? 581 ILE A N   1 
ATOM   276  C CA  . ILE A 1 43 ? -9.141  7.219   -1.232  1.00 4.06  ? 581 ILE A CA  1 
ATOM   277  C C   . ILE A 1 43 ? -9.839  5.929   -0.791  1.00 4.04  ? 581 ILE A C   1 
ATOM   278  O O   . ILE A 1 43 ? -10.573 5.316   -1.578  1.00 4.36  ? 581 ILE A O   1 
ATOM   279  C CB  . ILE A 1 43 ? -7.686  6.926   -1.652  1.00 3.60  ? 581 ILE A CB  1 
ATOM   280  C CG1 . ILE A 1 43 ? -7.028  8.187   -2.248  1.00 4.94  ? 581 ILE A CG1 1 
ATOM   281  C CG2 . ILE A 1 43 ? -7.628  5.729   -2.631  1.00 4.54  ? 581 ILE A CG2 1 
ATOM   282  C CD1 . ILE A 1 43 ? -7.658  8.693   -3.525  1.00 5.03  ? 581 ILE A CD1 1 
ATOM   283  N N   . THR A 1 44 ? -9.633  5.529   0.463   1.00 4.48  ? 582 THR A N   1 
ATOM   284  C CA  . THR A 1 44 ? -10.331 4.364   0.992   1.00 4.55  ? 582 THR A CA  1 
ATOM   285  C C   . THR A 1 44 ? -11.838 4.580   0.920   1.00 4.33  ? 582 THR A C   1 
ATOM   286  O O   . THR A 1 44 ? -12.569 3.714   0.453   1.00 5.11  ? 582 THR A O   1 
ATOM   287  C CB  . THR A 1 44 ? -9.876  3.992   2.428   1.00 4.42  ? 582 THR A CB  1 
ATOM   288  O OG1 . THR A 1 44 ? -8.464  3.752   2.431   1.00 4.70  ? 582 THR A OG1 1 
ATOM   289  C CG2 . THR A 1 44 ? -10.588 2.734   2.919   1.00 5.14  ? 582 THR A CG2 1 
ATOM   290  N N   . GLY A 1 45 ? -12.306 5.746   1.353   1.00 4.17  ? 583 GLY A N   1 
ATOM   291  C CA  . GLY A 1 45 ? -13.733 6.044   1.272   1.00 4.21  ? 583 GLY A CA  1 
ATOM   292  C C   . GLY A 1 45 ? -14.288 5.985   -0.142  1.00 4.00  ? 583 GLY A C   1 
ATOM   293  O O   . GLY A 1 45 ? -15.408 5.505   -0.372  1.00 4.62  ? 583 GLY A O   1 
ATOM   294  N N   . MET A 1 46 ? -13.513 6.495   -1.096  1.00 4.39  ? 584 MET A N   1 
ATOM   295  C CA  . MET A 1 46 ? -13.915 6.439   -2.506  1.00 4.41  ? 584 MET A CA  1 
ATOM   296  C C   . MET A 1 46 ? -14.072 4.995   -2.969  1.00 4.17  ? 584 MET A C   1 
ATOM   297  O O   . MET A 1 46 ? -15.093 4.630   -3.567  1.00 4.53  ? 584 MET A O   1 
ATOM   298  C CB  . MET A 1 46 ? -12.905 7.168   -3.385  1.00 4.80  ? 584 MET A CB  1 
ATOM   299  C CG  . MET A 1 46 ? -12.906 8.682   -3.171  1.00 5.06  ? 584 MET A CG  1 
ATOM   300  S SD  . MET A 1 46 ? -11.601 9.517   -4.099  1.00 4.84  ? 584 MET A SD  1 
ATOM   301  C CE  . MET A 1 46 ? -12.109 9.260   -5.805  1.00 5.81  ? 584 MET A CE  1 
ATOM   302  N N   . LEU A 1 47 ? -13.077 4.163   -2.669  1.00 4.55  ? 585 LEU A N   1 
ATOM   303  C CA  . LEU A 1 47 ? -13.141 2.750   -3.063  1.00 4.78  ? 585 LEU A CA  1 
ATOM   304  C C   . LEU A 1 47 ? -14.266 1.996   -2.380  1.00 4.69  ? 585 LEU A C   1 
ATOM   305  O O   . LEU A 1 47 ? -14.861 1.114   -2.986  1.00 5.01  ? 585 LEU A O   1 
ATOM   306  C CB  . LEU A 1 47 ? -11.812 2.041   -2.828  1.00 5.64  ? 585 LEU A CB  1 
ATOM   307  C CG  . LEU A 1 47 ? -10.902 2.021   -4.056  1.00 6.83  ? 585 LEU A CG  1 
ATOM   308  C CD1 . LEU A 1 47 ? -10.525 3.412   -4.507  1.00 8.30  ? 585 LEU A CD1 1 
ATOM   309  C CD2 . LEU A 1 47 ? -9.634  1.221   -3.793  1.00 8.30  ? 585 LEU A CD2 1 
ATOM   310  N N   . LEU A 1 48 ? -14.565 2.349   -1.131  1.00 5.16  ? 586 LEU A N   1 
ATOM   311  C CA  . LEU A 1 48 ? -15.620 1.646   -0.397  1.00 4.94  ? 586 LEU A CA  1 
ATOM   312  C C   . LEU A 1 48 ? -17.010 1.792   -1.010  1.00 5.64  ? 586 LEU A C   1 
ATOM   313  O O   . LEU A 1 48 ? -17.911 1.020   -0.675  1.00 5.52  ? 586 LEU A O   1 
ATOM   314  C CB  . LEU A 1 48 ? -15.629 2.044   1.081   1.00 5.53  ? 586 LEU A CB  1 
ATOM   315  C CG  . LEU A 1 48 ? -14.486 1.470   1.923   1.00 5.82  ? 586 LEU A CG  1 
ATOM   316  C CD1 . LEU A 1 48 ? -14.527 2.071   3.319   1.00 6.44  ? 586 LEU A CD1 1 
ATOM   317  C CD2 . LEU A 1 48 ? -14.538 -0.064  1.990   1.00 7.36  ? 586 LEU A CD2 1 
ATOM   318  N N   . GLU A 1 49 ? -17.195 2.746   -1.917  1.00 5.56  ? 587 GLU A N   1 
ATOM   319  C CA  . GLU A 1 49 ? -18.468 2.852   -2.624  1.00 6.29  ? 587 GLU A CA  1 
ATOM   320  C C   . GLU A 1 49 ? -18.681 1.734   -3.643  1.00 6.23  ? 587 GLU A C   1 
ATOM   321  O O   . GLU A 1 49 ? -19.826 1.490   -4.037  1.00 6.94  ? 587 GLU A O   1 
ATOM   322  C CB  . GLU A 1 49 ? -18.606 4.222   -3.274  1.00 6.68  ? 587 GLU A CB  1 
ATOM   323  C CG  . GLU A 1 49 ? -18.558 5.344   -2.242  1.00 7.40  ? 587 GLU A CG  1 
ATOM   324  C CD  . GLU A 1 49 ? -19.151 6.644   -2.730  1.00 9.19  ? 587 GLU A CD  1 
ATOM   325  O OE1 . GLU A 1 49 ? -19.244 6.848   -3.955  1.00 11.86 ? 587 GLU A OE1 1 
ATOM   326  O OE2 . GLU A 1 49 ? -19.530 7.468   -1.873  1.00 10.23 ? 587 GLU A OE2 1 
ATOM   327  N N   . ILE A 1 50 ? -17.596 1.065   -4.056  1.00 7.12  ? 588 ILE A N   1 
ATOM   328  C CA  . ILE A 1 50 ? -17.632 -0.024  -5.050  1.00 8.19  ? 588 ILE A CA  1 
ATOM   329  C C   . ILE A 1 50 ? -18.301 -1.283  -4.459  1.00 7.18  ? 588 ILE A C   1 
ATOM   330  O O   . ILE A 1 50 ? -18.346 -1.455  -3.234  1.00 6.98  ? 588 ILE A O   1 
ATOM   331  C CB  . ILE A 1 50 ? -16.174 -0.348  -5.556  1.00 8.86  ? 588 ILE A CB  1 
ATOM   332  C CG1 . ILE A 1 50 ? -15.554 0.859   -6.289  1.00 9.96  ? 588 ILE A CG1 1 
ATOM   333  C CG2 . ILE A 1 50 ? -16.119 -1.598  -6.432  1.00 10.12 ? 588 ILE A CG2 1 
ATOM   334  C CD1 . ILE A 1 50 ? -14.032 0.769   -6.413  1.00 10.11 ? 588 ILE A CD1 1 
ATOM   335  N N   . ASP A 1 51 ? -18.802 -2.161  -5.331  1.00 6.22  ? 589 ASP A N   1 
ATOM   336  C CA  . ASP A 1 51 ? -19.371 -3.440  -4.912  1.00 6.11  ? 589 ASP A CA  1 
ATOM   337  C C   . ASP A 1 51 ? -18.408 -4.234  -4.025  1.00 5.05  ? 589 ASP A C   1 
ATOM   338  O O   . ASP A 1 51 ? -17.196 -4.302  -4.300  1.00 4.75  ? 589 ASP A O   1 
ATOM   339  C CB  . ASP A 1 51 ? -19.683 -4.303  -6.142  1.00 6.58  ? 589 ASP A CB  1 
ATOM   340  C CG  . ASP A 1 51 ? -20.846 -3.792  -6.956  1.00 11.70 ? 589 ASP A CG  1 
ATOM   341  O OD1 . ASP A 1 51 ? -21.641 -2.967  -6.455  1.00 13.93 ? 589 ASP A OD1 1 
ATOM   342  O OD2 . ASP A 1 51 ? -20.980 -4.250  -8.117  1.00 15.32 ? 589 ASP A OD2 1 
ATOM   343  N N   . ASN A 1 52 ? -18.945 -4.850  -2.975  1.00 4.75  ? 590 ASN A N   1 
ATOM   344  C CA  . ASN A 1 52 ? -18.130 -5.632  -2.050  1.00 5.12  ? 590 ASN A CA  1 
ATOM   345  C C   . ASN A 1 52 ? -17.378 -6.787  -2.717  1.00 5.14  ? 590 ASN A C   1 
ATOM   346  O O   . ASN A 1 52 ? -16.253 -7.095  -2.331  1.00 5.31  ? 590 ASN A O   1 
ATOM   347  C CB  . ASN A 1 52 ? -18.977 -6.170  -0.883  1.00 4.67  ? 590 ASN A CB  1 
ATOM   348  C CG  . ASN A 1 52 ? -19.453 -5.081  0.082   1.00 5.79  ? 590 ASN A CG  1 
ATOM   349  O OD1 . ASN A 1 52 ? -20.295 -5.335  0.946   1.00 8.36  ? 590 ASN A OD1 1 
ATOM   350  N ND2 . ASN A 1 52 ? -18.943 -3.884  -0.071  1.00 3.92  ? 590 ASN A ND2 1 
ATOM   351  N N   . SER A 1 53 ? -17.977 -7.420  -3.721  1.00 5.41  ? 591 SER A N   1 
ATOM   352  C CA  . SER A 1 53 ? -17.310 -8.530  -4.399  1.00 6.11  ? 591 SER A CA  1 
ATOM   353  C C   . SER A 1 53 ? -16.029 -8.038  -5.059  1.00 6.04  ? 591 SER A C   1 
ATOM   354  O O   . SER A 1 53 ? -14.987 -8.714  -5.018  1.00 5.87  ? 591 SER A O   1 
ATOM   355  C CB  . SER A 1 53 ? -18.223 -9.153  -5.456  1.00 6.74  ? 591 SER A CB  1 
ATOM   356  O OG  . SER A 1 53 ? -18.547 -8.202  -6.448  1.00 10.52 ? 591 SER A OG  1 
ATOM   357  N N   . GLU A 1 54 ? -16.104 -6.857  -5.664  1.00 6.08  ? 592 GLU A N   1 
ATOM   358  C CA  . GLU A 1 54 ? -14.925 -6.277  -6.300  1.00 7.74  ? 592 GLU A CA  1 
ATOM   359  C C   . GLU A 1 54 ? -13.889 -5.870  -5.260  1.00 6.69  ? 592 GLU A C   1 
ATOM   360  O O   . GLU A 1 54 ? -12.684 -6.033  -5.475  1.00 6.32  ? 592 GLU A O   1 
ATOM   361  C CB  . GLU A 1 54 ? -15.307 -5.095  -7.194  1.00 7.74  ? 592 GLU A CB  1 
ATOM   362  C CG  . GLU A 1 54 ? -14.214 -4.700  -8.202  1.00 11.94 ? 592 GLU A CG  1 
ATOM   363  C CD  . GLU A 1 54 ? -14.593 -3.500  -9.068  1.00 12.22 ? 592 GLU A CD  1 
ATOM   364  O OE1 . GLU A 1 54 ? -15.793 -3.337  -9.376  1.00 18.24 ? 592 GLU A OE1 1 
ATOM   365  O OE2 . GLU A 1 54 ? -13.680 -2.723  -9.443  1.00 18.96 ? 592 GLU A OE2 1 
ATOM   366  N N   . LEU A 1 55 ? -14.345 -5.359  -4.120  1.00 5.68  ? 593 LEU A N   1 
ATOM   367  C CA  . LEU A 1 55 ? -13.422 -5.000  -3.049  1.00 5.76  ? 593 LEU A CA  1 
ATOM   368  C C   . LEU A 1 55 ? -12.702 -6.217  -2.477  1.00 4.88  ? 593 LEU A C   1 
ATOM   369  O O   . LEU A 1 55 ? -11.501 -6.173  -2.226  1.00 4.77  ? 593 LEU A O   1 
ATOM   370  C CB  . LEU A 1 55 ? -14.146 -4.222  -1.954  1.00 5.46  ? 593 LEU A CB  1 
ATOM   371  C CG  . LEU A 1 55 ? -14.640 -2.847  -2.415  1.00 5.62  ? 593 LEU A CG  1 
ATOM   372  C CD1 . LEU A 1 55 ? -15.584 -2.223  -1.378  1.00 6.48  ? 593 LEU A CD1 1 
ATOM   373  C CD2 . LEU A 1 55 ? -13.453 -1.927  -2.712  1.00 8.58  ? 593 LEU A CD2 1 
ATOM   374  N N   . LEU A 1 56 ? -13.425 -7.312  -2.274  1.00 4.73  ? 594 LEU A N   1 
ATOM   375  C CA  . LEU A 1 56 ? -12.786 -8.556  -1.849  1.00 5.44  ? 594 LEU A CA  1 
ATOM   376  C C   . LEU A 1 56 ? -11.726 -8.980  -2.858  1.00 5.20  ? 594 LEU A C   1 
ATOM   377  O O   . LEU A 1 56 ? -10.622 -9.401  -2.478  1.00 5.52  ? 594 LEU A O   1 
ATOM   378  C CB  . LEU A 1 56 ? -13.819 -9.674  -1.711  1.00 5.86  ? 594 LEU A CB  1 
ATOM   379  C CG  . LEU A 1 56 ? -14.692 -9.629  -0.457  1.00 7.95  ? 594 LEU A CG  1 
ATOM   380  C CD1 . LEU A 1 56 ? -15.818 -10.649 -0.560  1.00 8.09  ? 594 LEU A CD1 1 
ATOM   381  C CD2 . LEU A 1 56 ? -13.861 -9.892  0.798   1.00 9.14  ? 594 LEU A CD2 1 
ATOM   382  N N   . HIS A 1 57 ? -12.048 -8.860  -4.145  1.00 4.68  ? 595 HIS A N   1 
ATOM   383  C CA  . HIS A 1 57 ? -11.100 -9.197  -5.195  1.00 5.12  ? 595 HIS A CA  1 
ATOM   384  C C   . HIS A 1 57 ? -9.843  -8.343  -5.085  1.00 5.10  ? 595 HIS A C   1 
ATOM   385  O O   . HIS A 1 57 ? -8.724  -8.844  -5.196  1.00 5.01  ? 595 HIS A O   1 
ATOM   386  C CB  . HIS A 1 57 ? -11.723 -9.014  -6.582  1.00 5.22  ? 595 HIS A CB  1 
ATOM   387  C CG  . HIS A 1 57 ? -10.740 -9.187  -7.688  1.00 5.79  ? 595 HIS A CG  1 
ATOM   388  N ND1 . HIS A 1 57 ? -10.196 -8.132  -8.387  1.00 8.33  ? 595 HIS A ND1 1 
ATOM   389  C CD2 . HIS A 1 57 ? -10.154 -10.304 -8.171  1.00 4.10  ? 595 HIS A CD2 1 
ATOM   390  C CE1 . HIS A 1 57 ? -9.333  -8.599  -9.274  1.00 5.37  ? 595 HIS A CE1 1 
ATOM   391  N NE2 . HIS A 1 57 ? -9.294  -9.914  -9.165  1.00 7.70  ? 595 HIS A NE2 1 
ATOM   392  N N   . MET A 1 58 ? -10.032 -7.047  -4.864  1.00 4.85  ? 596 MET A N   1 
ATOM   393  C CA  . MET A 1 58 ? -8.907  -6.123  -4.761  1.00 6.84  ? 596 MET A CA  1 
ATOM   394  C C   . MET A 1 58 ? -8.030  -6.429  -3.568  1.00 5.64  ? 596 MET A C   1 
ATOM   395  O O   . MET A 1 58 ? -6.814  -6.278  -3.642  1.00 5.40  ? 596 MET A O   1 
ATOM   396  C CB  . MET A 1 58 ? -9.412  -4.689  -4.692  1.00 6.60  ? 596 MET A CB  1 
ATOM   397  C CG  . MET A 1 58 ? -9.895  -4.174  -6.023  1.00 8.48  ? 596 MET A CG  1 
ATOM   398  S SD  . MET A 1 58 ? -10.704 -2.588  -5.815  1.00 14.54 ? 596 MET A SD  1 
ATOM   399  C CE  . MET A 1 58 ? -12.354 -2.907  -6.335  1.00 18.23 ? 596 MET A CE  1 
ATOM   400  N N   . LEU A 1 59 ? -8.631  -6.887  -2.477  1.00 5.09  ? 597 LEU A N   1 
ATOM   401  C CA  . LEU A 1 59 ? -7.849  -7.292  -1.307  1.00 5.94  ? 597 LEU A CA  1 
ATOM   402  C C   . LEU A 1 59 ? -6.933  -8.484  -1.570  1.00 7.12  ? 597 LEU A C   1 
ATOM   403  O O   . LEU A 1 59 ? -5.956  -8.687  -0.839  1.00 9.08  ? 597 LEU A O   1 
ATOM   404  C CB  . LEU A 1 59 ? -8.772  -7.606  -0.135  1.00 5.16  ? 597 LEU A CB  1 
ATOM   405  C CG  . LEU A 1 59 ? -9.219  -6.394  0.673   1.00 5.64  ? 597 LEU A CG  1 
ATOM   406  C CD1 . LEU A 1 59 ? -10.311 -6.830  1.599   1.00 6.53  ? 597 LEU A CD1 1 
ATOM   407  C CD2 . LEU A 1 59 ? -8.047  -5.782  1.469   1.00 7.20  ? 597 LEU A CD2 1 
ATOM   408  N N   . GLU A 1 60 ? -7.254  -9.283  -2.581  1.00 6.70  ? 598 GLU A N   1 
ATOM   409  C CA  . GLU A 1 60 ? -6.445  -10.454 -2.920  1.00 7.82  ? 598 GLU A CA  1 
ATOM   410  C C   . GLU A 1 60 ? -5.593  -10.251 -4.169  1.00 6.66  ? 598 GLU A C   1 
ATOM   411  O O   . GLU A 1 60 ? -4.769  -11.101 -4.511  1.00 7.58  ? 598 GLU A O   1 
ATOM   412  C CB  . GLU A 1 60 ? -7.309  -11.732 -3.013  1.00 8.82  ? 598 GLU A CB  1 
ATOM   413  C CG  . GLU A 1 60 ? -8.726  -11.574 -3.572  1.00 13.00 ? 598 GLU A CG  1 
ATOM   414  C CD  . GLU A 1 60 ? -8.932  -12.214 -4.942  1.00 15.48 ? 598 GLU A CD  1 
ATOM   415  O OE1 . GLU A 1 60 ? -8.316  -11.698 -5.918  1.00 14.18 ? 598 GLU A OE1 1 
ATOM   416  O OE2 . GLU A 1 60 ? -9.727  -13.208 -5.029  1.00 14.28 ? 598 GLU A OE2 1 
ATOM   417  N N   . SER A 1 61 ? -5.762  -9.108  -4.830  1.00 4.72  ? 599 SER A N   1 
ATOM   418  C CA  . SER A 1 61 ? -5.077  -8.815  -6.086  1.00 4.47  ? 599 SER A CA  1 
ATOM   419  C C   . SER A 1 61 ? -4.375  -7.453  -6.026  1.00 3.88  ? 599 SER A C   1 
ATOM   420  O O   . SER A 1 61 ? -5.000  -6.415  -6.312  1.00 4.04  ? 599 SER A O   1 
ATOM   421  C CB  . SER A 1 61 ? -6.090  -8.845  -7.239  1.00 4.65  ? 599 SER A CB  1 
ATOM   422  O OG  . SER A 1 61 ? -5.487  -8.411  -8.452  1.00 5.36  ? 599 SER A OG  1 
ATOM   423  N N   . PRO A 1 62 ? -3.090  -7.440  -5.636  1.00 3.19  ? 600 PRO A N   1 
ATOM   424  C CA  . PRO A 1 62 ? -2.360  -6.172  -5.543  1.00 3.29  ? 600 PRO A CA  1 
ATOM   425  C C   . PRO A 1 62 ? -2.390  -5.333  -6.818  1.00 3.60  ? 600 PRO A C   1 
ATOM   426  O O   . PRO A 1 62 ? -2.494  -4.112  -6.731  1.00 3.20  ? 600 PRO A O   1 
ATOM   427  C CB  . PRO A 1 62 ? -0.937  -6.614  -5.163  1.00 3.21  ? 600 PRO A CB  1 
ATOM   428  C CG  . PRO A 1 62 ? -1.155  -7.901  -4.397  1.00 3.80  ? 600 PRO A CG  1 
ATOM   429  C CD  . PRO A 1 62 ? -2.279  -8.576  -5.153  1.00 3.62  ? 600 PRO A CD  1 
ATOM   430  N N   . GLU A 1 63 ? -2.296  -5.958  -7.990  1.00 3.46  ? 601 GLU A N   1 
ATOM   431  C CA  . GLU A 1 63 ? -2.356  -5.182  -9.233  1.00 3.86  ? 601 GLU A CA  1 
ATOM   432  C C   . GLU A 1 63 ? -3.718  -4.540  -9.435  1.00 3.78  ? 601 GLU A C   1 
ATOM   433  O O   . GLU A 1 63 ? -3.803  -3.398  -9.898  1.00 3.82  ? 601 GLU A O   1 
ATOM   434  C CB  . GLU A 1 63 ? -1.984  -6.041  -10.446 1.00 4.05  ? 601 GLU A CB  1 
ATOM   435  C CG  . GLU A 1 63 ? -0.504  -6.417  -10.519 1.00 7.89  ? 601 GLU A CG  1 
ATOM   436  C CD  . GLU A 1 63 ? 0.369   -5.301  -11.052 1.00 12.54 ? 601 GLU A CD  1 
ATOM   437  O OE1 . GLU A 1 63 ? 1.575   -5.559  -11.246 1.00 15.91 ? 601 GLU A OE1 1 
ATOM   438  O OE2 . GLU A 1 63 ? -0.134  -4.179  -11.283 1.00 16.58 ? 601 GLU A OE2 1 
ATOM   439  N N   . SER A 1 64 ? -4.784  -5.259  -9.085  1.00 3.50  ? 602 SER A N   1 
ATOM   440  C CA  . SER A 1 64 ? -6.137  -4.675  -9.194  1.00 3.34  ? 602 SER A CA  1 
ATOM   441  C C   . SER A 1 64 ? -6.307  -3.504  -8.229  1.00 3.54  ? 602 SER A C   1 
ATOM   442  O O   . SER A 1 64 ? -6.860  -2.464  -8.579  1.00 4.10  ? 602 SER A O   1 
ATOM   443  C CB  . SER A 1 64 ? -7.210  -5.719  -8.909  1.00 3.56  ? 602 SER A CB  1 
ATOM   444  O OG  . SER A 1 64 ? -7.226  -6.720  -9.914  1.00 5.20  ? 602 SER A OG  1 
ATOM   445  N N   . LEU A 1 65 ? -5.827  -3.673  -7.002  1.00 3.08  ? 603 LEU A N   1 
ATOM   446  C CA  . LEU A 1 65 ? -5.915  -2.587  -6.038  1.00 3.85  ? 603 LEU A CA  1 
ATOM   447  C C   . LEU A 1 65 ? -5.108  -1.386  -6.518  1.00 3.96  ? 603 LEU A C   1 
ATOM   448  O O   . LEU A 1 65 ? -5.584  -0.251  -6.429  1.00 5.15  ? 603 LEU A O   1 
ATOM   449  C CB  . LEU A 1 65 ? -5.462  -3.042  -4.647  1.00 3.50  ? 603 LEU A CB  1 
ATOM   450  C CG  . LEU A 1 65 ? -5.574  -1.975  -3.545  1.00 3.70  ? 603 LEU A CG  1 
ATOM   451  C CD1 . LEU A 1 65 ? -7.013  -1.506  -3.306  1.00 3.77  ? 603 LEU A CD1 1 
ATOM   452  C CD2 . LEU A 1 65 ? -4.966  -2.480  -2.244  1.00 4.18  ? 603 LEU A CD2 1 
ATOM   453  N N   . ARG A 1 66 ? -3.901  -1.613  -7.018  1.00 3.90  ? 604 ARG A N   1 
ATOM   454  C CA  . ARG A 1 66 ? -3.068  -0.515  -7.492  1.00 4.78  ? 604 ARG A CA  1 
ATOM   455  C C   . ARG A 1 66 ? -3.730  0.249   -8.642  1.00 4.69  ? 604 ARG A C   1 
ATOM   456  O O   . ARG A 1 66 ? -3.720  1.482   -8.660  1.00 5.02  ? 604 ARG A O   1 
ATOM   457  C CB  . ARG A 1 66 ? -1.677  -1.041  -7.872  1.00 5.18  ? 604 ARG A CB  1 
ATOM   458  C CG  . ARG A 1 66 ? -0.807  -0.094  -8.690  1.00 9.39  ? 604 ARG A CG  1 
ATOM   459  C CD  . ARG A 1 66 ? 0.001   0.841   -7.830  1.00 13.22 ? 604 ARG A CD  1 
ATOM   460  N NE  . ARG A 1 66 ? 0.722   1.797   -8.672  1.00 16.04 ? 604 ARG A NE  1 
ATOM   461  C CZ  . ARG A 1 66 ? 1.966   1.630   -9.116  1.00 17.70 ? 604 ARG A CZ  1 
ATOM   462  N NH1 . ARG A 1 66 ? 2.662   0.548   -8.794  1.00 18.50 ? 604 ARG A NH1 1 
ATOM   463  N NH2 . ARG A 1 66 ? 2.522   2.556   -9.883  1.00 19.22 ? 604 ARG A NH2 1 
ATOM   464  N N   . SER A 1 67 ? -4.322  -0.471  -9.585  1.00 4.93  ? 605 SER A N   1 
ATOM   465  C CA  A SER A 1 67 ? -5.015  0.164   -10.698 0.50 5.17  ? 605 SER A CA  1 
ATOM   466  C CA  B SER A 1 67 ? -5.007  0.176   -10.695 0.50 5.28  ? 605 SER A CA  1 
ATOM   467  C C   . SER A 1 67 ? -6.152  1.058   -10.216 1.00 5.22  ? 605 SER A C   1 
ATOM   468  O O   . SER A 1 67 ? -6.314  2.189   -10.692 1.00 5.02  ? 605 SER A O   1 
ATOM   469  C CB  A SER A 1 67 ? -5.555  -0.899  -11.654 0.50 5.29  ? 605 SER A CB  1 
ATOM   470  C CB  B SER A 1 67 ? -5.515  -0.868  -11.684 0.50 5.43  ? 605 SER A CB  1 
ATOM   471  O OG  A SER A 1 67 ? -6.231  -0.301  -12.743 0.50 6.02  ? 605 SER A OG  1 
ATOM   472  O OG  B SER A 1 67 ? -4.429  -1.508  -12.325 0.50 6.81  ? 605 SER A OG  1 
ATOM   473  N N   . LYS A 1 68 ? -6.947  0.544   -9.278  1.00 4.64  ? 606 LYS A N   1 
ATOM   474  C CA  . LYS A 1 68 ? -8.100  1.275   -8.782  1.00 5.12  ? 606 LYS A CA  1 
ATOM   475  C C   . LYS A 1 68 ? -7.691  2.479   -7.947  1.00 5.23  ? 606 LYS A C   1 
ATOM   476  O O   . LYS A 1 68 ? -8.287  3.542   -8.076  1.00 4.92  ? 606 LYS A O   1 
ATOM   477  C CB  . LYS A 1 68 ? -9.036  0.350   -7.997  1.00 5.82  ? 606 LYS A CB  1 
ATOM   478  C CG  . LYS A 1 68 ? -10.450 0.907   -7.754  1.00 7.40  ? 606 LYS A CG  1 
ATOM   479  C CD  . LYS A 1 68 ? -11.165 1.414   -9.002  1.00 12.15 ? 606 LYS A CD  1 
ATOM   480  C CE  . LYS A 1 68 ? -11.493 0.323   -9.982  1.00 13.61 ? 606 LYS A CE  1 
ATOM   481  N NZ  . LYS A 1 68 ? -12.378 0.863   -11.064 1.00 15.68 ? 606 LYS A NZ  1 
ATOM   482  N N   . VAL A 1 69 ? -6.682  2.311   -7.097  1.00 4.68  ? 607 VAL A N   1 
ATOM   483  C CA  . VAL A 1 69 ? -6.145  3.402   -6.308  1.00 4.54  ? 607 VAL A CA  1 
ATOM   484  C C   . VAL A 1 69 ? -5.576  4.486   -7.228  1.00 4.63  ? 607 VAL A C   1 
ATOM   485  O O   . VAL A 1 69 ? -5.849  5.666   -7.008  1.00 4.65  ? 607 VAL A O   1 
ATOM   486  C CB  . VAL A 1 69 ? -5.098  2.887   -5.293  1.00 4.16  ? 607 VAL A CB  1 
ATOM   487  C CG1 . VAL A 1 69 ? -4.322  4.032   -4.659  1.00 5.39  ? 607 VAL A CG1 1 
ATOM   488  C CG2 . VAL A 1 69 ? -5.789  2.082   -4.208  1.00 4.01  ? 607 VAL A CG2 1 
ATOM   489  N N   . ASP A 1 70 ? -4.847  4.093   -8.275  1.00 4.85  ? 608 ASP A N   1 
ATOM   490  C CA  . ASP A 1 70 ? -4.319  5.075   -9.226  1.00 5.30  ? 608 ASP A CA  1 
ATOM   491  C C   . ASP A 1 70 ? -5.456  5.885   -9.848  1.00 5.29  ? 608 ASP A C   1 
ATOM   492  O O   . ASP A 1 70 ? -5.335  7.106   -10.014 1.00 5.12  ? 608 ASP A O   1 
ATOM   493  C CB  . ASP A 1 70 ? -3.494  4.398   -10.330 1.00 5.43  ? 608 ASP A CB  1 
ATOM   494  C CG  . ASP A 1 70 ? -2.121  3.949   -9.854  1.00 7.26  ? 608 ASP A CG  1 
ATOM   495  O OD1 . ASP A 1 70 ? -1.688  4.342   -8.746  1.00 9.23  ? 608 ASP A OD1 1 
ATOM   496  O OD2 . ASP A 1 70 ? -1.465  3.196   -10.595 1.00 9.84  ? 608 ASP A OD2 1 
ATOM   497  N N   . GLU A 1 71 ? -6.556  5.218   -10.199 1.00 5.36  ? 609 GLU A N   1 
ATOM   498  C CA  . GLU A 1 71 ? -7.721  5.918   -10.757 1.00 6.49  ? 609 GLU A CA  1 
ATOM   499  C C   . GLU A 1 71 ? -8.325  6.879   -9.734  1.00 5.27  ? 609 GLU A C   1 
ATOM   500  O O   . GLU A 1 71 ? -8.611  8.034   -10.051 1.00 5.17  ? 609 GLU A O   1 
ATOM   501  C CB  . GLU A 1 71 ? -8.785  4.934   -11.268 1.00 6.45  ? 609 GLU A CB  1 
ATOM   502  C CG  . GLU A 1 71 ? -8.397  4.155   -12.518 1.00 8.71  ? 609 GLU A CG  1 
ATOM   503  C CD  . GLU A 1 71 ? -9.422  3.115   -12.920 1.00 10.50 ? 609 GLU A CD  1 
ATOM   504  O OE1 . GLU A 1 71 ? -9.224  2.471   -13.977 1.00 14.07 ? 609 GLU A OE1 1 
ATOM   505  O OE2 . GLU A 1 71 ? -10.422 2.945   -12.187 1.00 14.68 ? 609 GLU A OE2 1 
ATOM   506  N N   . ALA A 1 72 ? -8.506  6.411   -8.505  1.00 4.37  ? 610 ALA A N   1 
ATOM   507  C CA  . ALA A 1 72 ? -9.057  7.251   -7.449  1.00 4.45  ? 610 ALA A CA  1 
ATOM   508  C C   . ALA A 1 72 ? -8.193  8.472   -7.183  1.00 4.59  ? 610 ALA A C   1 
ATOM   509  O O   . ALA A 1 72 ? -8.719  9.569   -7.010  1.00 4.85  ? 610 ALA A O   1 
ATOM   510  C CB  . ALA A 1 72 ? -9.240  6.435   -6.175  1.00 4.18  ? 610 ALA A CB  1 
ATOM   511  N N   . VAL A 1 73 ? -6.876  8.284   -7.152  1.00 4.75  ? 611 VAL A N   1 
ATOM   512  C CA  . VAL A 1 73 ? -5.960  9.400   -6.904  1.00 4.85  ? 611 VAL A CA  1 
ATOM   513  C C   . VAL A 1 73 ? -6.056  10.428  -8.038  1.00 4.83  ? 611 VAL A C   1 
ATOM   514  O O   . VAL A 1 73 ? -6.112  11.625  -7.779  1.00 4.75  ? 611 VAL A O   1 
ATOM   515  C CB  . VAL A 1 73 ? -4.511  8.916   -6.675  1.00 4.94  ? 611 VAL A CB  1 
ATOM   516  C CG1 . VAL A 1 73 ? -3.533  10.078  -6.667  1.00 6.31  ? 611 VAL A CG1 1 
ATOM   517  C CG2 . VAL A 1 73 ? -4.407  8.131   -5.363  1.00 5.58  ? 611 VAL A CG2 1 
ATOM   518  N N   . ALA A 1 74 ? -6.114  9.962   -9.280  1.00 4.55  ? 612 ALA A N   1 
ATOM   519  C CA  . ALA A 1 74 ? -6.241  10.871  -10.422 1.00 4.00  ? 612 ALA A CA  1 
ATOM   520  C C   . ALA A 1 74 ? -7.547  11.657  -10.331 1.00 4.16  ? 612 ALA A C   1 
ATOM   521  O O   . ALA A 1 74 ? -7.557  12.877  -10.550 1.00 3.95  ? 612 ALA A O   1 
ATOM   522  C CB  . ALA A 1 74 ? -6.168  10.099  -11.723 1.00 4.56  ? 612 ALA A CB  1 
ATOM   523  N N   . VAL A 1 75 ? -8.639  10.978  -9.989  1.00 3.61  ? 613 VAL A N   1 
ATOM   524  C CA  . VAL A 1 75 ? -9.947  11.614  -9.890  1.00 4.04  ? 613 VAL A CA  1 
ATOM   525  C C   . VAL A 1 75 ? -9.976  12.612  -8.738  1.00 3.70  ? 613 VAL A C   1 
ATOM   526  O O   . VAL A 1 75 ? -10.431 13.748  -8.898  1.00 3.91  ? 613 VAL A O   1 
ATOM   527  C CB  . VAL A 1 75 ? -11.072 10.552  -9.739  1.00 4.18  ? 613 VAL A CB  1 
ATOM   528  C CG1 . VAL A 1 75 ? -12.388 11.211  -9.319  1.00 5.10  ? 613 VAL A CG1 1 
ATOM   529  C CG2 . VAL A 1 75 ? -11.239 9.782   -11.050 1.00 4.72  ? 613 VAL A CG2 1 
ATOM   530  N N   . LEU A 1 76 ? -9.489  12.193  -7.576  1.00 3.83  ? 614 LEU A N   1 
ATOM   531  C CA  . LEU A 1 76 ? -9.463  13.073  -6.417  1.00 4.35  ? 614 LEU A CA  1 
ATOM   532  C C   . LEU A 1 76 ? -8.626  14.328  -6.668  1.00 4.67  ? 614 LEU A C   1 
ATOM   533  O O   . LEU A 1 76 ? -9.061  15.437  -6.365  1.00 4.90  ? 614 LEU A O   1 
ATOM   534  C CB  . LEU A 1 76 ? -8.974  12.327  -5.172  1.00 4.38  ? 614 LEU A CB  1 
ATOM   535  C CG  . LEU A 1 76 ? -8.924  13.143  -3.877  1.00 4.50  ? 614 LEU A CG  1 
ATOM   536  C CD1 . LEU A 1 76 ? -10.307 13.644  -3.474  1.00 4.12  ? 614 LEU A CD1 1 
ATOM   537  C CD2 . LEU A 1 76 ? -8.318  12.279  -2.785  1.00 6.45  ? 614 LEU A CD2 1 
ATOM   538  N N   . GLN A 1 77 ? -7.434  14.149  -7.221  1.00 4.89  ? 615 GLN A N   1 
ATOM   539  C CA  . GLN A 1 77 ? -6.535  15.283  -7.427  1.00 5.52  ? 615 GLN A CA  1 
ATOM   540  C C   . GLN A 1 77 ? -7.081  16.242  -8.487  1.00 5.18  ? 615 GLN A C   1 
ATOM   541  O O   . GLN A 1 77 ? -6.993  17.458  -8.330  1.00 4.86  ? 615 GLN A O   1 
ATOM   542  C CB  . GLN A 1 77 ? -5.113  14.792  -7.740  1.00 6.53  ? 615 GLN A CB  1 
ATOM   543  C CG  . GLN A 1 77 ? -4.427  14.147  -6.524  1.00 9.15  ? 615 GLN A CG  1 
ATOM   544  C CD  . GLN A 1 77 ? -3.005  13.674  -6.786  1.00 9.16  ? 615 GLN A CD  1 
ATOM   545  O OE1 . GLN A 1 77 ? -2.647  13.313  -7.906  1.00 12.77 ? 615 GLN A OE1 1 
ATOM   546  N NE2 . GLN A 1 77 ? -2.190  13.647  -5.732  1.00 13.18 ? 615 GLN A NE2 1 
ATOM   547  N N   . ALA A 1 78 ? -7.678  15.694  -9.543  1.00 4.80  ? 616 ALA A N   1 
ATOM   548  C CA  . ALA A 1 78 ? -8.279  16.523  -10.586 1.00 4.80  ? 616 ALA A CA  1 
ATOM   549  C C   . ALA A 1 78 ? -9.476  17.301  -10.037 1.00 4.81  ? 616 ALA A C   1 
ATOM   550  O O   . ALA A 1 78 ? -9.683  18.465  -10.385 1.00 4.94  ? 616 ALA A O   1 
ATOM   551  C CB  . ALA A 1 78 ? -8.685  15.660  -11.787 1.00 5.50  ? 616 ALA A CB  1 
ATOM   552  N N   . HIS A 1 79 ? -10.245 16.667  -9.153  1.00 4.69  ? 617 HIS A N   1 
ATOM   553  C CA  . HIS A 1 79 ? -11.381 17.321  -8.531  1.00 4.72  ? 617 HIS A CA  1 
ATOM   554  C C   . HIS A 1 79 ? -10.939 18.486  -7.657  1.00 4.85  ? 617 HIS A C   1 
ATOM   555  O O   . HIS A 1 79 ? -11.458 19.601  -7.776  1.00 4.88  ? 617 HIS A O   1 
ATOM   556  C CB  . HIS A 1 79 ? -12.199 16.325  -7.704  1.00 4.67  ? 617 HIS A CB  1 
ATOM   557  C CG  . HIS A 1 79 ? -13.307 16.975  -6.937  1.00 6.08  ? 617 HIS A CG  1 
ATOM   558  N ND1 . HIS A 1 79 ? -13.256 17.182  -5.573  1.00 9.37  ? 617 HIS A ND1 1 
ATOM   559  C CD2 . HIS A 1 79 ? -14.484 17.492  -7.354  1.00 6.20  ? 617 HIS A CD2 1 
ATOM   560  C CE1 . HIS A 1 79 ? -14.364 17.785  -5.182  1.00 9.27  ? 617 HIS A CE1 1 
ATOM   561  N NE2 . HIS A 1 79 ? -15.127 17.986  -6.243  1.00 10.20 ? 617 HIS A NE2 1 
ATOM   562  N N   . GLN A 1 80 ? -9.965  18.221  -6.796  1.00 4.74  ? 618 GLN A N   1 
ATOM   563  C CA  . GLN A 1 80 ? -9.460  19.233  -5.881  1.00 6.23  ? 618 GLN A CA  1 
ATOM   564  C C   . GLN A 1 80 ? -8.801  20.371  -6.649  1.00 5.71  ? 618 GLN A C   1 
ATOM   565  O O   . GLN A 1 80 ? -8.980  21.533  -6.308  1.00 5.25  ? 618 GLN A O   1 
ATOM   566  C CB  . GLN A 1 80 ? -8.470  18.622  -4.893  1.00 6.49  ? 618 GLN A CB  1 
ATOM   567  C CG  . GLN A 1 80 ? -9.099  17.667  -3.890  1.00 9.04  ? 618 GLN A CG  1 
ATOM   568  C CD  . GLN A 1 80 ? -8.072  16.994  -2.996  1.00 9.93  ? 618 GLN A CD  1 
ATOM   569  O OE1 . GLN A 1 80 ? -6.896  16.865  -3.360  1.00 16.53 ? 618 GLN A OE1 1 
ATOM   570  N NE2 . GLN A 1 80 ? -8.518  16.524  -1.836  1.00 14.41 ? 618 GLN A NE2 1 
ATOM   571  N N   . ALA A 1 81 ? -8.041  20.040  -7.690  1.00 5.52  ? 619 ALA A N   1 
ATOM   572  C CA  . ALA A 1 81 ? -7.337  21.069  -8.446  1.00 5.27  ? 619 ALA A CA  1 
ATOM   573  C C   . ALA A 1 81 ? -8.301  21.915  -9.263  1.00 5.22  ? 619 ALA A C   1 
ATOM   574  O O   . ALA A 1 81 ? -8.113  23.130  -9.387  1.00 4.95  ? 619 ALA A O   1 
ATOM   575  C CB  . ALA A 1 81 ? -6.275  20.445  -9.343  1.00 5.13  ? 619 ALA A CB  1 
ATOM   576  N N   . LYS A 1 82 ? -9.339  21.282  -9.809  1.00 5.10  ? 620 LYS A N   1 
ATOM   577  C CA  . LYS A 1 82 ? -10.365 22.007  -10.550 1.00 6.13  ? 620 LYS A CA  1 
ATOM   578  C C   . LYS A 1 82 ? -11.107 22.984  -9.635  1.00 5.89  ? 620 LYS A C   1 
ATOM   579  O O   . LYS A 1 82 ? -11.354 24.135  -10.011 1.00 5.23  ? 620 LYS A O   1 
ATOM   580  C CB  . LYS A 1 82 ? -11.312 21.028  -11.249 1.00 6.26  ? 620 LYS A CB  1 
ATOM   581  C CG  . LYS A 1 82 ? -12.654 21.579  -11.702 1.00 10.42 ? 620 LYS A CG  1 
ATOM   582  C CD  . LYS A 1 82 ? -13.704 21.211  -10.657 1.00 14.54 ? 620 LYS A CD  1 
ATOM   583  C CE  . LYS A 1 82 ? -15.056 20.940  -11.269 1.00 17.71 ? 620 LYS A CE  1 
ATOM   584  N NZ  . LYS A 1 82 ? -15.946 20.344  -10.238 1.00 18.91 ? 620 LYS A NZ  1 
ATOM   585  N N   . GLU A 1 83 ? -11.437 22.530  -8.428  1.00 5.78  ? 621 GLU A N   1 
ATOM   586  C CA  . GLU A 1 83 ? -12.147 23.378  -7.461  1.00 6.86  ? 621 GLU A CA  1 
ATOM   587  C C   . GLU A 1 83 ? -11.276 24.559  -7.051  1.00 6.48  ? 621 GLU A C   1 
ATOM   588  O O   . GLU A 1 83 ? -11.751 25.692  -7.012  1.00 6.07  ? 621 GLU A O   1 
ATOM   589  C CB  . GLU A 1 83 ? -12.616 22.581  -6.238  1.00 7.58  ? 621 GLU A CB  1 
ATOM   590  C CG  . GLU A 1 83 ? -13.794 21.648  -6.498  1.00 11.35 ? 621 GLU A CG  1 
ATOM   591  C CD  . GLU A 1 83 ? -15.089 22.382  -6.815  1.00 15.51 ? 621 GLU A CD  1 
ATOM   592  O OE1 . GLU A 1 83 ? -15.759 21.994  -7.800  1.00 19.18 ? 621 GLU A OE1 1 
ATOM   593  O OE2 . GLU A 1 83 ? -15.440 23.337  -6.088  1.00 17.95 ? 621 GLU A OE2 1 
ATOM   594  N N   . ALA A 1 84 ? -9.995  24.303  -6.789  1.00 5.75  ? 622 ALA A N   1 
ATOM   595  C CA  . ALA A 1 84 ? -9.047  25.370  -6.473  1.00 5.89  ? 622 ALA A CA  1 
ATOM   596  C C   . ALA A 1 84 ? -8.930  26.380  -7.619  1.00 5.94  ? 622 ALA A C   1 
ATOM   597  O O   . ALA A 1 84 ? -8.969  27.585  -7.390  1.00 5.80  ? 622 ALA A O   1 
ATOM   598  C CB  . ALA A 1 84 ? -7.688  24.792  -6.125  1.00 5.71  ? 622 ALA A CB  1 
ATOM   599  N N   . ALA A 1 85 ? -8.799  25.879  -8.845  1.00 6.42  ? 623 ALA A N   1 
ATOM   600  C CA  . ALA A 1 85 ? -8.688  26.732  -10.029 1.00 6.51  ? 623 ALA A CA  1 
ATOM   601  C C   . ALA A 1 85 ? -9.921  27.619  -10.229 1.00 6.97  ? 623 ALA A C   1 
ATOM   602  O O   . ALA A 1 85 ? -9.794  28.788  -10.587 1.00 6.91  ? 623 ALA A O   1 
ATOM   603  C CB  . ALA A 1 85 ? -8.430  25.882  -11.272 1.00 6.28  ? 623 ALA A CB  1 
ATOM   604  N N   . GLN A 1 86 ? -11.106 27.066  -9.980  1.00 7.15  ? 624 GLN A N   1 
ATOM   605  C CA  . GLN A 1 86 ? -12.367 27.807  -10.121 1.00 8.59  ? 624 GLN A CA  1 
ATOM   606  C C   . GLN A 1 86 ? -12.501 28.910  -9.077  1.00 7.78  ? 624 GLN A C   1 
ATOM   607  O O   . GLN A 1 86 ? -13.138 29.930  -9.329  1.00 7.98  ? 624 GLN A O   1 
ATOM   608  C CB  . GLN A 1 86 ? -13.568 26.862  -10.002 1.00 8.56  ? 624 GLN A CB  1 
ATOM   609  C CG  . GLN A 1 86 ? -13.839 25.997  -11.228 1.00 11.49 ? 624 GLN A CG  1 
ATOM   610  C CD  . GLN A 1 86 ? -15.012 25.049  -11.034 1.00 11.72 ? 624 GLN A CD  1 
ATOM   611  O OE1 . GLN A 1 86 ? -15.676 25.058  -9.995  1.00 16.41 ? 624 GLN A OE1 1 
ATOM   612  N NE2 . GLN A 1 86 ? -15.263 24.211  -12.034 1.00 15.64 ? 624 GLN A NE2 1 
ATOM   613  N N   . LYS A 1 87 ? -11.913 28.689  -7.904  1.00 7.50  ? 625 LYS A N   1 
ATOM   614  C CA  . LYS A 1 87 ? -12.024 29.634  -6.791  1.00 7.86  ? 625 LYS A CA  1 
ATOM   615  C C   . LYS A 1 87 ? -10.849 30.598  -6.699  1.00 8.17  ? 625 LYS A C   1 
ATOM   616  O O   . LYS A 1 87 ? -10.959 31.634  -6.062  1.00 7.67  ? 625 LYS A O   1 
ATOM   617  C CB  . LYS A 1 87 ? -12.147 28.876  -5.471  1.00 8.10  ? 625 LYS A CB  1 
ATOM   618  C CG  . LYS A 1 87 ? -13.464 28.152  -5.268  1.00 9.70  ? 625 LYS A CG  1 
ATOM   619  C CD  . LYS A 1 87 ? -13.339 27.117  -4.158  1.00 13.89 ? 625 LYS A CD  1 
ATOM   620  C CE  . LYS A 1 87 ? -14.674 26.833  -3.496  1.00 16.24 ? 625 LYS A CE  1 
ATOM   621  N NZ  . LYS A 1 87 ? -15.062 27.922  -2.558  1.00 18.36 ? 625 LYS A NZ  1 
ATOM   622  N N   . ALA A 1 88 ? -9.728  30.253  -7.329  1.00 9.01  ? 626 ALA A N   1 
ATOM   623  C CA  . ALA A 1 88 ? -8.507  31.056  -7.243  1.00 9.94  ? 626 ALA A CA  1 
ATOM   624  C C   . ALA A 1 88 ? -8.712  32.439  -7.835  1.00 10.36 ? 626 ALA A C   1 
ATOM   625  O O   . ALA A 1 88 ? -9.467  32.619  -8.791  1.00 11.25 ? 626 ALA A O   1 
ATOM   626  C CB  . ALA A 1 88 ? -7.355  30.349  -7.936  1.00 10.21 ? 626 ALA A CB  1 
ATOM   627  O OXT . ALA A 1 88 ? -8.136  33.415  -7.351  1.00 10.49 ? 626 ALA A OXT 1 
ATOM   628  N N   . ALA B 1 15 ? 15.849  -13.544 18.185  1.00 12.18 ? 553 ALA B N   1 
ATOM   629  C CA  . ALA B 1 15 ? 16.084  -14.007 16.789  1.00 11.89 ? 553 ALA B CA  1 
ATOM   630  C C   . ALA B 1 15 ? 17.490  -13.632 16.309  1.00 11.64 ? 553 ALA B C   1 
ATOM   631  O O   . ALA B 1 15 ? 17.960  -12.524 16.574  1.00 11.90 ? 553 ALA B O   1 
ATOM   632  C CB  . ALA B 1 15 ? 15.031  -13.422 15.854  1.00 12.13 ? 553 ALA B CB  1 
ATOM   633  N N   . PRO B 1 16 ? 18.167  -14.564 15.608  1.00 11.06 ? 554 PRO B N   1 
ATOM   634  C CA  . PRO B 1 16 ? 19.432  -14.274 14.927  1.00 10.30 ? 554 PRO B CA  1 
ATOM   635  C C   . PRO B 1 16 ? 19.243  -13.234 13.810  1.00 9.49  ? 554 PRO B C   1 
ATOM   636  O O   . PRO B 1 16 ? 18.123  -13.050 13.329  1.00 8.89  ? 554 PRO B O   1 
ATOM   637  C CB  . PRO B 1 16 ? 19.838  -15.631 14.342  1.00 10.52 ? 554 PRO B CB  1 
ATOM   638  C CG  . PRO B 1 16 ? 18.585  -16.416 14.266  1.00 11.61 ? 554 PRO B CG  1 
ATOM   639  C CD  . PRO B 1 16 ? 17.761  -15.969 15.431  1.00 11.15 ? 554 PRO B CD  1 
ATOM   640  N N   . PRO B 1 17 ? 20.328  -12.551 13.402  1.00 8.66  ? 555 PRO B N   1 
ATOM   641  C CA  . PRO B 1 17 ? 20.226  -11.436 12.456  1.00 8.51  ? 555 PRO B CA  1 
ATOM   642  C C   . PRO B 1 17 ? 19.357  -11.692 11.217  1.00 8.06  ? 555 PRO B C   1 
ATOM   643  O O   . PRO B 1 17 ? 18.489  -10.877 10.924  1.00 7.66  ? 555 PRO B O   1 
ATOM   644  C CB  . PRO B 1 17 ? 21.689  -11.178 12.084  1.00 8.27  ? 555 PRO B CB  1 
ATOM   645  C CG  . PRO B 1 17 ? 22.428  -11.539 13.324  1.00 9.35  ? 555 PRO B CG  1 
ATOM   646  C CD  . PRO B 1 17 ? 21.724  -12.771 13.825  1.00 8.97  ? 555 PRO B CD  1 
ATOM   647  N N   . GLN B 1 18 ? 19.558  -12.814 10.523  1.00 8.07  ? 556 GLN B N   1 
ATOM   648  C CA  . GLN B 1 18 ? 18.779  -13.126 9.315   1.00 8.75  ? 556 GLN B CA  1 
ATOM   649  C C   . GLN B 1 18 ? 17.300  -13.257 9.631   1.00 7.94  ? 556 GLN B C   1 
ATOM   650  O O   . GLN B 1 18 ? 16.452  -12.883 8.815   1.00 7.52  ? 556 GLN B O   1 
ATOM   651  C CB  . GLN B 1 18 ? 19.259  -14.426 8.652   1.00 8.71  ? 556 GLN B CB  1 
ATOM   652  C CG  . GLN B 1 18 ? 20.512  -14.306 7.781   1.00 10.59 ? 556 GLN B CG  1 
ATOM   653  C CD  . GLN B 1 18 ? 20.833  -15.603 7.040   1.00 10.65 ? 556 GLN B CD  1 
ATOM   654  O OE1 . GLN B 1 18 ? 19.999  -16.144 6.310   1.00 14.59 ? 556 GLN B OE1 1 
ATOM   655  N NE2 . GLN B 1 18 ? 22.044  -16.109 7.229   1.00 12.00 ? 556 GLN B NE2 1 
ATOM   656  N N   . GLU B 1 19 ? 16.999  -13.812 10.804  1.00 7.45  ? 557 GLU B N   1 
ATOM   657  C CA  . GLU B 1 19 ? 15.608  -14.007 11.217  1.00 7.16  ? 557 GLU B CA  1 
ATOM   658  C C   . GLU B 1 19 ? 14.950  -12.705 11.673  1.00 6.41  ? 557 GLU B C   1 
ATOM   659  O O   . GLU B 1 19 ? 13.751  -12.519 11.479  1.00 5.14  ? 557 GLU B O   1 
ATOM   660  C CB  . GLU B 1 19 ? 15.509  -15.102 12.274  1.00 8.40  ? 557 GLU B CB  1 
ATOM   661  C CG  . GLU B 1 19 ? 15.756  -16.487 11.685  1.00 11.14 ? 557 GLU B CG  1 
ATOM   662  C CD  . GLU B 1 19 ? 15.854  -17.573 12.733  1.00 14.21 ? 557 GLU B CD  1 
ATOM   663  O OE1 . GLU B 1 19 ? 15.166  -17.480 13.771  1.00 15.43 ? 557 GLU B OE1 1 
ATOM   664  O OE2 . GLU B 1 19 ? 16.645  -18.520 12.526  1.00 16.10 ? 557 GLU B OE2 1 
ATOM   665  N N   . GLN B 1 20 ? 15.722  -11.802 12.273  1.00 5.76  ? 558 GLN B N   1 
ATOM   666  C CA  . GLN B 1 20 ? 15.221  -10.460 12.587  1.00 6.38  ? 558 GLN B CA  1 
ATOM   667  C C   . GLN B 1 20 ? 14.776  -9.777  11.298  1.00 5.49  ? 558 GLN B C   1 
ATOM   668  O O   . GLN B 1 20 ? 13.679  -9.197  11.226  1.00 5.55  ? 558 GLN B O   1 
ATOM   669  C CB  . GLN B 1 20 ? 16.308  -9.606  13.241  1.00 6.42  ? 558 GLN B CB  1 
ATOM   670  C CG  . GLN B 1 20 ? 16.834  -10.121 14.563  1.00 8.95  ? 558 GLN B CG  1 
ATOM   671  C CD  . GLN B 1 20 ? 17.839  -9.170  15.178  1.00 9.18  ? 558 GLN B CD  1 
ATOM   672  O OE1 . GLN B 1 20 ? 18.605  -8.511  14.468  1.00 13.11 ? 558 GLN B OE1 1 
ATOM   673  N NE2 . GLN B 1 20 ? 17.847  -9.098  16.506  1.00 13.10 ? 558 GLN B NE2 1 
ATOM   674  N N   . LYS B 1 21 ? 15.613  -9.872  10.269  1.00 5.54  ? 559 LYS B N   1 
ATOM   675  C CA  . LYS B 1 21 ? 15.279  -9.284  8.973   1.00 5.54  ? 559 LYS B CA  1 
ATOM   676  C C   . LYS B 1 21 ? 14.050  -9.960  8.365   1.00 5.38  ? 559 LYS B C   1 
ATOM   677  O O   . LYS B 1 21 ? 13.195  -9.302  7.774   1.00 5.79  ? 559 LYS B O   1 
ATOM   678  C CB  . LYS B 1 21 ? 16.460  -9.356  7.997   1.00 5.77  ? 559 LYS B CB  1 
ATOM   679  C CG  . LYS B 1 21 ? 17.714  -8.611  8.438   1.00 5.62  ? 559 LYS B CG  1 
ATOM   680  C CD  . LYS B 1 21 ? 17.449  -7.121  8.686   1.00 5.90  ? 559 LYS B CD  1 
ATOM   681  C CE  . LYS B 1 21 ? 18.752  -6.374  8.900   1.00 5.74  ? 559 LYS B CE  1 
ATOM   682  N NZ  . LYS B 1 21 ? 18.557  -4.894  8.970   1.00 6.84  ? 559 LYS B NZ  1 
ATOM   683  N N   . GLN B 1 22 ? 13.940  -11.261 8.507   1.00 5.10  ? 560 GLN B N   1 
ATOM   684  C CA  . GLN B 1 22 ? 12.761  -11.951 8.022   1.00 4.89  ? 560 GLN B CA  1 
ATOM   685  C C   . GLN B 1 22 ? 11.491  -11.503 8.722   1.00 5.08  ? 560 GLN B C   1 
ATOM   686  O O   . GLN B 1 22 ? 10.490  -11.286 8.095   1.00 5.00  ? 560 GLN B O   1 
ATOM   687  C CB  . GLN B 1 22 ? 12.948  -13.478 8.114   1.00 4.47  ? 560 GLN B CB  1 
ATOM   688  C CG  . GLN B 1 22 ? 11.840  -14.319 7.425   1.00 5.28  ? 560 GLN B CG  1 
ATOM   689  C CD  . GLN B 1 22 ? 11.841  -14.273 5.934   1.00 5.64  ? 560 GLN B CD  1 
ATOM   690  O OE1 . GLN B 1 22 ? 12.846  -14.168 5.310   1.00 6.54  ? 560 GLN B OE1 1 
ATOM   691  N NE2 . GLN B 1 22 ? 10.677  -14.404 5.396   1.00 6.23  ? 560 GLN B NE2 1 
ATOM   692  N N   . MET B 1 23 ? 11.581  -11.355 10.027  1.00 4.85  ? 561 MET B N   1 
ATOM   693  C CA  . MET B 1 23 ? 10.424  -10.867 10.783  1.00 6.44  ? 561 MET B CA  1 
ATOM   694  C C   . MET B 1 23 ? 9.993   -9.469  10.333  1.00 5.17  ? 561 MET B C   1 
ATOM   695  O O   . MET B 1 23 ? 8.799   -9.214  10.133  1.00 5.30  ? 561 MET B O   1 
ATOM   696  C CB  . MET B 1 23 ? 10.744  -10.829 12.267  1.00 6.20  ? 561 MET B CB  1 
ATOM   697  C CG  . MET B 1 23 ? 10.817  -12.184 12.939  1.00 7.53  ? 561 MET B CG  1 
ATOM   698  S SD  . MET B 1 23 ? 11.482  -12.061 14.615  1.00 12.90 ? 561 MET B SD  1 
ATOM   699  C CE  . MET B 1 23 ? 10.275  -10.961 15.338  1.00 14.31 ? 561 MET B CE  1 
ATOM   700  N N   . LEU B 1 24 ? 10.966  -8.570  10.177  1.00 4.70  ? 562 LEU B N   1 
ATOM   701  C CA  . LEU B 1 24 ? 10.683  -7.216  9.706   1.00 4.57  ? 562 LEU B CA  1 
ATOM   702  C C   . LEU B 1 24 ? 10.107  -7.243  8.295   1.00 4.73  ? 562 LEU B C   1 
ATOM   703  O O   . LEU B 1 24 ? 9.146   -6.537  7.991   1.00 5.44  ? 562 LEU B O   1 
ATOM   704  C CB  . LEU B 1 24 ? 11.949  -6.354  9.753   1.00 4.88  ? 562 LEU B CB  1 
ATOM   705  C CG  . LEU B 1 24 ? 12.374  -5.957  11.163  1.00 6.09  ? 562 LEU B CG  1 
ATOM   706  C CD1 . LEU B 1 24 ? 13.846  -5.614  11.191  1.00 6.34  ? 562 LEU B CD1 1 
ATOM   707  C CD2 . LEU B 1 24 ? 11.534  -4.787  11.647  1.00 7.02  ? 562 LEU B CD2 1 
ATOM   708  N N   . GLY B 1 25 ? 10.701  -8.070  7.446   1.00 4.96  ? 563 GLY B N   1 
ATOM   709  C CA  . GLY B 1 25 ? 10.265  -8.197  6.063   1.00 4.93  ? 563 GLY B CA  1 
ATOM   710  C C   . GLY B 1 25 ? 8.829   -8.683  5.958   1.00 5.07  ? 563 GLY B C   1 
ATOM   711  O O   . GLY B 1 25 ? 8.088   -8.230  5.089   1.00 6.05  ? 563 GLY B O   1 
ATOM   712  N N   . GLU B 1 26 ? 8.415   -9.601  6.834   1.00 4.93  ? 564 GLU B N   1 
ATOM   713  C CA  . GLU B 1 26 ? 7.036   -10.093 6.762   1.00 5.02  ? 564 GLU B CA  1 
ATOM   714  C C   . GLU B 1 26 ? 6.023   -8.976  6.970   1.00 5.45  ? 564 GLU B C   1 
ATOM   715  O O   . GLU B 1 26 ? 4.917   -9.018  6.425   1.00 6.32  ? 564 GLU B O   1 
ATOM   716  C CB  . GLU B 1 26 ? 6.763   -11.217 7.771   1.00 5.44  ? 564 GLU B CB  1 
ATOM   717  C CG  . GLU B 1 26 ? 7.564   -12.508 7.562   1.00 6.42  ? 564 GLU B CG  1 
ATOM   718  C CD  . GLU B 1 26 ? 7.187   -13.300 6.318   1.00 7.55  ? 564 GLU B CD  1 
ATOM   719  O OE1 . GLU B 1 26 ? 7.884   -14.299 6.064   1.00 7.41  ? 564 GLU B OE1 1 
ATOM   720  O OE2 . GLU B 1 26 ? 6.212   -12.943 5.620   1.00 8.93  ? 564 GLU B OE2 1 
ATOM   721  N N   . ARG B 1 27 ? 6.391   -7.994  7.788   1.00 5.89  ? 565 ARG B N   1 
ATOM   722  C CA  . ARG B 1 27 ? 5.498   -6.876  8.075   1.00 6.37  ? 565 ARG B CA  1 
ATOM   723  C C   . ARG B 1 27 ? 5.564   -5.788  7.006   1.00 6.42  ? 565 ARG B C   1 
ATOM   724  O O   . ARG B 1 27 ? 4.548   -5.175  6.657   1.00 7.36  ? 565 ARG B O   1 
ATOM   725  C CB  . ARG B 1 27 ? 5.818   -6.277  9.441   1.00 6.57  ? 565 ARG B CB  1 
ATOM   726  C CG  . ARG B 1 27 ? 5.299   -7.062  10.628  1.00 9.84  ? 565 ARG B CG  1 
ATOM   727  C CD  . ARG B 1 27 ? 5.941   -8.402  10.761  1.00 15.17 ? 565 ARG B CD  1 
ATOM   728  N NE  . ARG B 1 27 ? 5.364   -9.157  11.868  1.00 16.78 ? 565 ARG B NE  1 
ATOM   729  C CZ  . ARG B 1 27 ? 5.853   -10.312 12.306  1.00 17.70 ? 565 ARG B CZ  1 
ATOM   730  N NH1 . ARG B 1 27 ? 6.930   -10.843 11.729  1.00 14.73 ? 565 ARG B NH1 1 
ATOM   731  N NH2 . ARG B 1 27 ? 5.265   -10.933 13.323  1.00 19.05 ? 565 ARG B NH2 1 
ATOM   732  N N   . LEU B 1 28 ? 6.755   -5.570  6.469   1.00 5.77  ? 566 LEU B N   1 
ATOM   733  C CA  . LEU B 1 28 ? 6.952   -4.566  5.427   1.00 6.50  ? 566 LEU B CA  1 
ATOM   734  C C   . LEU B 1 28 ? 6.382   -5.002  4.091   1.00 6.34  ? 566 LEU B C   1 
ATOM   735  O O   . LEU B 1 28 ? 5.837   -4.180  3.343   1.00 5.81  ? 566 LEU B O   1 
ATOM   736  C CB  . LEU B 1 28 ? 8.436   -4.274  5.249   1.00 6.77  ? 566 LEU B CB  1 
ATOM   737  C CG  . LEU B 1 28 ? 9.101   -3.488  6.377   1.00 7.83  ? 566 LEU B CG  1 
ATOM   738  C CD1 . LEU B 1 28 ? 10.622  -3.662  6.298   1.00 11.28 ? 566 LEU B CD1 1 
ATOM   739  C CD2 . LEU B 1 28 ? 8.717   -2.020  6.307   1.00 9.44  ? 566 LEU B CD2 1 
ATOM   740  N N   . PHE B 1 29 ? 6.534   -6.285  3.779   1.00 6.25  ? 567 PHE B N   1 
ATOM   741  C CA  . PHE B 1 29 ? 6.248   -6.781  2.439   1.00 5.91  ? 567 PHE B CA  1 
ATOM   742  C C   . PHE B 1 29 ? 4.826   -6.480  1.935   1.00 5.84  ? 567 PHE B C   1 
ATOM   743  O O   . PHE B 1 29 ? 4.685   -6.013  0.810   1.00 6.13  ? 567 PHE B O   1 
ATOM   744  C CB  . PHE B 1 29 ? 6.588   -8.273  2.314   1.00 6.30  ? 567 PHE B CB  1 
ATOM   745  C CG  . PHE B 1 29 ? 6.279   -8.857  0.963   1.00 4.70  ? 567 PHE B CG  1 
ATOM   746  C CD1 . PHE B 1 29 ? 5.042   -9.461  0.716   1.00 5.58  ? 567 PHE B CD1 1 
ATOM   747  C CD2 . PHE B 1 29 ? 7.209   -8.775  -0.075  1.00 5.88  ? 567 PHE B CD2 1 
ATOM   748  C CE1 . PHE B 1 29 ? 4.747   -10.003 -0.538  1.00 6.93  ? 567 PHE B CE1 1 
ATOM   749  C CE2 . PHE B 1 29 ? 6.930   -9.327  -1.327  1.00 6.74  ? 567 PHE B CE2 1 
ATOM   750  C CZ  . PHE B 1 29 ? 5.692   -9.927  -1.557  1.00 6.80  ? 567 PHE B CZ  1 
ATOM   751  N N   . PRO B 1 30 ? 3.775   -6.766  2.733   1.00 5.73  ? 568 PRO B N   1 
ATOM   752  C CA  . PRO B 1 30 ? 2.441   -6.479  2.158   1.00 5.62  ? 568 PRO B CA  1 
ATOM   753  C C   . PRO B 1 30 ? 2.235   -4.996  1.842   1.00 5.37  ? 568 PRO B C   1 
ATOM   754  O O   . PRO B 1 30 ? 1.502   -4.656  0.911   1.00 5.39  ? 568 PRO B O   1 
ATOM   755  C CB  . PRO B 1 30 ? 1.458   -6.961  3.243   1.00 6.44  ? 568 PRO B CB  1 
ATOM   756  C CG  . PRO B 1 30 ? 2.266   -7.882  4.116   1.00 8.28  ? 568 PRO B CG  1 
ATOM   757  C CD  . PRO B 1 30 ? 3.676   -7.387  4.068   1.00 6.15  ? 568 PRO B CD  1 
ATOM   758  N N   . LEU B 1 31 ? 2.871   -4.117  2.611   1.00 4.90  ? 569 LEU B N   1 
ATOM   759  C CA  . LEU B 1 31 ? 2.774   -2.676  2.366   1.00 4.41  ? 569 LEU B CA  1 
ATOM   760  C C   . LEU B 1 31 ? 3.523   -2.276  1.094   1.00 4.70  ? 569 LEU B C   1 
ATOM   761  O O   . LEU B 1 31 ? 3.000   -1.557  0.259   1.00 4.93  ? 569 LEU B O   1 
ATOM   762  C CB  . LEU B 1 31 ? 3.298   -1.892  3.556   1.00 4.19  ? 569 LEU B CB  1 
ATOM   763  C CG  . LEU B 1 31 ? 2.665   -2.252  4.900   1.00 3.51  ? 569 LEU B CG  1 
ATOM   764  C CD1 . LEU B 1 31 ? 3.330   -1.459  6.016   1.00 6.46  ? 569 LEU B CD1 1 
ATOM   765  C CD2 . LEU B 1 31 ? 1.161   -1.992  4.888   1.00 4.77  ? 569 LEU B CD2 1 
ATOM   766  N N   . ILE B 1 32 ? 4.744   -2.780  0.942   1.00 4.82  ? 570 ILE B N   1 
ATOM   767  C CA  . ILE B 1 32 ? 5.552   -2.470  -0.228  1.00 5.00  ? 570 ILE B CA  1 
ATOM   768  C C   . ILE B 1 32 ? 4.932   -3.115  -1.485  1.00 4.62  ? 570 ILE B C   1 
ATOM   769  O O   . ILE B 1 32 ? 4.936   -2.517  -2.565  1.00 4.86  ? 570 ILE B O   1 
ATOM   770  C CB  . ILE B 1 32 ? 7.018   -2.886  0.008   1.00 4.73  ? 570 ILE B CB  1 
ATOM   771  C CG1 . ILE B 1 32 ? 7.607   -2.058  1.164   1.00 5.44  ? 570 ILE B CG1 1 
ATOM   772  C CG2 . ILE B 1 32 ? 7.836   -2.752  -1.275  1.00 6.43  ? 570 ILE B CG2 1 
ATOM   773  C CD1 . ILE B 1 32 ? 9.018   -2.509  1.600   1.00 5.89  ? 570 ILE B CD1 1 
ATOM   774  N N   . GLN B 1 33 ? 4.392   -4.323  -1.333  1.00 4.38  ? 571 GLN B N   1 
ATOM   775  C CA  . GLN B 1 33 ? 3.677   -4.987  -2.421  1.00 4.86  ? 571 GLN B CA  1 
ATOM   776  C C   . GLN B 1 33 ? 2.466   -4.173  -2.896  1.00 4.66  ? 571 GLN B C   1 
ATOM   777  O O   . GLN B 1 33 ? 2.167   -4.134  -4.092  1.00 5.14  ? 571 GLN B O   1 
ATOM   778  C CB  . GLN B 1 33 ? 3.228   -6.371  -1.981  1.00 4.43  ? 571 GLN B CB  1 
ATOM   779  C CG  . GLN B 1 33 ? 2.560   -7.203  -3.072  1.00 6.53  ? 571 GLN B CG  1 
ATOM   780  C CD  . GLN B 1 33 ? 2.028   -8.505  -2.531  1.00 6.61  ? 571 GLN B CD  1 
ATOM   781  O OE1 . GLN B 1 33 ? 1.167   -8.520  -1.645  1.00 9.05  ? 571 GLN B OE1 1 
ATOM   782  N NE2 . GLN B 1 33 ? 2.531   -9.611  -3.058  1.00 8.12  ? 571 GLN B NE2 1 
ATOM   783  N N   . ALA B 1 34 ? 1.775   -3.525  -1.962  1.00 4.88  ? 572 ALA B N   1 
ATOM   784  C CA  . ALA B 1 34 ? 0.640   -2.694  -2.331  1.00 4.56  ? 572 ALA B CA  1 
ATOM   785  C C   . ALA B 1 34 ? 1.106   -1.546  -3.222  1.00 4.29  ? 572 ALA B C   1 
ATOM   786  O O   . ALA B 1 34 ? 0.458   -1.190  -4.210  1.00 4.29  ? 572 ALA B O   1 
ATOM   787  C CB  . ALA B 1 34 ? -0.062  -2.151  -1.087  1.00 4.71  ? 572 ALA B CB  1 
ATOM   788  N N   . MET B 1 35 ? 2.251   -0.979  -2.856  1.00 4.84  ? 573 MET B N   1 
ATOM   789  C CA  . MET B 1 35 ? 2.835   0.159   -3.551  1.00 5.84  ? 573 MET B CA  1 
ATOM   790  C C   . MET B 1 35 ? 3.363   -0.240  -4.945  1.00 4.92  ? 573 MET B C   1 
ATOM   791  O O   . MET B 1 35 ? 3.163   0.477   -5.922  1.00 5.38  ? 573 MET B O   1 
ATOM   792  C CB  . MET B 1 35 ? 3.954   0.776   -2.681  1.00 5.84  ? 573 MET B CB  1 
ATOM   793  C CG  . MET B 1 35 ? 3.483   1.165   -1.272  1.00 6.01  ? 573 MET B CG  1 
ATOM   794  S SD  . MET B 1 35 ? 4.718   1.248   0.052   1.00 10.70 ? 573 MET B SD  1 
ATOM   795  C CE  . MET B 1 35 ? 5.373   2.850   -0.358  1.00 13.98 ? 573 MET B CE  1 
ATOM   796  N N   . HIS B 1 36 ? 4.036   -1.385  -5.017  1.00 5.25  ? 574 HIS B N   1 
ATOM   797  C CA  . HIS B 1 36 ? 4.732   -1.822  -6.241  1.00 5.40  ? 574 HIS B CA  1 
ATOM   798  C C   . HIS B 1 36 ? 4.640   -3.338  -6.348  1.00 5.87  ? 574 HIS B C   1 
ATOM   799  O O   . HIS B 1 36 ? 5.563   -4.046  -5.968  1.00 5.93  ? 574 HIS B O   1 
ATOM   800  C CB  . HIS B 1 36 ? 6.197   -1.356  -6.225  1.00 5.94  ? 574 HIS B CB  1 
ATOM   801  C CG  . HIS B 1 36 ? 6.331   0.129   -6.211  1.00 7.29  ? 574 HIS B CG  1 
ATOM   802  N ND1 . HIS B 1 36 ? 6.158   0.895   -7.344  1.00 8.58  ? 574 HIS B ND1 1 
ATOM   803  C CD2 . HIS B 1 36 ? 6.537   1.000   -5.196  1.00 8.14  ? 574 HIS B CD2 1 
ATOM   804  C CE1 . HIS B 1 36 ? 6.288   2.173   -7.033  1.00 10.19 ? 574 HIS B CE1 1 
ATOM   805  N NE2 . HIS B 1 36 ? 6.510   2.264   -5.735  1.00 9.64  ? 574 HIS B NE2 1 
ATOM   806  N N   . PRO B 1 37 ? 3.488   -3.842  -6.817  1.00 6.19  ? 575 PRO B N   1 
ATOM   807  C CA  . PRO B 1 37 ? 3.281   -5.285  -6.867  1.00 7.01  ? 575 PRO B CA  1 
ATOM   808  C C   . PRO B 1 37 ? 4.388   -6.088  -7.560  1.00 8.05  ? 575 PRO B C   1 
ATOM   809  O O   . PRO B 1 37 ? 4.747   -7.165  -7.084  1.00 9.71  ? 575 PRO B O   1 
ATOM   810  C CB  . PRO B 1 37 ? 1.951   -5.408  -7.613  1.00 6.68  ? 575 PRO B CB  1 
ATOM   811  C CG  . PRO B 1 37 ? 1.210   -4.156  -7.228  1.00 6.80  ? 575 PRO B CG  1 
ATOM   812  C CD  . PRO B 1 37 ? 2.288   -3.098  -7.248  1.00 6.23  ? 575 PRO B CD  1 
ATOM   813  N N   . THR B 1 38 ? 4.937   -5.563  -8.650  1.00 8.55  ? 576 THR B N   1 
ATOM   814  C CA  . THR B 1 38 ? 5.933   -6.317  -9.411  1.00 9.76  ? 576 THR B CA  1 
ATOM   815  C C   . THR B 1 38 ? 7.332   -6.287  -8.797  1.00 9.87  ? 576 THR B C   1 
ATOM   816  O O   . THR B 1 38 ? 8.129   -7.187  -9.057  1.00 11.29 ? 576 THR B O   1 
ATOM   817  C CB  . THR B 1 38 ? 6.000   -5.888  -10.899 1.00 10.17 ? 576 THR B CB  1 
ATOM   818  O OG1 . THR B 1 38 ? 6.526   -4.561  -11.018 1.00 12.60 ? 576 THR B OG1 1 
ATOM   819  C CG2 . THR B 1 38 ? 4.634   -5.936  -11.532 1.00 10.87 ? 576 THR B CG2 1 
ATOM   820  N N   . LEU B 1 39 ? 7.627   -5.268  -7.992  1.00 8.97  ? 577 LEU B N   1 
ATOM   821  C CA  . LEU B 1 39 ? 8.976   -5.062  -7.460  1.00 8.65  ? 577 LEU B CA  1 
ATOM   822  C C   . LEU B 1 39 ? 9.077   -5.350  -5.969  1.00 7.80  ? 577 LEU B C   1 
ATOM   823  O O   . LEU B 1 39 ? 10.121  -5.132  -5.356  1.00 7.63  ? 577 LEU B O   1 
ATOM   824  C CB  . LEU B 1 39 ? 9.427   -3.625  -7.734  1.00 9.27  ? 577 LEU B CB  1 
ATOM   825  C CG  . LEU B 1 39 ? 9.535   -3.180  -9.194  1.00 11.01 ? 577 LEU B CG  1 
ATOM   826  C CD1 . LEU B 1 39 ? 9.778   -1.671  -9.265  1.00 12.57 ? 577 LEU B CD1 1 
ATOM   827  C CD2 . LEU B 1 39 ? 10.632  -3.943  -9.900  1.00 12.27 ? 577 LEU B CD2 1 
ATOM   828  N N   . ALA B 1 40 ? 7.991   -5.852  -5.391  1.00 7.97  ? 578 ALA B N   1 
ATOM   829  C CA  . ALA B 1 40 ? 7.867   -5.973  -3.935  1.00 8.59  ? 578 ALA B CA  1 
ATOM   830  C C   . ALA B 1 40 ? 9.030   -6.709  -3.255  1.00 7.54  ? 578 ALA B C   1 
ATOM   831  O O   . ALA B 1 40 ? 9.598   -6.224  -2.272  1.00 7.01  ? 578 ALA B O   1 
ATOM   832  C CB  . ALA B 1 40 ? 6.556   -6.642  -3.591  1.00 9.87  ? 578 ALA B CB  1 
ATOM   833  N N   . GLY B 1 41 ? 9.381   -7.880  -3.782  1.00 7.23  ? 579 GLY B N   1 
ATOM   834  C CA  . GLY B 1 41 ? 10.426  -8.684  -3.165  1.00 6.68  ? 579 GLY B CA  1 
ATOM   835  C C   . GLY B 1 41 ? 11.765  -7.977  -3.202  1.00 6.03  ? 579 GLY B C   1 
ATOM   836  O O   . GLY B 1 41 ? 12.492  -7.959  -2.210  1.00 5.95  ? 579 GLY B O   1 
ATOM   837  N N   . LYS B 1 42 ? 12.080  -7.384  -4.349  1.00 6.03  ? 580 LYS B N   1 
ATOM   838  C CA  . LYS B 1 42 ? 13.352  -6.686  -4.526  1.00 5.91  ? 580 LYS B CA  1 
ATOM   839  C C   . LYS B 1 42 ? 13.428  -5.443  -3.653  1.00 5.67  ? 580 LYS B C   1 
ATOM   840  O O   . LYS B 1 42 ? 14.412  -5.236  -2.953  1.00 5.32  ? 580 LYS B O   1 
ATOM   841  C CB  . LYS B 1 42 ? 13.579  -6.320  -5.997  1.00 6.04  ? 580 LYS B CB  1 
ATOM   842  C CG  . LYS B 1 42 ? 14.979  -5.788  -6.306  1.00 7.96  ? 580 LYS B CG  1 
ATOM   843  C CD  . LYS B 1 42 ? 16.053  -6.838  -6.017  1.00 10.48 ? 580 LYS B CD  1 
ATOM   844  C CE  . LYS B 1 42 ? 17.392  -6.400  -6.548  1.00 11.11 ? 580 LYS B CE  1 
ATOM   845  N NZ  . LYS B 1 42 ? 18.410  -7.441  -6.309  1.00 11.52 ? 580 LYS B NZ  1 
ATOM   846  N N   . ILE B 1 43 ? 12.385  -4.616  -3.684  1.00 5.40  ? 581 ILE B N   1 
ATOM   847  C CA  A ILE B 1 43 ? 12.382  -3.389  -2.899  0.50 5.78  ? 581 ILE B CA  1 
ATOM   848  C CA  B ILE B 1 43 ? 12.371  -3.388  -2.888  0.50 5.84  ? 581 ILE B CA  1 
ATOM   849  C C   . ILE B 1 43 ? 12.440  -3.724  -1.403  1.00 5.68  ? 581 ILE B C   1 
ATOM   850  O O   . ILE B 1 43 ? 13.178  -3.093  -0.648  1.00 6.26  ? 581 ILE B O   1 
ATOM   851  C CB  A ILE B 1 43 ? 11.166  -2.487  -3.251  0.50 5.95  ? 581 ILE B CB  1 
ATOM   852  C CB  B ILE B 1 43 ? 11.118  -2.538  -3.151  0.50 6.05  ? 581 ILE B CB  1 
ATOM   853  C CG1 A ILE B 1 43 ? 11.226  -2.031  -4.722  0.50 6.17  ? 581 ILE B CG1 1 
ATOM   854  C CG1 B ILE B 1 43 ? 11.087  -2.047  -4.598  0.50 6.59  ? 581 ILE B CG1 1 
ATOM   855  C CG2 A ILE B 1 43 ? 11.080  -1.286  -2.306  0.50 6.08  ? 581 ILE B CG2 1 
ATOM   856  C CG2 B ILE B 1 43 ? 11.079  -1.340  -2.195  0.50 6.07  ? 581 ILE B CG2 1 
ATOM   857  C CD1 A ILE B 1 43 ? 12.457  -1.199  -5.110  0.50 6.86  ? 581 ILE B CD1 1 
ATOM   858  C CD1 B ILE B 1 43 ? 9.754   -1.477  -4.992  0.50 7.62  ? 581 ILE B CD1 1 
ATOM   859  N N   . THR B 1 44 ? 11.670  -4.728  -0.975  1.00 5.66  ? 582 THR B N   1 
ATOM   860  C CA  . THR B 1 44 ? 11.722  -5.116  0.435   1.00 5.91  ? 582 THR B CA  1 
ATOM   861  C C   . THR B 1 44 ? 13.132  -5.556  0.827   1.00 5.60  ? 582 THR B C   1 
ATOM   862  O O   . THR B 1 44 ? 13.638  -5.157  1.872   1.00 6.03  ? 582 THR B O   1 
ATOM   863  C CB  . THR B 1 44 ? 10.697  -6.210  0.779   1.00 5.76  ? 582 THR B CB  1 
ATOM   864  O OG1 . THR B 1 44 ? 9.377   -5.761  0.429   1.00 6.58  ? 582 THR B OG1 1 
ATOM   865  C CG2 . THR B 1 44 ? 10.728  -6.523  2.278   1.00 6.62  ? 582 THR B CG2 1 
ATOM   866  N N   . GLY B 1 45 ? 13.773  -6.353  -0.025  1.00 5.57  ? 583 GLY B N   1 
ATOM   867  C CA  . GLY B 1 45 ? 15.142  -6.798  0.216   1.00 5.92  ? 583 GLY B CA  1 
ATOM   868  C C   . GLY B 1 45 ? 16.120  -5.642  0.337   1.00 5.73  ? 583 GLY B C   1 
ATOM   869  O O   . GLY B 1 45 ? 17.011  -5.662  1.189   1.00 6.23  ? 583 GLY B O   1 
ATOM   870  N N   . MET B 1 46 ? 15.966  -4.633  -0.524  1.00 5.51  ? 584 MET B N   1 
ATOM   871  C CA  . MET B 1 46 ? 16.805  -3.439  -0.445  1.00 5.91  ? 584 MET B CA  1 
ATOM   872  C C   . MET B 1 46 ? 16.635  -2.735  0.889   1.00 5.71  ? 584 MET B C   1 
ATOM   873  O O   . MET B 1 46 ? 17.620  -2.422  1.567   1.00 5.86  ? 584 MET B O   1 
ATOM   874  C CB  . MET B 1 46 ? 16.495  -2.487  -1.595  1.00 5.48  ? 584 MET B CB  1 
ATOM   875  C CG  . MET B 1 46 ? 16.894  -3.037  -2.947  1.00 6.06  ? 584 MET B CG  1 
ATOM   876  S SD  . MET B 1 46 ? 16.355  -1.989  -4.310  1.00 6.01  ? 584 MET B SD  1 
ATOM   877  C CE  . MET B 1 46 ? 17.358  -0.522  -4.029  1.00 8.35  ? 584 MET B CE  1 
ATOM   878  N N   . LEU B 1 47 ? 15.380  -2.524  1.290   1.00 6.09  ? 585 LEU B N   1 
ATOM   879  C CA  . LEU B 1 47 ? 15.128  -1.839  2.554   1.00 6.60  ? 585 LEU B CA  1 
ATOM   880  C C   . LEU B 1 47 ? 15.622  -2.636  3.753   1.00 6.60  ? 585 LEU B C   1 
ATOM   881  O O   . LEU B 1 47 ? 16.071  -2.053  4.728   1.00 6.77  ? 585 LEU B O   1 
ATOM   882  C CB  . LEU B 1 47 ? 13.641  -1.488  2.722   1.00 7.11  ? 585 LEU B CB  1 
ATOM   883  C CG  . LEU B 1 47 ? 13.224  -0.114  2.202   1.00 7.96  ? 585 LEU B CG  1 
ATOM   884  C CD1 . LEU B 1 47 ? 13.476  0.050   0.716   1.00 9.90  ? 585 LEU B CD1 1 
ATOM   885  C CD2 . LEU B 1 47 ? 11.757  0.140   2.511   1.00 9.16  ? 585 LEU B CD2 1 
ATOM   886  N N   . LEU B 1 48 ? 15.574  -3.963  3.674   1.00 7.73  ? 586 LEU B N   1 
ATOM   887  C CA  . LEU B 1 48 ? 15.973  -4.797  4.806   1.00 8.26  ? 586 LEU B CA  1 
ATOM   888  C C   . LEU B 1 48 ? 17.444  -4.669  5.195   1.00 8.66  ? 586 LEU B C   1 
ATOM   889  O O   . LEU B 1 48 ? 17.822  -5.036  6.303   1.00 9.85  ? 586 LEU B O   1 
ATOM   890  C CB  . LEU B 1 48 ? 15.614  -6.263  4.572   1.00 8.52  ? 586 LEU B CB  1 
ATOM   891  C CG  . LEU B 1 48 ? 14.134  -6.590  4.755   1.00 8.42  ? 586 LEU B CG  1 
ATOM   892  C CD1 . LEU B 1 48 ? 13.927  -8.047  4.386   1.00 9.59  ? 586 LEU B CD1 1 
ATOM   893  C CD2 . LEU B 1 48 ? 13.666  -6.332  6.189   1.00 10.68 ? 586 LEU B CD2 1 
ATOM   894  N N   . GLU B 1 49 ? 18.270  -4.127  4.303   1.00 8.64  ? 587 GLU B N   1 
ATOM   895  C CA  . GLU B 1 49 ? 19.685  -3.907  4.640   1.00 9.76  ? 587 GLU B CA  1 
ATOM   896  C C   . GLU B 1 49 ? 19.902  -2.709  5.550   1.00 10.48 ? 587 GLU B C   1 
ATOM   897  O O   . GLU B 1 49 ? 20.982  -2.547  6.111   1.00 11.04 ? 587 GLU B O   1 
ATOM   898  C CB  . GLU B 1 49 ? 20.537  -3.787  3.382   1.00 9.66  ? 587 GLU B CB  1 
ATOM   899  C CG  . GLU B 1 49 ? 20.507  -5.051  2.522   1.00 10.61 ? 587 GLU B CG  1 
ATOM   900  C CD  . GLU B 1 49 ? 21.603  -5.099  1.479   1.00 10.79 ? 587 GLU B CD  1 
ATOM   901  O OE1 . GLU B 1 49 ? 22.190  -4.046  1.158   1.00 13.22 ? 587 GLU B OE1 1 
ATOM   902  O OE2 . GLU B 1 49 ? 21.882  -6.207  0.973   1.00 11.81 ? 587 GLU B OE2 1 
ATOM   903  N N   . ILE B 1 50 ? 18.888  -1.867  5.714   1.00 10.41 ? 588 ILE B N   1 
ATOM   904  C CA  . ILE B 1 50 ? 19.064  -0.717  6.592   1.00 11.74 ? 588 ILE B CA  1 
ATOM   905  C C   . ILE B 1 50 ? 18.880  -1.125  8.059   1.00 11.27 ? 588 ILE B C   1 
ATOM   906  O O   . ILE B 1 50 ? 18.392  -2.215  8.362   1.00 11.23 ? 588 ILE B O   1 
ATOM   907  C CB  . ILE B 1 50 ? 18.177  0.488   6.194   1.00 12.50 ? 588 ILE B CB  1 
ATOM   908  C CG1 . ILE B 1 50 ? 16.761  0.326   6.721   1.00 13.65 ? 588 ILE B CG1 1 
ATOM   909  C CG2 . ILE B 1 50 ? 18.210  0.730   4.681   1.00 13.65 ? 588 ILE B CG2 1 
ATOM   910  C CD1 . ILE B 1 50 ? 15.824  1.475   6.347   1.00 13.73 ? 588 ILE B CD1 1 
ATOM   911  N N   . ASP B 1 51 ? 19.296  -0.239  8.958   1.00 11.28 ? 589 ASP B N   1 
ATOM   912  C CA  . ASP B 1 51 ? 19.247  -0.466  10.398  1.00 11.97 ? 589 ASP B CA  1 
ATOM   913  C C   . ASP B 1 51 ? 17.849  -0.879  10.866  1.00 11.05 ? 589 ASP B C   1 
ATOM   914  O O   . ASP B 1 51 ? 16.845  -0.286  10.452  1.00 10.52 ? 589 ASP B O   1 
ATOM   915  C CB  . ASP B 1 51 ? 19.672  0.825   11.111  1.00 12.69 ? 589 ASP B CB  1 
ATOM   916  C CG  . ASP B 1 51 ? 20.107  0.603   12.555  1.00 16.15 ? 589 ASP B CG  1 
ATOM   917  O OD1 . ASP B 1 51 ? 21.285  0.888   12.858  1.00 20.33 ? 589 ASP B OD1 1 
ATOM   918  O OD2 . ASP B 1 51 ? 19.281  0.173   13.393  1.00 20.09 ? 589 ASP B OD2 1 
ATOM   919  N N   . ASN B 1 52 ? 17.788  -1.873  11.744  1.00 10.85 ? 590 ASN B N   1 
ATOM   920  C CA  . ASN B 1 52 ? 16.514  -2.353  12.279  1.00 10.58 ? 590 ASN B CA  1 
ATOM   921  C C   . ASN B 1 52 ? 15.692  -1.264  12.946  1.00 10.28 ? 590 ASN B C   1 
ATOM   922  O O   . ASN B 1 52 ? 14.468  -1.275  12.847  1.00 10.43 ? 590 ASN B O   1 
ATOM   923  C CB  . ASN B 1 52 ? 16.724  -3.515  13.253  1.00 10.78 ? 590 ASN B CB  1 
ATOM   924  C CG  . ASN B 1 52 ? 17.146  -4.790  12.556  1.00 12.21 ? 590 ASN B CG  1 
ATOM   925  O OD1 . ASN B 1 52 ? 17.094  -4.892  11.329  1.00 12.39 ? 590 ASN B OD1 1 
ATOM   926  N ND2 . ASN B 1 52 ? 17.577  -5.770  13.340  1.00 13.27 ? 590 ASN B ND2 1 
ATOM   927  N N   . SER B 1 53 ? 16.356  -0.339  13.637  1.00 10.77 ? 591 SER B N   1 
ATOM   928  C CA  . SER B 1 53 ? 15.646  0.782   14.259  1.00 10.90 ? 591 SER B CA  1 
ATOM   929  C C   . SER B 1 53 ? 14.862  1.591   13.227  1.00 10.41 ? 591 SER B C   1 
ATOM   930  O O   . SER B 1 53 ? 13.690  1.930   13.447  1.00 9.95  ? 591 SER B O   1 
ATOM   931  C CB  . SER B 1 53 ? 16.605  1.695   15.025  1.00 11.26 ? 591 SER B CB  1 
ATOM   932  O OG  . SER B 1 53 ? 17.617  2.223   14.171  1.00 14.53 ? 591 SER B OG  1 
ATOM   933  N N   . GLU B 1 54 ? 15.503  1.886   12.097  1.00 10.49 ? 592 GLU B N   1 
ATOM   934  C CA  . GLU B 1 54 ? 14.844  2.609   11.012  1.00 11.17 ? 592 GLU B CA  1 
ATOM   935  C C   . GLU B 1 54 ? 13.672  1.815   10.431  1.00 10.37 ? 592 GLU B C   1 
ATOM   936  O O   . GLU B 1 54 ? 12.613  2.381   10.141  1.00 10.01 ? 592 GLU B O   1 
ATOM   937  C CB  . GLU B 1 54 ? 15.837  2.962   9.906   1.00 11.24 ? 592 GLU B CB  1 
ATOM   938  C CG  . GLU B 1 54 ? 17.009  3.826   10.336  1.00 13.77 ? 592 GLU B CG  1 
ATOM   939  C CD  . GLU B 1 54 ? 17.869  4.255   9.163   1.00 14.07 ? 592 GLU B CD  1 
ATOM   940  O OE1 . GLU B 1 54 ? 17.303  4.552   8.085   1.00 17.26 ? 592 GLU B OE1 1 
ATOM   941  O OE2 . GLU B 1 54 ? 19.108  4.307   9.323   1.00 18.26 ? 592 GLU B OE2 1 
ATOM   942  N N   . LEU B 1 55 ? 13.850  0.505   10.270  1.00 9.18  ? 593 LEU B N   1 
ATOM   943  C CA  . LEU B 1 55 ? 12.789  -0.352  9.748   1.00 9.75  ? 593 LEU B CA  1 
ATOM   944  C C   . LEU B 1 55 ? 11.579  -0.394  10.680  1.00 9.24  ? 593 LEU B C   1 
ATOM   945  O O   . LEU B 1 55 ? 10.432  -0.311  10.212  1.00 9.18  ? 593 LEU B O   1 
ATOM   946  C CB  . LEU B 1 55 ? 13.322  -1.758  9.475   1.00 10.22 ? 593 LEU B CB  1 
ATOM   947  C CG  . LEU B 1 55 ? 14.362  -1.814  8.352   1.00 11.24 ? 593 LEU B CG  1 
ATOM   948  C CD1 . LEU B 1 55 ? 15.098  -3.134  8.350   1.00 12.21 ? 593 LEU B CD1 1 
ATOM   949  C CD2 . LEU B 1 55 ? 13.723  -1.558  6.989   1.00 11.87 ? 593 LEU B CD2 1 
ATOM   950  N N   . LEU B 1 56 ? 11.826  -0.499  11.985  1.00 9.62  ? 594 LEU B N   1 
ATOM   951  C CA  . LEU B 1 56 ? 10.739  -0.471  12.965  1.00 9.70  ? 594 LEU B CA  1 
ATOM   952  C C   . LEU B 1 56 ? 9.988   0.857   12.879  1.00 9.83  ? 594 LEU B C   1 
ATOM   953  O O   . LEU B 1 56 ? 8.758   0.890   12.925  1.00 10.54 ? 594 LEU B O   1 
ATOM   954  C CB  . LEU B 1 56 ? 11.273  -0.707  14.383  1.00 10.04 ? 594 LEU B CB  1 
ATOM   955  C CG  . LEU B 1 56 ? 11.678  -2.154  14.687  1.00 10.16 ? 594 LEU B CG  1 
ATOM   956  C CD1 . LEU B 1 56 ? 12.579  -2.214  15.923  1.00 11.76 ? 594 LEU B CD1 1 
ATOM   957  C CD2 . LEU B 1 56 ? 10.451  -3.054  14.833  1.00 11.57 ? 594 LEU B CD2 1 
ATOM   958  N N   . HIS B 1 57 ? 10.723  1.955   12.710  1.00 9.16  ? 595 HIS B N   1 
ATOM   959  C CA  . HIS B 1 57 ? 10.091  3.265   12.578  1.00 9.57  ? 595 HIS B CA  1 
ATOM   960  C C   . HIS B 1 57 ? 9.257   3.363   11.300  1.00 9.95  ? 595 HIS B C   1 
ATOM   961  O O   . HIS B 1 57 ? 8.157   3.917   11.297  1.00 9.84  ? 595 HIS B O   1 
ATOM   962  C CB  . HIS B 1 57 ? 11.139  4.368   12.609  1.00 9.24  ? 595 HIS B CB  1 
ATOM   963  C CG  . HIS B 1 57 ? 10.559  5.730   12.409  1.00 8.93  ? 595 HIS B CG  1 
ATOM   964  N ND1 . HIS B 1 57 ? 10.975  6.583   11.411  1.00 10.37 ? 595 HIS B ND1 1 
ATOM   965  C CD2 . HIS B 1 57 ? 9.556   6.367   13.057  1.00 8.48  ? 595 HIS B CD2 1 
ATOM   966  C CE1 . HIS B 1 57 ? 10.265  7.697   11.466  1.00 9.13  ? 595 HIS B CE1 1 
ATOM   967  N NE2 . HIS B 1 57 ? 9.395   7.588   12.454  1.00 9.71  ? 595 HIS B NE2 1 
ATOM   968  N N   . MET B 1 58 ? 9.768   2.805   10.210  1.00 10.56 ? 596 MET B N   1 
ATOM   969  C CA  . MET B 1 58 ? 9.033   2.818   8.953   1.00 11.97 ? 596 MET B CA  1 
ATOM   970  C C   . MET B 1 58 ? 7.708   2.070   9.069   1.00 10.79 ? 596 MET B C   1 
ATOM   971  O O   . MET B 1 58 ? 6.728   2.461   8.446   1.00 10.62 ? 596 MET B O   1 
ATOM   972  C CB  . MET B 1 58 ? 9.902   2.262   7.827   1.00 11.72 ? 596 MET B CB  1 
ATOM   973  C CG  . MET B 1 58 ? 10.998  3.249   7.402   1.00 13.82 ? 596 MET B CG  1 
ATOM   974  S SD  . MET B 1 58 ? 12.477  2.475   6.705   1.00 18.86 ? 596 MET B SD  1 
ATOM   975  C CE  . MET B 1 58 ? 11.747  1.454   5.456   1.00 19.41 ? 596 MET B CE  1 
ATOM   976  N N   . LEU B 1 59 ? 7.671   1.030   9.905   1.00 10.41 ? 597 LEU B N   1 
ATOM   977  C CA  . LEU B 1 59 ? 6.428   0.303   10.162  1.00 11.43 ? 597 LEU B CA  1 
ATOM   978  C C   . LEU B 1 59 ? 5.411   1.111   10.968  1.00 11.53 ? 597 LEU B C   1 
ATOM   979  O O   . LEU B 1 59 ? 4.246   0.721   11.057  1.00 12.77 ? 597 LEU B O   1 
ATOM   980  C CB  . LEU B 1 59 ? 6.705   -1.047  10.832  1.00 11.39 ? 597 LEU B CB  1 
ATOM   981  C CG  . LEU B 1 59 ? 7.286   -2.105  9.891   1.00 11.28 ? 597 LEU B CG  1 
ATOM   982  C CD1 . LEU B 1 59 ? 7.885   -3.278  10.672  1.00 13.47 ? 597 LEU B CD1 1 
ATOM   983  C CD2 . LEU B 1 59 ? 6.219   -2.582  8.905   1.00 11.78 ? 597 LEU B CD2 1 
ATOM   984  N N   . GLU B 1 60 ? 5.843   2.241   11.528  1.00 10.47 ? 598 GLU B N   1 
ATOM   985  C CA  . GLU B 1 60 ? 4.956   3.143   12.277  1.00 11.02 ? 598 GLU B CA  1 
ATOM   986  C C   . GLU B 1 60 ? 4.773   4.502   11.603  1.00 10.68 ? 598 GLU B C   1 
ATOM   987  O O   . GLU B 1 60 ? 4.051   5.366   12.116  1.00 11.96 ? 598 GLU B O   1 
ATOM   988  C CB  . GLU B 1 60 ? 5.498   3.370   13.693  1.00 11.72 ? 598 GLU B CB  1 
ATOM   989  C CG  . GLU B 1 60 ? 5.474   2.154   14.598  1.00 14.64 ? 598 GLU B CG  1 
ATOM   990  C CD  . GLU B 1 60 ? 5.546   2.526   16.069  1.00 17.83 ? 598 GLU B CD  1 
ATOM   991  O OE1 . GLU B 1 60 ? 6.080   3.611   16.396  1.00 19.61 ? 598 GLU B OE1 1 
ATOM   992  O OE2 . GLU B 1 60 ? 5.061   1.733   16.903  1.00 20.99 ? 598 GLU B OE2 1 
ATOM   993  N N   . SER B 1 61 ? 5.426   4.698   10.464  1.00 9.37  ? 599 SER B N   1 
ATOM   994  C CA  . SER B 1 61 ? 5.428   5.992   9.785   1.00 8.95  ? 599 SER B CA  1 
ATOM   995  C C   . SER B 1 61 ? 5.262   5.799   8.285   1.00 8.34  ? 599 SER B C   1 
ATOM   996  O O   . SER B 1 61 ? 6.248   5.648   7.554   1.00 8.16  ? 599 SER B O   1 
ATOM   997  C CB  . SER B 1 61 ? 6.719   6.759   10.077  1.00 9.02  ? 599 SER B CB  1 
ATOM   998  O OG  . SER B 1 61 ? 6.778   7.958   9.313   1.00 10.76 ? 599 SER B OG  1 
ATOM   999  N N   . PRO B 1 62 ? 4.004   5.759   7.818   1.00 8.24  ? 600 PRO B N   1 
ATOM   1000 C CA  . PRO B 1 62 ? 3.736   5.609   6.385   1.00 8.05  ? 600 PRO B CA  1 
ATOM   1001 C C   . PRO B 1 62 ? 4.509   6.592   5.504   1.00 8.08  ? 600 PRO B C   1 
ATOM   1002 O O   . PRO B 1 62 ? 4.952   6.227   4.428   1.00 8.07  ? 600 PRO B O   1 
ATOM   1003 C CB  . PRO B 1 62 ? 2.216   5.806   6.289   1.00 8.11  ? 600 PRO B CB  1 
ATOM   1004 C CG  . PRO B 1 62 ? 1.725   5.285   7.594   1.00 8.26  ? 600 PRO B CG  1 
ATOM   1005 C CD  . PRO B 1 62 ? 2.759   5.728   8.610   1.00 8.13  ? 600 PRO B CD  1 
ATOM   1006 N N   . GLU B 1 63 ? 4.689   7.827   5.955   1.00 7.80  ? 601 GLU B N   1 
ATOM   1007 C CA  . GLU B 1 63 ? 5.437   8.784   5.135   1.00 8.26  ? 601 GLU B CA  1 
ATOM   1008 C C   . GLU B 1 63 ? 6.895   8.383   4.992   1.00 8.51  ? 601 GLU B C   1 
ATOM   1009 O O   . GLU B 1 63 ? 7.475   8.535   3.918   1.00 8.96  ? 601 GLU B O   1 
ATOM   1010 C CB  . GLU B 1 63 ? 5.355   10.200  5.706   1.00 8.32  ? 601 GLU B CB  1 
ATOM   1011 C CG  . GLU B 1 63 ? 4.000   10.831  5.546   1.00 7.81  ? 601 GLU B CG  1 
ATOM   1012 C CD  . GLU B 1 63 ? 3.912   12.224  6.134   1.00 7.95  ? 601 GLU B CD  1 
ATOM   1013 O OE1 . GLU B 1 63 ? 2.788   12.731  6.222   1.00 6.95  ? 601 GLU B OE1 1 
ATOM   1014 O OE2 . GLU B 1 63 ? 4.957   12.828  6.469   1.00 8.59  ? 601 GLU B OE2 1 
ATOM   1015 N N   . SER B 1 64 ? 7.484   7.898   6.083   1.00 8.11  ? 602 SER B N   1 
ATOM   1016 C CA  . SER B 1 64 ? 8.870   7.449   6.073   1.00 8.74  ? 602 SER B CA  1 
ATOM   1017 C C   . SER B 1 64 ? 9.022   6.236   5.154   1.00 8.98  ? 602 SER B C   1 
ATOM   1018 O O   . SER B 1 64 ? 9.959   6.171   4.362   1.00 9.37  ? 602 SER B O   1 
ATOM   1019 C CB  . SER B 1 64 ? 9.332   7.121   7.486   1.00 8.71  ? 602 SER B CB  1 
ATOM   1020 O OG  . SER B 1 64 ? 9.315   8.281   8.303   1.00 11.57 ? 602 SER B OG  1 
ATOM   1021 N N   . LEU B 1 65 ? 8.096   5.287   5.241   1.00 8.69  ? 603 LEU B N   1 
ATOM   1022 C CA  . LEU B 1 65 ? 8.149   4.132   4.359   1.00 8.47  ? 603 LEU B CA  1 
ATOM   1023 C C   . LEU B 1 65 ? 7.998   4.550   2.890   1.00 9.14  ? 603 LEU B C   1 
ATOM   1024 O O   . LEU B 1 65 ? 8.746   4.072   2.031   1.00 9.70  ? 603 LEU B O   1 
ATOM   1025 C CB  . LEU B 1 65 ? 7.100   3.091   4.755   1.00 7.76  ? 603 LEU B CB  1 
ATOM   1026 C CG  . LEU B 1 65 ? 7.121   1.810   3.918   1.00 7.77  ? 603 LEU B CG  1 
ATOM   1027 C CD1 . LEU B 1 65 ? 8.458   1.074   3.974   1.00 7.69  ? 603 LEU B CD1 1 
ATOM   1028 C CD2 . LEU B 1 65 ? 5.997   0.895   4.359   1.00 7.79  ? 603 LEU B CD2 1 
ATOM   1029 N N   . ARG B 1 66 ? 7.038   5.427   2.606   1.00 9.56  ? 604 ARG B N   1 
ATOM   1030 C CA  . ARG B 1 66 ? 6.797   5.874   1.242   1.00 10.37 ? 604 ARG B CA  1 
ATOM   1031 C C   . ARG B 1 66 ? 8.041   6.557   0.660   1.00 10.54 ? 604 ARG B C   1 
ATOM   1032 O O   . ARG B 1 66 ? 8.423   6.294   -0.472  1.00 10.79 ? 604 ARG B O   1 
ATOM   1033 C CB  . ARG B 1 66 ? 5.543   6.767   1.196   1.00 10.64 ? 604 ARG B CB  1 
ATOM   1034 C CG  . ARG B 1 66 ? 5.323   7.565   -0.082  1.00 12.94 ? 604 ARG B CG  1 
ATOM   1035 C CD  . ARG B 1 66 ? 4.918   6.685   -1.254  1.00 15.09 ? 604 ARG B CD  1 
ATOM   1036 N NE  . ARG B 1 66 ? 5.008   7.435   -2.501  1.00 16.72 ? 604 ARG B NE  1 
ATOM   1037 C CZ  . ARG B 1 66 ? 4.032   8.175   -3.018  1.00 18.10 ? 604 ARG B CZ  1 
ATOM   1038 N NH1 . ARG B 1 66 ? 4.235   8.825   -4.157  1.00 20.33 ? 604 ARG B NH1 1 
ATOM   1039 N NH2 . ARG B 1 66 ? 2.854   8.264   -2.411  1.00 16.31 ? 604 ARG B NH2 1 
ATOM   1040 N N   . SER B 1 67 ? 8.677   7.413   1.451   1.00 10.18 ? 605 SER B N   1 
ATOM   1041 C CA  . SER B 1 67 ? 9.876   8.101   0.994   1.00 11.11 ? 605 SER B CA  1 
ATOM   1042 C C   . SER B 1 67 ? 11.002  7.121   0.677   1.00 10.81 ? 605 SER B C   1 
ATOM   1043 O O   . SER B 1 67 ? 11.662  7.249   -0.353  1.00 10.26 ? 605 SER B O   1 
ATOM   1044 C CB  . SER B 1 67 ? 10.317  9.132   2.030   1.00 11.71 ? 605 SER B CB  1 
ATOM   1045 O OG  . SER B 1 67 ? 9.429   10.238  2.058   1.00 15.19 ? 605 SER B OG  1 
ATOM   1046 N N   . LYS B 1 68 ? 11.199  6.132   1.548   1.00 10.31 ? 606 LYS B N   1 
ATOM   1047 C CA  . LYS B 1 68 ? 12.270  5.151   1.363   1.00 10.13 ? 606 LYS B CA  1 
ATOM   1048 C C   . LYS B 1 68 ? 12.008  4.228   0.173   1.00 10.09 ? 606 LYS B C   1 
ATOM   1049 O O   . LYS B 1 68 ? 12.926  3.907   -0.582  1.00 9.94  ? 606 LYS B O   1 
ATOM   1050 C CB  . LYS B 1 68 ? 12.510  4.344   2.642   1.00 10.31 ? 606 LYS B CB  1 
ATOM   1051 C CG  . LYS B 1 68 ? 13.919  3.793   2.759   1.00 12.75 ? 606 LYS B CG  1 
ATOM   1052 C CD  . LYS B 1 68 ? 14.943  4.933   2.853   1.00 15.25 ? 606 LYS B CD  1 
ATOM   1053 C CE  . LYS B 1 68 ? 16.356  4.443   3.083   1.00 17.41 ? 606 LYS B CE  1 
ATOM   1054 N NZ  . LYS B 1 68 ? 17.269  5.616   3.190   1.00 19.29 ? 606 LYS B NZ  1 
ATOM   1055 N N   . VAL B 1 69 ? 10.754  3.814   0.007   1.00 9.45  ? 607 VAL B N   1 
ATOM   1056 C CA  . VAL B 1 69 ? 10.366  2.999   -1.141  1.00 9.12  ? 607 VAL B CA  1 
ATOM   1057 C C   . VAL B 1 69 ? 10.586  3.769   -2.449  1.00 9.63  ? 607 VAL B C   1 
ATOM   1058 O O   . VAL B 1 69 ? 11.138  3.217   -3.406  1.00 9.26  ? 607 VAL B O   1 
ATOM   1059 C CB  . VAL B 1 69 ? 8.913   2.483   -0.993  1.00 8.29  ? 607 VAL B CB  1 
ATOM   1060 C CG1 . VAL B 1 69 ? 8.396   1.898   -2.305  1.00 8.27  ? 607 VAL B CG1 1 
ATOM   1061 C CG2 . VAL B 1 69 ? 8.843   1.431   0.097   1.00 8.03  ? 607 VAL B CG2 1 
ATOM   1062 N N   . ASP B 1 70 ? 10.184  5.041   -2.480  1.00 9.91  ? 608 ASP B N   1 
ATOM   1063 C CA  . ASP B 1 70 ? 10.388  5.869   -3.668  1.00 10.26 ? 608 ASP B CA  1 
ATOM   1064 C C   . ASP B 1 70 ? 11.872  5.950   -4.032  1.00 10.29 ? 608 ASP B C   1 
ATOM   1065 O O   . ASP B 1 70 ? 12.242  5.846   -5.204  1.00 9.96  ? 608 ASP B O   1 
ATOM   1066 C CB  . ASP B 1 70 ? 9.803   7.268   -3.450  1.00 10.02 ? 608 ASP B CB  1 
ATOM   1067 C CG  . ASP B 1 70 ? 8.281   7.299   -3.530  1.00 11.31 ? 608 ASP B CG  1 
ATOM   1068 O OD1 . ASP B 1 70 ? 7.663   6.306   -3.964  1.00 11.51 ? 608 ASP B OD1 1 
ATOM   1069 O OD2 . ASP B 1 70 ? 7.704   8.345   -3.169  1.00 12.31 ? 608 ASP B OD2 1 
ATOM   1070 N N   . GLU B 1 71 ? 12.705  6.128   -3.013  1.00 10.65 ? 609 GLU B N   1 
ATOM   1071 C CA  . GLU B 1 71 ? 14.153  6.162   -3.193  1.00 11.67 ? 609 GLU B CA  1 
ATOM   1072 C C   . GLU B 1 71 ? 14.659  4.837   -3.747  1.00 10.93 ? 609 GLU B C   1 
ATOM   1073 O O   . GLU B 1 71 ? 15.432  4.810   -4.710  1.00 11.08 ? 609 GLU B O   1 
ATOM   1074 C CB  . GLU B 1 71 ? 14.850  6.487   -1.870  1.00 11.95 ? 609 GLU B CB  1 
ATOM   1075 C CG  . GLU B 1 71 ? 16.363  6.620   -1.981  1.00 14.02 ? 609 GLU B CG  1 
ATOM   1076 C CD  . GLU B 1 71 ? 17.019  7.089   -0.696  1.00 13.96 ? 609 GLU B CD  1 
ATOM   1077 O OE1 . GLU B 1 71 ? 16.323  7.206   0.337   1.00 17.79 ? 609 GLU B OE1 1 
ATOM   1078 O OE2 . GLU B 1 71 ? 18.243  7.341   -0.725  1.00 18.62 ? 609 GLU B OE2 1 
ATOM   1079 N N   . ALA B 1 72 ? 14.224  3.738   -3.135  1.00 10.42 ? 610 ALA B N   1 
ATOM   1080 C CA  . ALA B 1 72 ? 14.608  2.400   -3.588  1.00 9.83  ? 610 ALA B CA  1 
ATOM   1081 C C   . ALA B 1 72 ? 14.231  2.139   -5.039  1.00 9.40  ? 610 ALA B C   1 
ATOM   1082 O O   . ALA B 1 72 ? 15.036  1.602   -5.798  1.00 9.58  ? 610 ALA B O   1 
ATOM   1083 C CB  . ALA B 1 72 ? 14.012  1.333   -2.687  1.00 10.04 ? 610 ALA B CB  1 
ATOM   1084 N N   . VAL B 1 73 ? 13.015  2.522   -5.423  1.00 8.78  ? 611 VAL B N   1 
ATOM   1085 C CA  . VAL B 1 73 ? 12.565  2.344   -6.802  1.00 9.19  ? 611 VAL B CA  1 
ATOM   1086 C C   . VAL B 1 73 ? 13.451  3.144   -7.774  1.00 9.02  ? 611 VAL B C   1 
ATOM   1087 O O   . VAL B 1 73 ? 13.873  2.623   -8.801  1.00 8.87  ? 611 VAL B O   1 
ATOM   1088 C CB  . VAL B 1 73 ? 11.063  2.709   -6.962  1.00 9.10  ? 611 VAL B CB  1 
ATOM   1089 C CG1 . VAL B 1 73 ? 10.671  2.749   -8.446  1.00 10.64 ? 611 VAL B CG1 1 
ATOM   1090 C CG2 . VAL B 1 73 ? 10.188  1.712   -6.200  1.00 10.53 ? 611 VAL B CG2 1 
ATOM   1091 N N   . ALA B 1 74 ? 13.734  4.401   -7.443  1.00 9.01  ? 612 ALA B N   1 
ATOM   1092 C CA  . ALA B 1 74 ? 14.599  5.231   -8.296  1.00 8.89  ? 612 ALA B CA  1 
ATOM   1093 C C   . ALA B 1 74 ? 16.000  4.646   -8.444  1.00 9.18  ? 612 ALA B C   1 
ATOM   1094 O O   . ALA B 1 74 ? 16.555  4.631   -9.540  1.00 8.53  ? 612 ALA B O   1 
ATOM   1095 C CB  . ALA B 1 74 ? 14.675  6.653   -7.758  1.00 9.27  ? 612 ALA B CB  1 
ATOM   1096 N N   . VAL B 1 75 ? 16.562  4.166   -7.337  1.00 9.11  ? 613 VAL B N   1 
ATOM   1097 C CA  . VAL B 1 75 ? 17.902  3.569   -7.333  1.00 9.80  ? 613 VAL B CA  1 
ATOM   1098 C C   . VAL B 1 75 ? 17.921  2.251   -8.106  1.00 9.79  ? 613 VAL B C   1 
ATOM   1099 O O   . VAL B 1 75 ? 18.828  2.000   -8.902  1.00 9.61  ? 613 VAL B O   1 
ATOM   1100 C CB  . VAL B 1 75 ? 18.408  3.362   -5.883  1.00 10.05 ? 613 VAL B CB  1 
ATOM   1101 C CG1 . VAL B 1 75 ? 19.599  2.405   -5.829  1.00 10.24 ? 613 VAL B CG1 1 
ATOM   1102 C CG2 . VAL B 1 75 ? 18.760  4.698   -5.250  1.00 10.20 ? 613 VAL B CG2 1 
ATOM   1103 N N   . LEU B 1 76 ? 16.917  1.411   -7.865  1.00 9.57  ? 614 LEU B N   1 
ATOM   1104 C CA  . LEU B 1 76 ? 16.818  0.134   -8.562  1.00 9.91  ? 614 LEU B CA  1 
ATOM   1105 C C   . LEU B 1 76 ? 16.699  0.337   -10.075 1.00 9.87  ? 614 LEU B C   1 
ATOM   1106 O O   . LEU B 1 76 ? 17.421  -0.289  -10.846 1.00 10.20 ? 614 LEU B O   1 
ATOM   1107 C CB  . LEU B 1 76 ? 15.643  -0.694  -8.018  1.00 9.87  ? 614 LEU B CB  1 
ATOM   1108 C CG  . LEU B 1 76 ? 15.383  -2.035  -8.706  1.00 9.84  ? 614 LEU B CG  1 
ATOM   1109 C CD1 . LEU B 1 76 ? 16.549  -2.998  -8.524  1.00 10.41 ? 614 LEU B CD1 1 
ATOM   1110 C CD2 . LEU B 1 76 ? 14.092  -2.647  -8.168  1.00 10.45 ? 614 LEU B CD2 1 
ATOM   1111 N N   . GLN B 1 77 ? 15.800  1.227   -10.488 1.00 10.29 ? 615 GLN B N   1 
ATOM   1112 C CA  . GLN B 1 77 ? 15.584  1.503   -11.910 1.00 11.22 ? 615 GLN B CA  1 
ATOM   1113 C C   . GLN B 1 77 ? 16.820  2.063   -12.626 1.00 10.56 ? 615 GLN B C   1 
ATOM   1114 O O   . GLN B 1 77 ? 17.126  1.644   -13.741 1.00 10.25 ? 615 GLN B O   1 
ATOM   1115 C CB  . GLN B 1 77 ? 14.370  2.406   -12.109 1.00 11.36 ? 615 GLN B CB  1 
ATOM   1116 C CG  . GLN B 1 77 ? 13.047  1.697   -11.824 1.00 13.49 ? 615 GLN B CG  1 
ATOM   1117 C CD  . GLN B 1 77 ? 11.843  2.618   -11.920 1.00 13.88 ? 615 GLN B CD  1 
ATOM   1118 O OE1 . GLN B 1 77 ? 11.980  3.844   -11.948 1.00 19.13 ? 615 GLN B OE1 1 
ATOM   1119 N NE2 . GLN B 1 77 ? 10.651  2.028   -11.968 1.00 17.43 ? 615 GLN B NE2 1 
ATOM   1120 N N   . ALA B 1 78 ? 17.525  2.988   -11.978 1.00 10.43 ? 616 ALA B N   1 
ATOM   1121 C CA  . ALA B 1 78 ? 18.755  3.556   -12.540 1.00 10.36 ? 616 ALA B CA  1 
ATOM   1122 C C   . ALA B 1 78 ? 19.839  2.491   -12.699 1.00 10.74 ? 616 ALA B C   1 
ATOM   1123 O O   . ALA B 1 78 ? 20.572  2.487   -13.685 1.00 10.01 ? 616 ALA B O   1 
ATOM   1124 C CB  . ALA B 1 78 ? 19.260  4.696   -11.679 1.00 10.17 ? 616 ALA B CB  1 
ATOM   1125 N N   . HIS B 1 79 ? 19.925  1.580   -11.734 1.00 11.12 ? 617 HIS B N   1 
ATOM   1126 C CA  . HIS B 1 79 ? 20.932  0.529   -11.774 1.00 12.60 ? 617 HIS B CA  1 
ATOM   1127 C C   . HIS B 1 79 ? 20.640  -0.503  -12.860 1.00 12.92 ? 617 HIS B C   1 
ATOM   1128 O O   . HIS B 1 79 ? 21.553  -0.941  -13.562 1.00 13.13 ? 617 HIS B O   1 
ATOM   1129 C CB  . HIS B 1 79 ? 21.045  -0.148  -10.411 1.00 12.76 ? 617 HIS B CB  1 
ATOM   1130 C CG  . HIS B 1 79 ? 22.120  -1.184  -10.347 1.00 13.96 ? 617 HIS B CG  1 
ATOM   1131 N ND1 . HIS B 1 79 ? 21.865  -2.531  -10.491 1.00 15.67 ? 617 HIS B ND1 1 
ATOM   1132 C CD2 . HIS B 1 79 ? 23.455  -1.072  -10.158 1.00 14.60 ? 617 HIS B CD2 1 
ATOM   1133 C CE1 . HIS B 1 79 ? 22.998  -3.204  -10.390 1.00 15.36 ? 617 HIS B CE1 1 
ATOM   1134 N NE2 . HIS B 1 79 ? 23.978  -2.342  -10.190 1.00 15.87 ? 617 HIS B NE2 1 
ATOM   1135 N N   . GLN B 1 80 ? 19.369  -0.884  -12.991 1.00 13.53 ? 618 GLN B N   1 
ATOM   1136 C CA  . GLN B 1 80 ? 18.937  -1.848  -14.007 1.00 14.56 ? 618 GLN B CA  1 
ATOM   1137 C C   . GLN B 1 80 ? 19.110  -1.304  -15.419 1.00 14.57 ? 618 GLN B C   1 
ATOM   1138 O O   . GLN B 1 80 ? 19.465  -2.049  -16.339 1.00 14.42 ? 618 GLN B O   1 
ATOM   1139 C CB  . GLN B 1 80 ? 17.485  -2.264  -13.777 1.00 14.46 ? 618 GLN B CB  1 
ATOM   1140 C CG  . GLN B 1 80 ? 17.286  -3.103  -12.525 1.00 15.43 ? 618 GLN B CG  1 
ATOM   1141 C CD  . GLN B 1 80 ? 15.846  -3.514  -12.303 1.00 16.10 ? 618 GLN B CD  1 
ATOM   1142 O OE1 . GLN B 1 80 ? 15.578  -4.587  -11.759 1.00 18.85 ? 618 GLN B OE1 1 
ATOM   1143 N NE2 . GLN B 1 80 ? 14.906  -2.659  -12.711 1.00 18.29 ? 618 GLN B NE2 1 
ATOM   1144 N N   . ALA B 1 81 ? 18.866  -0.006  -15.585 1.00 14.82 ? 619 ALA B N   1 
ATOM   1145 C CA  . ALA B 1 81 ? 19.079  0.661   -16.864 1.00 15.19 ? 619 ALA B CA  1 
ATOM   1146 C C   . ALA B 1 81 ? 20.558  0.638   -17.231 1.00 15.65 ? 619 ALA B C   1 
ATOM   1147 O O   . ALA B 1 81 ? 20.916  0.303   -18.360 1.00 15.68 ? 619 ALA B O   1 
ATOM   1148 C CB  . ALA B 1 81 ? 18.560  2.090   -16.814 1.00 15.09 ? 619 ALA B CB  1 
ATOM   1149 N N   . LYS B 1 82 ? 21.405  0.974   -16.260 1.00 16.18 ? 620 LYS B N   1 
ATOM   1150 C CA  . LYS B 1 82 ? 22.855  0.984   -16.442 1.00 16.75 ? 620 LYS B CA  1 
ATOM   1151 C C   . LYS B 1 82 ? 23.406  -0.411  -16.737 1.00 16.99 ? 620 LYS B C   1 
ATOM   1152 O O   . LYS B 1 82 ? 24.351  -0.557  -17.518 1.00 17.06 ? 620 LYS B O   1 
ATOM   1153 C CB  . LYS B 1 82 ? 23.537  1.586   -15.216 1.00 16.86 ? 620 LYS B CB  1 
ATOM   1154 N N   . GLU B 1 83 ? 22.801  -1.423  -16.115 1.00 17.37 ? 621 GLU B N   1 
ATOM   1155 C CA  . GLU B 1 83 ? 23.204  -2.823  -16.296 1.00 17.58 ? 621 GLU B CA  1 
ATOM   1156 C C   . GLU B 1 83 ? 22.755  -3.401  -17.643 1.00 17.72 ? 621 GLU B C   1 
ATOM   1157 O O   . GLU B 1 83 ? 23.361  -4.352  -18.149 1.00 17.79 ? 621 GLU B O   1 
ATOM   1158 C CB  . GLU B 1 83 ? 22.685  -3.678  -15.142 1.00 17.68 ? 621 GLU B CB  1 
ATOM   1159 N N   . ALA B 1 84 ? 21.700  -2.823  -18.216 1.00 17.75 ? 622 ALA B N   1 
ATOM   1160 C CA  . ALA B 1 84 ? 21.191  -3.238  -19.525 1.00 17.72 ? 622 ALA B CA  1 
ATOM   1161 C C   . ALA B 1 84 ? 21.990  -2.593  -20.655 1.00 17.61 ? 622 ALA B C   1 
ATOM   1162 O O   . ALA B 1 84 ? 22.185  -3.195  -21.712 1.00 17.66 ? 622 ALA B O   1 
ATOM   1163 C CB  . ALA B 1 84 ? 19.711  -2.897  -19.655 1.00 17.70 ? 622 ALA B CB  1 
ATOM   1164 N N   . LEU C 2 3  ? -16.074 6.840   -9.906  1.00 12.78 ? 111 LEU C N   1 
ATOM   1165 C CA  . LEU C 2 3  ? -15.496 7.142   -8.560  1.00 12.27 ? 111 LEU C CA  1 
ATOM   1166 C C   . LEU C 2 3  ? -15.898 8.535   -8.119  1.00 11.94 ? 111 LEU C C   1 
ATOM   1167 O O   . LEU C 2 3  ? -15.854 9.485   -8.905  1.00 12.64 ? 111 LEU C O   1 
ATOM   1168 C CB  . LEU C 2 3  ? -13.968 7.005   -8.580  1.00 12.04 ? 111 LEU C CB  1 
ATOM   1169 C CG  . LEU C 2 3  ? -13.409 5.601   -8.831  1.00 12.70 ? 111 LEU C CG  1 
ATOM   1170 C CD1 . LEU C 2 3  ? -11.898 5.637   -9.033  1.00 12.35 ? 111 LEU C CD1 1 
ATOM   1171 C CD2 . LEU C 2 3  ? -13.763 4.668   -7.692  1.00 12.91 ? 111 LEU C CD2 1 
ATOM   1172 N N   . ASN C 2 4  ? -16.291 8.646   -6.857  1.00 11.11 ? 112 ASN C N   1 
ATOM   1173 C CA  . ASN C 2 4  ? -16.860 9.874   -6.333  1.00 11.11 ? 112 ASN C CA  1 
ATOM   1174 C C   . ASN C 2 4  ? -15.875 10.556  -5.390  1.00 10.58 ? 112 ASN C C   1 
ATOM   1175 O O   . ASN C 2 4  ? -15.669 10.088  -4.272  1.00 11.41 ? 112 ASN C O   1 
ATOM   1176 C CB  . ASN C 2 4  ? -18.170 9.563   -5.600  1.00 11.58 ? 112 ASN C CB  1 
ATOM   1177 C CG  . ASN C 2 4  ? -18.649 10.718  -4.750  1.00 13.44 ? 112 ASN C CG  1 
ATOM   1178 O OD1 . ASN C 2 4  ? -18.440 11.883  -5.095  1.00 13.97 ? 112 ASN C OD1 1 
ATOM   1179 N ND2 . ASN C 2 4  ? -19.298 10.400  -3.628  1.00 16.11 ? 112 ASN C ND2 1 
ATOM   1180 N N   . PRO C 2 5  ? -15.268 11.676  -5.831  1.00 9.81  ? 113 PRO C N   1 
ATOM   1181 C CA  . PRO C 2 5  ? -14.282 12.331  -4.968  1.00 9.76  ? 113 PRO C CA  1 
ATOM   1182 C C   . PRO C 2 5  ? -14.912 13.001  -3.750  1.00 10.02 ? 113 PRO C C   1 
ATOM   1183 O O   . PRO C 2 5  ? -14.192 13.517  -2.897  1.00 10.67 ? 113 PRO C O   1 
ATOM   1184 C CB  . PRO C 2 5  ? -13.650 13.372  -5.896  1.00 9.47  ? 113 PRO C CB  1 
ATOM   1185 C CG  . PRO C 2 5  ? -14.701 13.681  -6.881  1.00 9.85  ? 113 PRO C CG  1 
ATOM   1186 C CD  . PRO C 2 5  ? -15.427 12.384  -7.114  1.00 9.46  ? 113 PRO C CD  1 
ATOM   1187 N N   . ASN C 2 6  ? -16.240 13.002  -3.687  1.00 10.63 ? 114 ASN C N   1 
ATOM   1188 C CA  . ASN C 2 6  ? -16.966 13.522  -2.532  1.00 11.06 ? 114 ASN C CA  1 
ATOM   1189 C C   . ASN C 2 6  ? -17.389 12.407  -1.569  1.00 10.95 ? 114 ASN C C   1 
ATOM   1190 O O   . ASN C 2 6  ? -18.235 12.619  -0.695  1.00 10.86 ? 114 ASN C O   1 
ATOM   1191 C CB  . ASN C 2 6  ? -18.184 14.335  -2.987  1.00 11.53 ? 114 ASN C CB  1 
ATOM   1192 C CG  . ASN C 2 6  ? -17.810 15.478  -3.922  1.00 13.57 ? 114 ASN C CG  1 
ATOM   1193 O OD1 . ASN C 2 6  ? -17.100 16.405  -3.533  1.00 15.05 ? 114 ASN C OD1 1 
ATOM   1194 N ND2 . ASN C 2 6  ? -18.300 15.418  -5.159  1.00 15.52 ? 114 ASN C ND2 1 
ATOM   1195 N N   . ALA C 2 7  ? -16.806 11.217  -1.734  1.00 10.75 ? 115 ALA C N   1 
ATOM   1196 C CA  . ALA C 2 7  ? -17.089 10.087  -0.851  1.00 10.91 ? 115 ALA C CA  1 
ATOM   1197 C C   . ALA C 2 7  ? -16.704 10.406  0.590   1.00 10.90 ? 115 ALA C C   1 
ATOM   1198 O O   . ALA C 2 7  ? -15.778 11.184  0.836   1.00 11.02 ? 115 ALA C O   1 
ATOM   1199 C CB  . ALA C 2 7  ? -16.350 8.851   -1.332  1.00 11.36 ? 115 ALA C CB  1 
ATOM   1200 N N   . LYS C 2 8  ? -17.416 9.801   1.538   1.00 10.96 ? 116 LYS C N   1 
ATOM   1201 C CA  . LYS C 2 8  ? -17.114 9.968   2.960   1.00 11.16 ? 116 LYS C CA  1 
ATOM   1202 C C   . LYS C 2 8  ? -15.713 9.434   3.286   1.00 10.77 ? 116 LYS C C   1 
ATOM   1203 O O   . LYS C 2 8  ? -15.341 8.327   2.878   1.00 11.09 ? 116 LYS C O   1 
ATOM   1204 C CB  . LYS C 2 8  ? -18.184 9.266   3.812   1.00 11.79 ? 116 LYS C CB  1 
ATOM   1205 C CG  . LYS C 2 8  ? -17.964 9.301   5.327   1.00 13.43 ? 116 LYS C CG  1 
ATOM   1206 C CD  . LYS C 2 8  ? -18.166 10.694  5.922   1.00 16.32 ? 116 LYS C CD  1 
ATOM   1207 C CE  . LYS C 2 8  ? -17.771 10.741  7.395   1.00 17.98 ? 116 LYS C CE  1 
ATOM   1208 N NZ  . LYS C 2 8  ? -16.353 10.327  7.618   1.00 18.02 ? 116 LYS C NZ  1 
ATOM   1209 N N   . GLU C 2 9  ? -14.946 10.232  4.019   1.00 10.47 ? 117 GLU C N   1 
ATOM   1210 C CA  . GLU C 2 9  ? -13.645 9.815   4.520   1.00 10.31 ? 117 GLU C CA  1 
ATOM   1211 C C   . GLU C 2 9  ? -13.784 8.559   5.387   1.00 9.98  ? 117 GLU C C   1 
ATOM   1212 O O   . GLU C 2 9  ? -14.625 8.502   6.287   1.00 10.25 ? 117 GLU C O   1 
ATOM   1213 C CB  . GLU C 2 9  ? -12.999 10.945  5.325   1.00 11.27 ? 117 GLU C CB  1 
ATOM   1214 C CG  . GLU C 2 9  ? -11.667 10.561  5.933   1.00 13.41 ? 117 GLU C CG  1 
ATOM   1215 C CD  . GLU C 2 9  ? -10.577 11.577  5.676   1.00 15.07 ? 117 GLU C CD  1 
ATOM   1216 O OE1 . GLU C 2 9  ? -9.392  11.194  5.752   1.00 13.06 ? 117 GLU C OE1 1 
ATOM   1217 O OE2 . GLU C 2 9  ? -10.899 12.757  5.407   1.00 17.95 ? 117 GLU C OE2 1 
ATOM   1218 N N   . PHE C 2 10 ? -12.968 7.552   5.106   1.00 9.11  ? 118 PHE C N   1 
ATOM   1219 C CA  . PHE C 2 10 ? -12.927 6.368   5.948   1.00 8.22  ? 118 PHE C CA  1 
ATOM   1220 C C   . PHE C 2 10 ? -12.072 6.642   7.177   1.00 8.13  ? 118 PHE C C   1 
ATOM   1221 O O   . PHE C 2 10 ? -10.956 7.147   7.056   1.00 8.44  ? 118 PHE C O   1 
ATOM   1222 C CB  . PHE C 2 10 ? -12.365 5.160   5.183   1.00 8.14  ? 118 PHE C CB  1 
ATOM   1223 C CG  . PHE C 2 10 ? -12.116 3.975   6.066   1.00 7.03  ? 118 PHE C CG  1 
ATOM   1224 C CD1 . PHE C 2 10 ? -13.170 3.162   6.450   1.00 6.74  ? 118 PHE C CD1 1 
ATOM   1225 C CD2 . PHE C 2 10 ? -10.841 3.706   6.572   1.00 6.28  ? 118 PHE C CD2 1 
ATOM   1226 C CE1 . PHE C 2 10 ? -12.956 2.082   7.298   1.00 6.26  ? 118 PHE C CE1 1 
ATOM   1227 C CE2 . PHE C 2 10 ? -10.622 2.634   7.430   1.00 6.42  ? 118 PHE C CE2 1 
ATOM   1228 C CZ  . PHE C 2 10 ? -11.677 1.819   7.789   1.00 6.75  ? 118 PHE C CZ  1 
ATOM   1229 N N   . VAL C 2 11 ? -12.592 6.267   8.346   1.00 8.21  ? 119 VAL C N   1 
ATOM   1230 C CA  . VAL C 2 11 ? -11.886 6.445   9.610   1.00 8.67  ? 119 VAL C CA  1 
ATOM   1231 C C   . VAL C 2 11 ? -11.585 5.081   10.240  1.00 8.68  ? 119 VAL C C   1 
ATOM   1232 O O   . VAL C 2 11 ? -12.506 4.363   10.630  1.00 8.28  ? 119 VAL C O   1 
ATOM   1233 C CB  . VAL C 2 11 ? -12.715 7.307   10.586  1.00 8.19  ? 119 VAL C CB  1 
ATOM   1234 C CG1 . VAL C 2 11 ? -11.965 7.530   11.899  1.00 9.01  ? 119 VAL C CG1 1 
ATOM   1235 C CG2 . VAL C 2 11 ? -13.076 8.648   9.949   1.00 9.19  ? 119 VAL C CG2 1 
ATOM   1236 N N   . PRO C 2 12 ? -10.291 4.714   10.331  1.00 9.60  ? 120 PRO C N   1 
ATOM   1237 C CA  . PRO C 2 12 ? -9.927  3.443   10.961  1.00 10.53 ? 120 PRO C CA  1 
ATOM   1238 C C   . PRO C 2 12 ? -10.257 3.466   12.447  1.00 11.33 ? 120 PRO C C   1 
ATOM   1239 O O   . PRO C 2 12 ? -9.964  4.452   13.122  1.00 11.52 ? 120 PRO C O   1 
ATOM   1240 C CB  . PRO C 2 12 ? -8.411  3.354   10.736  1.00 11.01 ? 120 PRO C CB  1 
ATOM   1241 C CG  . PRO C 2 12 ? -7.968  4.753   10.509  1.00 11.39 ? 120 PRO C CG  1 
ATOM   1242 C CD  . PRO C 2 12 ? -9.107  5.446   9.834   1.00 9.95  ? 120 PRO C CD  1 
ATOM   1243 N N   . GLY C 2 13 ? -10.878 2.406   12.955  1.00 12.21 ? 121 GLY C N   1 
ATOM   1244 C CA  . GLY C 2 13 ? -11.398 2.458   14.324  1.00 13.21 ? 121 GLY C CA  1 
ATOM   1245 C C   . GLY C 2 13 ? -11.109 1.277   15.220  1.00 13.86 ? 121 GLY C C   1 
ATOM   1246 O O   . GLY C 2 13 ? -11.492 1.292   16.396  1.00 15.05 ? 121 GLY C O   1 
ATOM   1247 N N   . ASN D 2 2  ? 21.897  4.980   2.198   1.00 18.50 ? 110 ASN D N   1 
ATOM   1248 C CA  . ASN D 2 2  ? 22.430  4.010   1.200   1.00 18.37 ? 110 ASN D CA  1 
ATOM   1249 C C   . ASN D 2 2  ? 21.491  2.838   0.950   1.00 18.22 ? 110 ASN D C   1 
ATOM   1250 O O   . ASN D 2 2  ? 21.104  2.126   1.881   1.00 18.39 ? 110 ASN D O   1 
ATOM   1251 C CB  . ASN D 2 2  ? 23.807  3.491   1.629   1.00 18.54 ? 110 ASN D CB  1 
ATOM   1252 C CG  . ASN D 2 2  ? 24.948  4.178   0.901   1.00 18.94 ? 110 ASN D CG  1 
ATOM   1253 O OD1 . ASN D 2 2  ? 25.652  3.552   0.106   1.00 19.72 ? 110 ASN D OD1 1 
ATOM   1254 N ND2 . ASN D 2 2  ? 25.140  5.468   1.168   1.00 18.81 ? 110 ASN D ND2 1 
ATOM   1255 N N   . LEU D 2 3  ? 21.128  2.650   -0.316  1.00 17.71 ? 111 LEU D N   1 
ATOM   1256 C CA  . LEU D 2 3  ? 20.346  1.492   -0.733  1.00 17.05 ? 111 LEU D CA  1 
ATOM   1257 C C   . LEU D 2 3  ? 21.070  0.708   -1.819  1.00 16.53 ? 111 LEU D C   1 
ATOM   1258 O O   . LEU D 2 3  ? 21.704  1.282   -2.709  1.00 16.69 ? 111 LEU D O   1 
ATOM   1259 C CB  . LEU D 2 3  ? 18.937  1.898   -1.174  1.00 17.39 ? 111 LEU D CB  1 
ATOM   1260 C CG  . LEU D 2 3  ? 18.019  2.414   -0.057  1.00 17.39 ? 111 LEU D CG  1 
ATOM   1261 C CD1 . LEU D 2 3  ? 16.770  3.049   -0.632  1.00 17.36 ? 111 LEU D CD1 1 
ATOM   1262 C CD2 . LEU D 2 3  ? 17.647  1.310   0.926   1.00 17.67 ? 111 LEU D CD2 1 
ATOM   1263 N N   . ASN D 2 4  ? 20.981  -0.612  -1.719  1.00 15.64 ? 112 ASN D N   1 
ATOM   1264 C CA  . ASN D 2 4  ? 21.763  -1.506  -2.550  1.00 14.92 ? 112 ASN D CA  1 
ATOM   1265 C C   . ASN D 2 4  ? 20.880  -2.275  -3.525  1.00 14.35 ? 112 ASN D C   1 
ATOM   1266 O O   . ASN D 2 4  ? 20.173  -3.197  -3.122  1.00 13.44 ? 112 ASN D O   1 
ATOM   1267 C CB  . ASN D 2 4  ? 22.567  -2.461  -1.658  1.00 15.07 ? 112 ASN D CB  1 
ATOM   1268 C CG  . ASN D 2 4  ? 23.461  -3.401  -2.444  1.00 14.78 ? 112 ASN D CG  1 
ATOM   1269 O OD1 . ASN D 2 4  ? 23.557  -3.320  -3.666  1.00 15.93 ? 112 ASN D OD1 1 
ATOM   1270 N ND2 . ASN D 2 4  ? 24.134  -4.305  -1.731  1.00 17.22 ? 112 ASN D ND2 1 
ATOM   1271 N N   . PRO D 2 5  ? 20.917  -1.904  -4.813  1.00 14.11 ? 113 PRO D N   1 
ATOM   1272 C CA  . PRO D 2 5  ? 20.101  -2.592  -5.813  1.00 14.28 ? 113 PRO D CA  1 
ATOM   1273 C C   . PRO D 2 5  ? 20.506  -4.058  -6.001  1.00 14.45 ? 113 PRO D C   1 
ATOM   1274 O O   . PRO D 2 5  ? 19.793  -4.804  -6.667  1.00 14.88 ? 113 PRO D O   1 
ATOM   1275 C CB  . PRO D 2 5  ? 20.350  -1.785  -7.089  1.00 14.55 ? 113 PRO D CB  1 
ATOM   1276 C CG  . PRO D 2 5  ? 21.698  -1.142  -6.870  1.00 14.50 ? 113 PRO D CG  1 
ATOM   1277 C CD  . PRO D 2 5  ? 21.733  -0.827  -5.410  1.00 14.35 ? 113 PRO D CD  1 
ATOM   1278 N N   . ASN D 2 6  ? 21.632  -4.463  -5.408  1.00 14.28 ? 114 ASN D N   1 
ATOM   1279 C CA  . ASN D 2 6  ? 22.070  -5.851  -5.439  1.00 14.06 ? 114 ASN D CA  1 
ATOM   1280 C C   . ASN D 2 6  ? 21.590  -6.655  -4.235  1.00 14.11 ? 114 ASN D C   1 
ATOM   1281 O O   . ASN D 2 6  ? 21.946  -7.821  -4.084  1.00 14.48 ? 114 ASN D O   1 
ATOM   1282 C CB  . ASN D 2 6  ? 23.598  -5.935  -5.542  1.00 13.84 ? 114 ASN D CB  1 
ATOM   1283 C CG  . ASN D 2 6  ? 24.121  -5.458  -6.878  1.00 15.52 ? 114 ASN D CG  1 
ATOM   1284 O OD1 . ASN D 2 6  ? 23.526  -5.714  -7.927  1.00 17.06 ? 114 ASN D OD1 1 
ATOM   1285 N ND2 . ASN D 2 6  ? 25.251  -4.768  -6.848  1.00 15.07 ? 114 ASN D ND2 1 
ATOM   1286 N N   . ALA D 2 7  ? 20.782  -6.034  -3.380  1.00 13.95 ? 115 ALA D N   1 
ATOM   1287 C CA  . ALA D 2 7  ? 20.271  -6.719  -2.192  1.00 13.63 ? 115 ALA D CA  1 
ATOM   1288 C C   . ALA D 2 7  ? 19.507  -7.972  -2.597  1.00 13.48 ? 115 ALA D C   1 
ATOM   1289 O O   . ALA D 2 7  ? 18.890  -8.014  -3.664  1.00 13.76 ? 115 ALA D O   1 
ATOM   1290 C CB  . ALA D 2 7  ? 19.385  -5.799  -1.389  1.00 14.26 ? 115 ALA D CB  1 
ATOM   1291 N N   . LYS D 2 8  ? 19.551  -8.985  -1.734  1.00 12.90 ? 116 LYS D N   1 
ATOM   1292 C CA  . LYS D 2 8  ? 18.796  -10.204 -1.956  1.00 12.71 ? 116 LYS D CA  1 
ATOM   1293 C C   . LYS D 2 8  ? 17.302  -9.915  -1.907  1.00 12.19 ? 116 LYS D C   1 
ATOM   1294 O O   . LYS D 2 8  ? 16.828  -9.182  -1.038  1.00 12.15 ? 116 LYS D O   1 
ATOM   1295 C CB  . LYS D 2 8  ? 19.165  -11.259 -0.909  1.00 12.84 ? 116 LYS D CB  1 
ATOM   1296 C CG  . LYS D 2 8  ? 18.615  -12.646 -1.204  1.00 14.96 ? 116 LYS D CG  1 
ATOM   1297 C CD  . LYS D 2 8  ? 19.374  -13.726 -0.452  1.00 17.90 ? 116 LYS D CD  1 
ATOM   1298 C CE  . LYS D 2 8  ? 18.785  -13.978 0.927   1.00 19.19 ? 116 LYS D CE  1 
ATOM   1299 N NZ  . LYS D 2 8  ? 19.405  -15.165 1.576   1.00 20.77 ? 116 LYS D NZ  1 
ATOM   1300 N N   . GLU D 2 9  ? 16.570  -10.501 -2.846  1.00 11.39 ? 117 GLU D N   1 
ATOM   1301 C CA  . GLU D 2 9  ? 15.116  -10.395 -2.871  1.00 11.27 ? 117 GLU D CA  1 
ATOM   1302 C C   . GLU D 2 9  ? 14.528  -11.022 -1.600  1.00 10.72 ? 117 GLU D C   1 
ATOM   1303 O O   . GLU D 2 9  ? 14.934  -12.103 -1.181  1.00 10.79 ? 117 GLU D O   1 
ATOM   1304 C CB  . GLU D 2 9  ? 14.579  -11.091 -4.127  1.00 11.71 ? 117 GLU D CB  1 
ATOM   1305 C CG  . GLU D 2 9  ? 13.083  -10.981 -4.335  1.00 13.97 ? 117 GLU D CG  1 
ATOM   1306 C CD  . GLU D 2 9  ? 12.670  -11.132 -5.792  1.00 17.22 ? 117 GLU D CD  1 
ATOM   1307 O OE1 . GLU D 2 9  ? 11.522  -10.765 -6.123  1.00 19.73 ? 117 GLU D OE1 1 
ATOM   1308 O OE2 . GLU D 2 9  ? 13.485  -11.604 -6.618  1.00 17.69 ? 117 GLU D OE2 1 
ATOM   1309 N N   . PHE D 2 10 ? 13.588  -10.320 -0.978  1.00 9.95  ? 118 PHE D N   1 
ATOM   1310 C CA  . PHE D 2 10 ? 12.864  -10.870 0.163   1.00 9.77  ? 118 PHE D CA  1 
ATOM   1311 C C   . PHE D 2 10 ? 11.767  -11.808 -0.323  1.00 9.54  ? 118 PHE D C   1 
ATOM   1312 O O   . PHE D 2 10 ? 11.039  -11.497 -1.275  1.00 9.93  ? 118 PHE D O   1 
ATOM   1313 C CB  . PHE D 2 10 ? 12.242  -9.764  1.019   1.00 9.35  ? 118 PHE D CB  1 
ATOM   1314 C CG  . PHE D 2 10 ? 11.329  -10.287 2.107   1.00 9.00  ? 118 PHE D CG  1 
ATOM   1315 C CD1 . PHE D 2 10 ? 11.856  -10.782 3.297   1.00 8.69  ? 118 PHE D CD1 1 
ATOM   1316 C CD2 . PHE D 2 10 ? 9.941   -10.304 1.926   1.00 8.33  ? 118 PHE D CD2 1 
ATOM   1317 C CE1 . PHE D 2 10 ? 11.011  -11.274 4.300   1.00 8.80  ? 118 PHE D CE1 1 
ATOM   1318 C CE2 . PHE D 2 10 ? 9.096   -10.810 2.907   1.00 8.07  ? 118 PHE D CE2 1 
ATOM   1319 C CZ  . PHE D 2 10 ? 9.627   -11.289 4.098   1.00 9.03  ? 118 PHE D CZ  1 
ATOM   1320 N N   . VAL D 2 11 ? 11.653  -12.945 0.360   1.00 9.68  ? 119 VAL D N   1 
ATOM   1321 C CA  . VAL D 2 11 ? 10.643  -13.942 0.041   1.00 10.10 ? 119 VAL D CA  1 
ATOM   1322 C C   . VAL D 2 11 ? 9.793   -14.175 1.294   1.00 10.04 ? 119 VAL D C   1 
ATOM   1323 O O   . VAL D 2 11 ? 10.305  -14.661 2.303   1.00 9.71  ? 119 VAL D O   1 
ATOM   1324 C CB  . VAL D 2 11 ? 11.282  -15.267 -0.423  1.00 10.21 ? 119 VAL D CB  1 
ATOM   1325 C CG1 . VAL D 2 11 ? 10.192  -16.277 -0.769  1.00 9.46  ? 119 VAL D CG1 1 
ATOM   1326 C CG2 . VAL D 2 11 ? 12.197  -15.029 -1.627  1.00 10.85 ? 119 VAL D CG2 1 
ATOM   1327 N N   . PRO D 2 12 ? 8.495   -13.828 1.236   1.00 9.56  ? 120 PRO D N   1 
ATOM   1328 C CA  . PRO D 2 12 ? 7.627   -14.093 2.395   1.00 9.89  ? 120 PRO D CA  1 
ATOM   1329 C C   . PRO D 2 12 ? 7.476   -15.588 2.658   1.00 10.29 ? 120 PRO D C   1 
ATOM   1330 O O   . PRO D 2 12 ? 7.470   -16.379 1.722   1.00 10.13 ? 120 PRO D O   1 
ATOM   1331 C CB  . PRO D 2 12 ? 6.265   -13.505 1.984   1.00 9.69  ? 120 PRO D CB  1 
ATOM   1332 C CG  . PRO D 2 12 ? 6.478   -12.783 0.712   1.00 10.87 ? 120 PRO D CG  1 
ATOM   1333 C CD  . PRO D 2 12 ? 7.773   -13.204 0.111   1.00 9.98  ? 120 PRO D CD  1 
ATOM   1334 N N   . GLY D 2 13 ? 7.350   -15.957 3.926   1.00 9.97  ? 121 GLY D N   1 
ATOM   1335 C CA  . GLY D 2 13 ? 7.054   -17.334 4.304   1.00 11.06 ? 121 GLY D CA  1 
ATOM   1336 C C   . GLY D 2 13 ? 5.598   -17.676 4.043   1.00 12.29 ? 121 GLY D C   1 
ATOM   1337 O O   . GLY D 2 13 ? 4.797   -16.815 3.658   1.00 12.37 ? 121 GLY D O   1 
ATOM   1338 N N   . VAL D 2 14 ? 5.256   -18.944 4.241   1.00 13.31 ? 122 VAL D N   1 
ATOM   1339 C CA  . VAL D 2 14 ? 3.891   -19.408 4.026   1.00 14.66 ? 122 VAL D CA  1 
ATOM   1340 C C   . VAL D 2 14 ? 2.952   -18.845 5.094   1.00 15.68 ? 122 VAL D C   1 
ATOM   1341 O O   . VAL D 2 14 ? 3.231   -18.940 6.294   1.00 16.03 ? 122 VAL D O   1 
ATOM   1342 C CB  . VAL D 2 14 ? 3.797   -20.955 3.935   1.00 14.78 ? 122 VAL D CB  1 
ATOM   1343 C CG1 . VAL D 2 14 ? 4.423   -21.445 2.646   1.00 14.47 ? 122 VAL D CG1 1 
ATOM   1344 C CG2 . VAL D 2 14 ? 4.458   -21.627 5.138   1.00 15.66 ? 122 VAL D CG2 1 
ATOM   1345 N N   . LYS D 2 15 ? 1.850   -18.250 4.643   1.00 16.41 ? 123 LYS D N   1 
ATOM   1346 C CA  . LYS D 2 15 ? 0.903   -17.574 5.530   1.00 17.13 ? 123 LYS D CA  1 
ATOM   1347 C C   . LYS D 2 15 ? 0.268   -18.532 6.532   1.00 17.28 ? 123 LYS D C   1 
ATOM   1348 O O   . LYS D 2 15 ? 0.056   -19.711 6.243   1.00 17.64 ? 123 LYS D O   1 
ATOM   1349 C CB  . LYS D 2 15 ? -0.180  -16.858 4.716   1.00 17.26 ? 123 LYS D CB  1 
ATOM   1350 C CG  . LYS D 2 15 ? 0.277   -15.556 4.070   1.00 18.44 ? 123 LYS D CG  1 
ATOM   1351 C CD  . LYS D 2 15 ? 0.276   -14.405 5.069   1.00 20.22 ? 123 LYS D CD  1 
ATOM   1352 C CE  . LYS D 2 15 ? 1.152   -13.261 4.586   1.00 20.69 ? 123 LYS D CE  1 
ATOM   1353 N NZ  . LYS D 2 15 ? 1.131   -12.098 5.523   1.00 21.99 ? 123 LYS D NZ  1 
ATOM   1354 O OXT . LYS D 2 15 ? -0.039  -18.145 7.659   1.00 17.66 ? 123 LYS D OXT 1 
HETATM 1355 C C1  . GOL E 3 .  ? 1.033   11.440  -3.673  1.00 25.59 ? 1   GOL A C1  1 
HETATM 1356 O O1  . GOL E 3 .  ? 2.333   11.042  -4.051  1.00 28.50 ? 1   GOL A O1  1 
HETATM 1357 C C2  . GOL E 3 .  ? 0.503   10.550  -2.553  1.00 23.92 ? 1   GOL A C2  1 
HETATM 1358 O O2  . GOL E 3 .  ? -0.887  10.745  -2.484  1.00 27.67 ? 1   GOL A O2  1 
HETATM 1359 C C3  . GOL E 3 .  ? 1.131   10.959  -1.224  1.00 21.42 ? 1   GOL A C3  1 
HETATM 1360 O O3  . GOL E 3 .  ? 0.347   10.561  -0.125  1.00 20.24 ? 1   GOL A O3  1 
HETATM 1361 N N1  . EPE F 4 .  ? 5.039   -1.811  -13.913 0.50 36.13 ? 1   EPE B N1  1 
HETATM 1362 C C2  . EPE F 4 .  ? 3.729   -2.454  -14.124 0.50 36.24 ? 1   EPE B C2  1 
HETATM 1363 C C3  . EPE F 4 .  ? 3.748   -3.236  -15.437 0.50 36.20 ? 1   EPE B C3  1 
HETATM 1364 N N4  . EPE F 4 .  ? 4.314   -2.475  -16.545 0.50 36.30 ? 1   EPE B N4  1 
HETATM 1365 C C5  . EPE F 4 .  ? 5.395   -1.525  -16.326 0.50 36.32 ? 1   EPE B C5  1 
HETATM 1366 C C6  . EPE F 4 .  ? 5.306   -0.821  -14.973 0.50 36.30 ? 1   EPE B C6  1 
HETATM 1367 C C7  . EPE F 4 .  ? 3.777   -2.647  -17.884 0.50 36.44 ? 1   EPE B C7  1 
HETATM 1368 C C8  . EPE F 4 .  ? 4.460   -3.769  -18.662 0.50 36.38 ? 1   EPE B C8  1 
HETATM 1369 O O8  . EPE F 4 .  ? 5.343   -3.213  -19.612 0.50 36.48 ? 1   EPE B O8  1 
HETATM 1370 C C9  . EPE F 4 .  ? 5.061   -1.140  -12.604 0.50 35.89 ? 1   EPE B C9  1 
HETATM 1371 C C10 . EPE F 4 .  ? 6.059   -1.834  -11.682 1.00 35.40 ? 1   EPE B C10 1 
HETATM 1372 S S   . EPE F 4 .  ? 5.382   -2.073  -10.019 1.00 34.94 ? 1   EPE B S   1 
HETATM 1373 O O1S . EPE F 4 .  ? 6.280   -2.858  -9.178  1.00 34.46 ? 1   EPE B O1S 1 
HETATM 1374 O O2S . EPE F 4 .  ? 4.113   -2.790  -10.111 1.00 34.86 ? 1   EPE B O2S 1 
HETATM 1375 O O3S . EPE F 4 .  ? 5.174   -0.744  -9.456  1.00 34.31 ? 1   EPE B O3S 1 
HETATM 1376 O O   . HOH G 5 .  ? 0.101   1.774   6.129   1.00 9.22  ? 3   HOH A O   1 
HETATM 1377 O O   . HOH G 5 .  ? -7.369  -0.230  9.316   1.00 14.71 ? 7   HOH A O   1 
HETATM 1378 O O   . HOH G 5 .  ? -2.871  8.318   -10.208 1.00 13.75 ? 8   HOH A O   1 
HETATM 1379 O O   . HOH G 5 .  ? -1.879  -2.845  -4.343  1.00 7.78  ? 11  HOH A O   1 
HETATM 1380 O O   . HOH G 5 .  ? -2.054  -4.788  -2.274  1.00 9.43  ? 12  HOH A O   1 
HETATM 1381 O O   . HOH G 5 .  ? -16.542 6.289   -5.217  1.00 14.37 ? 13  HOH A O   1 
HETATM 1382 O O   . HOH G 5 .  ? -17.495 5.297   1.385   1.00 13.36 ? 16  HOH A O   1 
HETATM 1383 O O   . HOH G 5 .  ? -0.930  3.894   -6.113  1.00 15.21 ? 17  HOH A O   1 
HETATM 1384 O O   . HOH G 5 .  ? -3.092  -8.843  -1.424  1.00 25.54 ? 19  HOH A O   1 
HETATM 1385 O O   . HOH G 5 .  ? -1.808  -7.800  1.039   1.00 19.62 ? 20  HOH A O   1 
HETATM 1386 O O   . HOH G 5 .  ? -4.198  -12.244 -7.179  1.00 14.84 ? 22  HOH A O   1 
HETATM 1387 O O   . HOH G 5 .  ? -20.877 -7.560  -4.032  1.00 21.90 ? 23  HOH A O   1 
HETATM 1388 O O   . HOH G 5 .  ? -4.165  -6.516  -2.650  1.00 11.55 ? 24  HOH A O   1 
HETATM 1389 O O   . HOH G 5 .  ? -15.224 4.897   8.477   1.00 14.14 ? 26  HOH A O   1 
HETATM 1390 O O   . HOH G 5 .  ? -6.764  -12.964 -7.973  1.00 11.47 ? 27  HOH A O   1 
HETATM 1391 O O   . HOH G 5 .  ? -8.904  -2.530  -10.448 1.00 18.96 ? 28  HOH A O   1 
HETATM 1392 O O   . HOH G 5 .  ? -21.741 -4.654  -2.449  1.00 20.15 ? 29  HOH A O   1 
HETATM 1393 O O   . HOH G 5 .  ? -22.069 -3.264  2.287   1.00 15.69 ? 36  HOH A O   1 
HETATM 1394 O O   . HOH G 5 .  ? -0.815  14.545  -1.470  1.00 33.85 ? 37  HOH A O   1 
HETATM 1395 O O   . HOH G 5 .  ? -10.697 -4.490  -9.680  1.00 26.89 ? 38  HOH A O   1 
HETATM 1396 O O   . HOH G 5 .  ? -12.169 -12.575 -3.468  1.00 22.11 ? 47  HOH A O   1 
HETATM 1397 O O   . HOH G 5 .  ? -9.713  22.159  -3.751  1.00 23.13 ? 49  HOH A O   1 
HETATM 1398 O O   . HOH G 5 .  ? 2.444   -8.190  -9.857  1.00 21.61 ? 50  HOH A O   1 
HETATM 1399 O O   . HOH G 5 .  ? 2.935   4.694   -3.748  1.00 21.06 ? 54  HOH A O   1 
HETATM 1400 O O   . HOH G 5 .  ? -11.762 -6.246  9.049   1.00 18.89 ? 57  HOH A O   1 
HETATM 1401 O O   . HOH G 5 .  ? -26.124 -1.141  7.565   1.00 34.02 ? 63  HOH A O   1 
HETATM 1402 O O   . HOH G 5 .  ? -8.360  -15.531 -4.160  1.00 26.93 ? 64  HOH A O   1 
HETATM 1403 O O   . HOH G 5 .  ? -0.375  -10.087 2.106   1.00 33.77 ? 65  HOH A O   1 
HETATM 1404 O O   . HOH G 5 .  ? -17.868 24.084  -8.748  1.00 38.86 ? 67  HOH A O   1 
HETATM 1405 O O   . HOH G 5 .  ? -5.019  0.874   10.306  1.00 24.91 ? 71  HOH A O   1 
HETATM 1406 O O   . HOH G 5 .  ? -17.804 -4.763  -10.088 1.00 31.87 ? 74  HOH A O   1 
HETATM 1407 O O   . HOH G 5 .  ? -13.259 32.627  -8.381  1.00 22.27 ? 76  HOH A O   1 
HETATM 1408 O O   . HOH G 5 .  ? -1.724  -2.243  -11.469 1.00 23.05 ? 77  HOH A O   1 
HETATM 1409 O O   . HOH G 5 .  ? -11.593 34.912  -6.958  1.00 28.30 ? 79  HOH A O   1 
HETATM 1410 O O   . HOH G 5 .  ? -10.527 24.693  -3.216  1.00 28.05 ? 87  HOH A O   1 
HETATM 1411 O O   . HOH G 5 .  ? -6.314  -4.437  9.538   1.00 39.83 ? 90  HOH A O   1 
HETATM 1412 O O   . HOH G 5 .  ? -7.951  -5.067  -12.279 1.00 35.78 ? 100 HOH A O   1 
HETATM 1413 O O   . HOH G 5 .  ? -4.964  -5.798  4.837   1.00 28.09 ? 101 HOH A O   1 
HETATM 1414 O O   . HOH G 5 .  ? -11.969 13.989  -11.187 1.00 19.08 ? 102 HOH A O   1 
HETATM 1415 O O   . HOH G 5 .  ? -15.770 -17.702 3.179   1.00 25.48 ? 103 HOH A O   1 
HETATM 1416 O O   . HOH G 5 .  ? -25.064 -9.751  6.102   1.00 26.28 ? 112 HOH A O   1 
HETATM 1417 O O   . HOH G 5 .  ? -1.460  7.218   -8.001  1.00 21.17 ? 115 HOH A O   1 
HETATM 1418 O O   . HOH G 5 .  ? -2.742  1.505   9.032   1.00 22.63 ? 117 HOH A O   1 
HETATM 1419 O O   . HOH G 5 .  ? -7.106  21.767  -2.894  1.00 39.34 ? 129 HOH A O   1 
HETATM 1420 O O   . HOH G 5 .  ? -12.874 15.958  -2.527  1.00 28.08 ? 133 HOH A O   1 
HETATM 1421 O O   . HOH G 5 .  ? -21.769 7.799   -4.797  1.00 27.10 ? 139 HOH A O   1 
HETATM 1422 O O   . HOH G 5 .  ? 1.940   14.188  -1.836  1.00 40.73 ? 153 HOH A O   1 
HETATM 1423 O O   . HOH G 5 .  ? -8.535  0.404   13.116  1.00 26.24 ? 161 HOH A O   1 
HETATM 1424 O O   . HOH G 5 .  ? 0.484   -0.045  8.303   1.00 21.58 ? 173 HOH A O   1 
HETATM 1425 O O   . HOH G 5 .  ? -13.432 -5.886  11.194  1.00 13.70 ? 187 HOH A O   1 
HETATM 1426 O O   . HOH G 5 .  ? -1.560  -0.364  -13.246 1.00 32.38 ? 193 HOH A O   1 
HETATM 1427 O O   . HOH G 5 .  ? -22.735 5.117   -5.056  1.00 22.45 ? 194 HOH A O   1 
HETATM 1428 O O   . HOH G 5 .  ? -5.747  20.983  -5.093  1.00 30.15 ? 198 HOH A O   1 
HETATM 1429 O O   . HOH G 5 .  ? -3.479  16.043  -3.578  1.00 44.78 ? 199 HOH A O   1 
HETATM 1430 O O   . HOH G 5 .  ? -14.367 -11.440 -4.633  1.00 16.25 ? 210 HOH A O   1 
HETATM 1431 O O   . HOH G 5 .  ? -19.110 7.561   0.714   1.00 15.74 ? 211 HOH A O   1 
HETATM 1432 O O   . HOH G 5 .  ? -19.164 -1.326  -8.076  1.00 26.75 ? 212 HOH A O   1 
HETATM 1433 O O   . HOH G 5 .  ? -8.956  14.301  4.193   1.00 27.34 ? 213 HOH A O   1 
HETATM 1434 O O   . HOH G 5 .  ? -5.423  2.922   -13.204 1.00 24.19 ? 216 HOH A O   1 
HETATM 1435 O O   . HOH G 5 .  ? -4.595  -8.119  1.517   1.00 27.65 ? 230 HOH A O   1 
HETATM 1436 O O   . HOH G 5 .  ? -10.075 15.720  1.559   1.00 40.79 ? 237 HOH A O   1 
HETATM 1437 O O   . HOH G 5 .  ? -12.599 4.038   -11.785 1.00 36.43 ? 240 HOH A O   1 
HETATM 1438 O O   . HOH G 5 .  ? -6.868  13.348  2.553   1.00 17.13 ? 627 HOH A O   1 
HETATM 1439 O O   . HOH H 5 .  ? 8.126   -9.389  -5.895  1.00 27.70 ? 2   HOH B O   1 
HETATM 1440 O O   . HOH H 5 .  ? -0.232  -6.136  -0.657  1.00 9.16  ? 4   HOH B O   1 
HETATM 1441 O O   . HOH H 5 .  ? 3.899   3.910   3.262   1.00 8.44  ? 6   HOH B O   1 
HETATM 1442 O O   . HOH H 5 .  ? 3.436   8.935   8.301   1.00 17.41 ? 9   HOH B O   1 
HETATM 1443 O O   . HOH H 5 .  ? 2.760   2.384   5.421   1.00 10.63 ? 10  HOH B O   1 
HETATM 1444 O O   . HOH H 5 .  ? 13.487  -13.681 2.623   1.00 16.99 ? 14  HOH B O   1 
HETATM 1445 O O   . HOH H 5 .  ? 1.766   2.944   -5.560  1.00 19.10 ? 15  HOH B O   1 
HETATM 1446 O O   . HOH H 5 .  ? 5.182   10.089  9.976   1.00 21.09 ? 18  HOH B O   1 
HETATM 1447 O O   . HOH H 5 .  ? 12.482  2.364   15.934  1.00 17.23 ? 21  HOH B O   1 
HETATM 1448 O O   . HOH H 5 .  ? 4.004   2.359   7.816   1.00 14.08 ? 33  HOH B O   1 
HETATM 1449 O O   . HOH H 5 .  ? 18.145  -7.894  2.346   1.00 13.03 ? 34  HOH B O   1 
HETATM 1450 O O   . HOH H 5 .  ? 21.701  -14.704 10.941  1.00 16.91 ? 40  HOH B O   1 
HETATM 1451 O O   . HOH H 5 .  ? 2.116   2.181   9.848   1.00 24.61 ? 41  HOH B O   1 
HETATM 1452 O O   . HOH H 5 .  ? 0.794   11.249  5.528   1.00 16.53 ? 43  HOH B O   1 
HETATM 1453 O O   . HOH H 5 .  ? 20.041  -1.750  0.648   1.00 23.94 ? 44  HOH B O   1 
HETATM 1454 O O   . HOH H 5 .  ? 4.592   -10.991 4.448   1.00 15.50 ? 51  HOH B O   1 
HETATM 1455 O O   . HOH H 5 .  ? 2.219   -5.018  7.982   1.00 26.75 ? 52  HOH B O   1 
HETATM 1456 O O   . HOH H 5 .  ? 7.768   -13.628 11.549  1.00 21.53 ? 53  HOH B O   1 
HETATM 1457 O O   . HOH H 5 .  ? 9.236   11.262  4.907   1.00 26.14 ? 56  HOH B O   1 
HETATM 1458 O O   . HOH H 5 .  ? 18.820  -8.015  5.055   1.00 18.86 ? 60  HOH B O   1 
HETATM 1459 O O   . HOH H 5 .  ? 12.311  7.458   5.035   1.00 21.07 ? 61  HOH B O   1 
HETATM 1460 O O   . HOH H 5 .  ? 5.813   4.114   -3.697  1.00 17.91 ? 62  HOH B O   1 
HETATM 1461 O O   . HOH H 5 .  ? 10.697  6.521   -7.284  1.00 23.20 ? 66  HOH B O   1 
HETATM 1462 O O   . HOH H 5 .  ? 21.541  -7.232  5.686   1.00 26.67 ? 78  HOH B O   1 
HETATM 1463 O O   . HOH H 5 .  ? 8.301   5.160   15.729  1.00 25.17 ? 82  HOH B O   1 
HETATM 1464 O O   . HOH H 5 .  ? 20.165  -3.523  12.507  1.00 28.94 ? 85  HOH B O   1 
HETATM 1465 O O   . HOH H 5 .  ? 15.335  0.828   -15.653 1.00 31.22 ? 86  HOH B O   1 
HETATM 1466 O O   . HOH H 5 .  ? 14.867  -12.035 5.137   1.00 29.20 ? 88  HOH B O   1 
HETATM 1467 O O   . HOH H 5 .  ? 6.268   10.575  1.862   1.00 34.09 ? 89  HOH B O   1 
HETATM 1468 O O   . HOH H 5 .  ? 13.658  0.949   17.802  1.00 30.76 ? 92  HOH B O   1 
HETATM 1469 O O   . HOH H 5 .  ? 21.211  -4.255  9.544   1.00 27.93 ? 94  HOH B O   1 
HETATM 1470 O O   . HOH H 5 .  ? 21.121  3.494   -8.830  1.00 24.84 ? 96  HOH B O   1 
HETATM 1471 O O   . HOH H 5 .  ? 19.059  -10.786 5.636   1.00 22.65 ? 99  HOH B O   1 
HETATM 1472 O O   . HOH H 5 .  ? 12.495  9.621   -1.610  1.00 27.26 ? 105 HOH B O   1 
HETATM 1473 O O   . HOH H 5 .  ? 8.080   4.859   -6.581  1.00 31.27 ? 109 HOH B O   1 
HETATM 1474 O O   . HOH H 5 .  ? 2.728   -11.442 2.477   1.00 24.39 ? 114 HOH B O   1 
HETATM 1475 O O   . HOH H 5 .  ? 8.464   -4.654  -13.000 1.00 35.24 ? 120 HOH B O   1 
HETATM 1476 O O   . HOH H 5 .  ? 2.798   -13.408 0.641   1.00 27.57 ? 122 HOH B O   1 
HETATM 1477 O O   . HOH H 5 .  ? 22.244  -1.761  8.583   1.00 29.36 ? 128 HOH B O   1 
HETATM 1478 O O   . HOH H 5 .  ? 1.669   -2.168  -10.828 1.00 31.04 ? 130 HOH B O   1 
HETATM 1479 O O   . HOH H 5 .  ? 15.793  -12.050 2.797   1.00 23.78 ? 138 HOH B O   1 
HETATM 1480 O O   . HOH H 5 .  ? 17.101  -12.521 6.193   1.00 25.45 ? 140 HOH B O   1 
HETATM 1481 O O   . HOH H 5 .  ? 11.820  6.622   -10.035 1.00 34.83 ? 150 HOH B O   1 
HETATM 1482 O O   . HOH H 5 .  ? 20.786  2.187   8.106   1.00 33.01 ? 178 HOH B O   1 
HETATM 1483 O O   . HOH H 5 .  ? 21.479  -17.499 10.869  1.00 20.04 ? 188 HOH B O   1 
HETATM 1484 O O   . HOH H 5 .  ? 23.122  2.252   -6.580  1.00 28.52 ? 192 HOH B O   1 
HETATM 1485 O O   . HOH H 5 .  ? 20.432  -8.426  1.042   1.00 16.96 ? 208 HOH B O   1 
HETATM 1486 O O   . HOH H 5 .  ? 6.334   12.266  8.560   1.00 20.71 ? 214 HOH B O   1 
HETATM 1487 O O   . HOH H 5 .  ? 21.809  -10.281 2.343   1.00 32.37 ? 217 HOH B O   1 
HETATM 1488 O O   . HOH H 5 .  ? 17.100  -5.129  16.418  1.00 36.06 ? 231 HOH B O   1 
HETATM 1489 O O   . HOH I 5 .  ? -15.871 12.934  4.509   1.00 22.22 ? 5   HOH C O   1 
HETATM 1490 O O   . HOH I 5 .  ? -16.029 5.851   3.759   1.00 17.34 ? 25  HOH C O   1 
HETATM 1491 O O   . HOH I 5 .  ? -13.601 4.269   13.390  1.00 21.71 ? 48  HOH C O   1 
HETATM 1492 O O   . HOH I 5 .  ? -16.624 4.683   6.047   1.00 26.34 ? 84  HOH C O   1 
HETATM 1493 O O   . HOH I 5 .  ? -9.159  9.098   7.564   1.00 13.18 ? 203 HOH C O   1 
HETATM 1494 O O   . HOH I 5 .  ? -6.419  8.677   7.381   1.00 16.24 ? 204 HOH C O   1 
HETATM 1495 O O   . HOH I 5 .  ? -7.507  11.047  3.809   1.00 10.78 ? 206 HOH C O   1 
HETATM 1496 O O   . HOH J 5 .  ? 10.623  -8.219  -6.814  1.00 20.02 ? 35  HOH D O   1 
HETATM 1497 O O   . HOH J 5 .  ? 17.748  -12.068 -5.037  1.00 35.36 ? 42  HOH D O   1 
HETATM 1498 O O   . HOH J 5 .  ? 9.778   -12.412 -3.415  1.00 22.33 ? 45  HOH D O   1 
HETATM 1499 O O   . HOH J 5 .  ? 4.178   -14.616 5.022   1.00 20.76 ? 55  HOH D O   1 
HETATM 1500 O O   . HOH J 5 .  ? 7.456   -20.696 5.207   1.00 27.16 ? 58  HOH D O   1 
HETATM 1501 O O   . HOH J 5 .  ? 16.172  -9.780  1.583   1.00 17.62 ? 59  HOH D O   1 
HETATM 1502 O O   . HOH J 5 .  ? 11.808  -17.077 2.713   1.00 21.35 ? 209 HOH D O   1 
HETATM 1503 O O   . HOH J 5 .  ? 22.593  7.488   1.320   1.00 39.03 ? 229 HOH D O   1 
# 
loop_
_pdbx_poly_seq_scheme.asym_id 
_pdbx_poly_seq_scheme.entity_id 
_pdbx_poly_seq_scheme.seq_id 
_pdbx_poly_seq_scheme.mon_id 
_pdbx_poly_seq_scheme.ndb_seq_num 
_pdbx_poly_seq_scheme.pdb_seq_num 
_pdbx_poly_seq_scheme.auth_seq_num 
_pdbx_poly_seq_scheme.pdb_mon_id 
_pdbx_poly_seq_scheme.auth_mon_id 
_pdbx_poly_seq_scheme.pdb_strand_id 
_pdbx_poly_seq_scheme.pdb_ins_code 
_pdbx_poly_seq_scheme.hetero 
A 1 1  GLY 1  539 ?   ?   ?   A . n 
A 1 2  PRO 2  540 ?   ?   ?   A . n 
A 1 3  LEU 3  541 ?   ?   ?   A . n 
A 1 4  GLY 4  542 ?   ?   ?   A . n 
A 1 5  SER 5  543 ?   ?   ?   A . n 
A 1 6  PRO 6  544 ?   ?   ?   A . n 
A 1 7  LEU 7  545 545 LEU LEU A . n 
A 1 8  THR 8  546 546 THR THR A . n 
A 1 9  ALA 9  547 547 ALA ALA A . n 
A 1 10 SER 10 548 548 SER SER A . n 
A 1 11 MET 11 549 549 MET MET A . n 
A 1 12 LEU 12 550 550 LEU LEU A . n 
A 1 13 ALA 13 551 551 ALA ALA A . n 
A 1 14 SER 14 552 552 SER SER A . n 
A 1 15 ALA 15 553 553 ALA ALA A . n 
A 1 16 PRO 16 554 554 PRO PRO A . n 
A 1 17 PRO 17 555 555 PRO PRO A . n 
A 1 18 GLN 18 556 556 GLN GLN A . n 
A 1 19 GLU 19 557 557 GLU GLU A . n 
A 1 20 GLN 20 558 558 GLN GLN A . n 
A 1 21 LYS 21 559 559 LYS LYS A . n 
A 1 22 GLN 22 560 560 GLN GLN A . n 
A 1 23 MET 23 561 561 MET MET A . n 
A 1 24 LEU 24 562 562 LEU LEU A . n 
A 1 25 GLY 25 563 563 GLY GLY A . n 
A 1 26 GLU 26 564 564 GLU GLU A . n 
A 1 27 ARG 27 565 565 ARG ARG A . n 
A 1 28 LEU 28 566 566 LEU LEU A . n 
A 1 29 PHE 29 567 567 PHE PHE A . n 
A 1 30 PRO 30 568 568 PRO PRO A . n 
A 1 31 LEU 31 569 569 LEU LEU A . n 
A 1 32 ILE 32 570 570 ILE ILE A . n 
A 1 33 GLN 33 571 571 GLN GLN A . n 
A 1 34 ALA 34 572 572 ALA ALA A . n 
A 1 35 MET 35 573 573 MET MET A . n 
A 1 36 HIS 36 574 574 HIS HIS A . n 
A 1 37 PRO 37 575 575 PRO PRO A . n 
A 1 38 THR 38 576 576 THR THR A . n 
A 1 39 LEU 39 577 577 LEU LEU A . n 
A 1 40 ALA 40 578 578 ALA ALA A . n 
A 1 41 GLY 41 579 579 GLY GLY A . n 
A 1 42 LYS 42 580 580 LYS LYS A . n 
A 1 43 ILE 43 581 581 ILE ILE A . n 
A 1 44 THR 44 582 582 THR THR A . n 
A 1 45 GLY 45 583 583 GLY GLY A . n 
A 1 46 MET 46 584 584 MET MET A . n 
A 1 47 LEU 47 585 585 LEU LEU A . n 
A 1 48 LEU 48 586 586 LEU LEU A . n 
A 1 49 GLU 49 587 587 GLU GLU A . n 
A 1 50 ILE 50 588 588 ILE ILE A . n 
A 1 51 ASP 51 589 589 ASP ASP A . n 
A 1 52 ASN 52 590 590 ASN ASN A . n 
A 1 53 SER 53 591 591 SER SER A . n 
A 1 54 GLU 54 592 592 GLU GLU A . n 
A 1 55 LEU 55 593 593 LEU LEU A . n 
A 1 56 LEU 56 594 594 LEU LEU A . n 
A 1 57 HIS 57 595 595 HIS HIS A . n 
A 1 58 MET 58 596 596 MET MET A . n 
A 1 59 LEU 59 597 597 LEU LEU A . n 
A 1 60 GLU 60 598 598 GLU GLU A . n 
A 1 61 SER 61 599 599 SER SER A . n 
A 1 62 PRO 62 600 600 PRO PRO A . n 
A 1 63 GLU 63 601 601 GLU GLU A . n 
A 1 64 SER 64 602 602 SER SER A . n 
A 1 65 LEU 65 603 603 LEU LEU A . n 
A 1 66 ARG 66 604 604 ARG ARG A . n 
A 1 67 SER 67 605 605 SER SER A . n 
A 1 68 LYS 68 606 606 LYS LYS A . n 
A 1 69 VAL 69 607 607 VAL VAL A . n 
A 1 70 ASP 70 608 608 ASP ASP A . n 
A 1 71 GLU 71 609 609 GLU GLU A . n 
A 1 72 ALA 72 610 610 ALA ALA A . n 
A 1 73 VAL 73 611 611 VAL VAL A . n 
A 1 74 ALA 74 612 612 ALA ALA A . n 
A 1 75 VAL 75 613 613 VAL VAL A . n 
A 1 76 LEU 76 614 614 LEU LEU A . n 
A 1 77 GLN 77 615 615 GLN GLN A . n 
A 1 78 ALA 78 616 616 ALA ALA A . n 
A 1 79 HIS 79 617 617 HIS HIS A . n 
A 1 80 GLN 80 618 618 GLN GLN A . n 
A 1 81 ALA 81 619 619 ALA ALA A . n 
A 1 82 LYS 82 620 620 LYS LYS A . n 
A 1 83 GLU 83 621 621 GLU GLU A . n 
A 1 84 ALA 84 622 622 ALA ALA A . n 
A 1 85 ALA 85 623 623 ALA ALA A . n 
A 1 86 GLN 86 624 624 GLN GLN A . n 
A 1 87 LYS 87 625 625 LYS LYS A . n 
A 1 88 ALA 88 626 626 ALA ALA A . n 
B 1 1  GLY 1  539 ?   ?   ?   B . n 
B 1 2  PRO 2  540 ?   ?   ?   B . n 
B 1 3  LEU 3  541 ?   ?   ?   B . n 
B 1 4  GLY 4  542 ?   ?   ?   B . n 
B 1 5  SER 5  543 ?   ?   ?   B . n 
B 1 6  PRO 6  544 ?   ?   ?   B . n 
B 1 7  LEU 7  545 ?   ?   ?   B . n 
B 1 8  THR 8  546 ?   ?   ?   B . n 
B 1 9  ALA 9  547 ?   ?   ?   B . n 
B 1 10 SER 10 548 ?   ?   ?   B . n 
B 1 11 MET 11 549 ?   ?   ?   B . n 
B 1 12 LEU 12 550 ?   ?   ?   B . n 
B 1 13 ALA 13 551 ?   ?   ?   B . n 
B 1 14 SER 14 552 ?   ?   ?   B . n 
B 1 15 ALA 15 553 553 ALA ALA B . n 
B 1 16 PRO 16 554 554 PRO PRO B . n 
B 1 17 PRO 17 555 555 PRO PRO B . n 
B 1 18 GLN 18 556 556 GLN GLN B . n 
B 1 19 GLU 19 557 557 GLU GLU B . n 
B 1 20 GLN 20 558 558 GLN GLN B . n 
B 1 21 LYS 21 559 559 LYS LYS B . n 
B 1 22 GLN 22 560 560 GLN GLN B . n 
B 1 23 MET 23 561 561 MET MET B . n 
B 1 24 LEU 24 562 562 LEU LEU B . n 
B 1 25 GLY 25 563 563 GLY GLY B . n 
B 1 26 GLU 26 564 564 GLU GLU B . n 
B 1 27 ARG 27 565 565 ARG ARG B . n 
B 1 28 LEU 28 566 566 LEU LEU B . n 
B 1 29 PHE 29 567 567 PHE PHE B . n 
B 1 30 PRO 30 568 568 PRO PRO B . n 
B 1 31 LEU 31 569 569 LEU LEU B . n 
B 1 32 ILE 32 570 570 ILE ILE B . n 
B 1 33 GLN 33 571 571 GLN GLN B . n 
B 1 34 ALA 34 572 572 ALA ALA B . n 
B 1 35 MET 35 573 573 MET MET B . n 
B 1 36 HIS 36 574 574 HIS HIS B . n 
B 1 37 PRO 37 575 575 PRO PRO B . n 
B 1 38 THR 38 576 576 THR THR B . n 
B 1 39 LEU 39 577 577 LEU LEU B . n 
B 1 40 ALA 40 578 578 ALA ALA B . n 
B 1 41 GLY 41 579 579 GLY GLY B . n 
B 1 42 LYS 42 580 580 LYS LYS B . n 
B 1 43 ILE 43 581 581 ILE ILE B . n 
B 1 44 THR 44 582 582 THR THR B . n 
B 1 45 GLY 45 583 583 GLY GLY B . n 
B 1 46 MET 46 584 584 MET MET B . n 
B 1 47 LEU 47 585 585 LEU LEU B . n 
B 1 48 LEU 48 586 586 LEU LEU B . n 
B 1 49 GLU 49 587 587 GLU GLU B . n 
B 1 50 ILE 50 588 588 ILE ILE B . n 
B 1 51 ASP 51 589 589 ASP ASP B . n 
B 1 52 ASN 52 590 590 ASN ASN B . n 
B 1 53 SER 53 591 591 SER SER B . n 
B 1 54 GLU 54 592 592 GLU GLU B . n 
B 1 55 LEU 55 593 593 LEU LEU B . n 
B 1 56 LEU 56 594 594 LEU LEU B . n 
B 1 57 HIS 57 595 595 HIS HIS B . n 
B 1 58 MET 58 596 596 MET MET B . n 
B 1 59 LEU 59 597 597 LEU LEU B . n 
B 1 60 GLU 60 598 598 GLU GLU B . n 
B 1 61 SER 61 599 599 SER SER B . n 
B 1 62 PRO 62 600 600 PRO PRO B . n 
B 1 63 GLU 63 601 601 GLU GLU B . n 
B 1 64 SER 64 602 602 SER SER B . n 
B 1 65 LEU 65 603 603 LEU LEU B . n 
B 1 66 ARG 66 604 604 ARG ARG B . n 
B 1 67 SER 67 605 605 SER SER B . n 
B 1 68 LYS 68 606 606 LYS LYS B . n 
B 1 69 VAL 69 607 607 VAL VAL B . n 
B 1 70 ASP 70 608 608 ASP ASP B . n 
B 1 71 GLU 71 609 609 GLU GLU B . n 
B 1 72 ALA 72 610 610 ALA ALA B . n 
B 1 73 VAL 73 611 611 VAL VAL B . n 
B 1 74 ALA 74 612 612 ALA ALA B . n 
B 1 75 VAL 75 613 613 VAL VAL B . n 
B 1 76 LEU 76 614 614 LEU LEU B . n 
B 1 77 GLN 77 615 615 GLN GLN B . n 
B 1 78 ALA 78 616 616 ALA ALA B . n 
B 1 79 HIS 79 617 617 HIS HIS B . n 
B 1 80 GLN 80 618 618 GLN GLN B . n 
B 1 81 ALA 81 619 619 ALA ALA B . n 
B 1 82 LYS 82 620 620 LYS ALA B . n 
B 1 83 GLU 83 621 621 GLU ALA B . n 
B 1 84 ALA 84 622 622 ALA ALA B . n 
B 1 85 ALA 85 623 ?   ?   ?   B . n 
B 1 86 GLN 86 624 ?   ?   ?   B . n 
B 1 87 LYS 87 625 ?   ?   ?   B . n 
B 1 88 ALA 88 626 ?   ?   ?   B . n 
C 2 1  SER 1  109 ?   ?   ?   C . n 
C 2 2  ASN 2  110 ?   ?   ?   C . n 
C 2 3  LEU 3  111 111 LEU LEU C . n 
C 2 4  ASN 4  112 112 ASN ASN C . n 
C 2 5  PRO 5  113 113 PRO PRO C . n 
C 2 6  ASN 6  114 114 ASN ASN C . n 
C 2 7  ALA 7  115 115 ALA ALA C . n 
C 2 8  LYS 8  116 116 LYS LYS C . n 
C 2 9  GLU 9  117 117 GLU GLU C . n 
C 2 10 PHE 10 118 118 PHE PHE C . n 
C 2 11 VAL 11 119 119 VAL VAL C . n 
C 2 12 PRO 12 120 120 PRO PRO C . n 
C 2 13 GLY 13 121 121 GLY GLY C . n 
C 2 14 VAL 14 122 ?   ?   ?   C . n 
C 2 15 LYS 15 123 ?   ?   ?   C . n 
D 2 1  SER 1  109 ?   ?   ?   D . n 
D 2 2  ASN 2  110 110 ASN ASN D . n 
D 2 3  LEU 3  111 111 LEU LEU D . n 
D 2 4  ASN 4  112 112 ASN ASN D . n 
D 2 5  PRO 5  113 113 PRO PRO D . n 
D 2 6  ASN 6  114 114 ASN ASN D . n 
D 2 7  ALA 7  115 115 ALA ALA D . n 
D 2 8  LYS 8  116 116 LYS LYS D . n 
D 2 9  GLU 9  117 117 GLU GLU D . n 
D 2 10 PHE 10 118 118 PHE PHE D . n 
D 2 11 VAL 11 119 119 VAL VAL D . n 
D 2 12 PRO 12 120 120 PRO PRO D . n 
D 2 13 GLY 13 121 121 GLY GLY D . n 
D 2 14 VAL 14 122 122 VAL VAL D . n 
D 2 15 LYS 15 123 123 LYS LYS D . n 
# 
loop_
_pdbx_nonpoly_scheme.asym_id 
_pdbx_nonpoly_scheme.entity_id 
_pdbx_nonpoly_scheme.mon_id 
_pdbx_nonpoly_scheme.ndb_seq_num 
_pdbx_nonpoly_scheme.pdb_seq_num 
_pdbx_nonpoly_scheme.auth_seq_num 
_pdbx_nonpoly_scheme.pdb_mon_id 
_pdbx_nonpoly_scheme.auth_mon_id 
_pdbx_nonpoly_scheme.pdb_strand_id 
_pdbx_nonpoly_scheme.pdb_ins_code 
E 3 GOL 1  1   1   GOL GOL A . 
F 4 EPE 1  1   1   EPE EPE B . 
G 5 HOH 1  3   3   HOH HOH A . 
G 5 HOH 2  7   7   HOH HOH A . 
G 5 HOH 3  8   8   HOH HOH A . 
G 5 HOH 4  11  11  HOH HOH A . 
G 5 HOH 5  12  12  HOH HOH A . 
G 5 HOH 6  13  13  HOH HOH A . 
G 5 HOH 7  16  16  HOH HOH A . 
G 5 HOH 8  17  17  HOH HOH A . 
G 5 HOH 9  19  19  HOH HOH A . 
G 5 HOH 10 20  20  HOH HOH A . 
G 5 HOH 11 22  22  HOH HOH A . 
G 5 HOH 12 23  23  HOH HOH A . 
G 5 HOH 13 24  24  HOH HOH A . 
G 5 HOH 14 26  26  HOH HOH A . 
G 5 HOH 15 27  27  HOH HOH A . 
G 5 HOH 16 28  28  HOH HOH A . 
G 5 HOH 17 29  29  HOH HOH A . 
G 5 HOH 18 36  36  HOH HOH A . 
G 5 HOH 19 37  37  HOH HOH A . 
G 5 HOH 20 38  38  HOH HOH A . 
G 5 HOH 21 47  47  HOH HOH A . 
G 5 HOH 22 49  49  HOH HOH A . 
G 5 HOH 23 50  50  HOH HOH A . 
G 5 HOH 24 54  54  HOH HOH A . 
G 5 HOH 25 57  57  HOH HOH A . 
G 5 HOH 26 63  63  HOH HOH A . 
G 5 HOH 27 64  64  HOH HOH A . 
G 5 HOH 28 65  65  HOH HOH A . 
G 5 HOH 29 67  67  HOH HOH A . 
G 5 HOH 30 71  71  HOH HOH A . 
G 5 HOH 31 74  74  HOH HOH A . 
G 5 HOH 32 76  76  HOH HOH A . 
G 5 HOH 33 77  77  HOH HOH A . 
G 5 HOH 34 79  79  HOH HOH A . 
G 5 HOH 35 87  87  HOH HOH A . 
G 5 HOH 36 90  90  HOH HOH A . 
G 5 HOH 37 100 100 HOH HOH A . 
G 5 HOH 38 101 101 HOH HOH A . 
G 5 HOH 39 102 102 HOH HOH A . 
G 5 HOH 40 103 103 HOH HOH A . 
G 5 HOH 41 112 112 HOH HOH A . 
G 5 HOH 42 115 115 HOH HOH A . 
G 5 HOH 43 117 117 HOH HOH A . 
G 5 HOH 44 129 129 HOH HOH A . 
G 5 HOH 45 133 133 HOH HOH A . 
G 5 HOH 46 139 139 HOH HOH A . 
G 5 HOH 47 153 153 HOH HOH A . 
G 5 HOH 48 161 161 HOH HOH A . 
G 5 HOH 49 173 173 HOH HOH A . 
G 5 HOH 50 187 187 HOH HOH A . 
G 5 HOH 51 193 193 HOH HOH A . 
G 5 HOH 52 194 194 HOH HOH A . 
G 5 HOH 53 198 198 HOH HOH A . 
G 5 HOH 54 199 199 HOH HOH A . 
G 5 HOH 55 210 210 HOH HOH A . 
G 5 HOH 56 211 211 HOH HOH A . 
G 5 HOH 57 212 212 HOH HOH A . 
G 5 HOH 58 213 213 HOH HOH A . 
G 5 HOH 59 216 216 HOH HOH A . 
G 5 HOH 60 230 230 HOH HOH A . 
G 5 HOH 61 237 237 HOH HOH A . 
G 5 HOH 62 240 240 HOH HOH A . 
G 5 HOH 63 627 1   HOH HOH A . 
H 5 HOH 1  2   2   HOH HOH B . 
H 5 HOH 2  4   4   HOH HOH B . 
H 5 HOH 3  6   6   HOH HOH B . 
H 5 HOH 4  9   9   HOH HOH B . 
H 5 HOH 5  10  10  HOH HOH B . 
H 5 HOH 6  14  14  HOH HOH B . 
H 5 HOH 7  15  15  HOH HOH B . 
H 5 HOH 8  18  18  HOH HOH B . 
H 5 HOH 9  21  21  HOH HOH B . 
H 5 HOH 10 33  33  HOH HOH B . 
H 5 HOH 11 34  34  HOH HOH B . 
H 5 HOH 12 40  40  HOH HOH B . 
H 5 HOH 13 41  41  HOH HOH B . 
H 5 HOH 14 43  43  HOH HOH B . 
H 5 HOH 15 44  44  HOH HOH B . 
H 5 HOH 16 51  51  HOH HOH B . 
H 5 HOH 17 52  52  HOH HOH B . 
H 5 HOH 18 53  53  HOH HOH B . 
H 5 HOH 19 56  56  HOH HOH B . 
H 5 HOH 20 60  60  HOH HOH B . 
H 5 HOH 21 61  61  HOH HOH B . 
H 5 HOH 22 62  62  HOH HOH B . 
H 5 HOH 23 66  66  HOH HOH B . 
H 5 HOH 24 78  78  HOH HOH B . 
H 5 HOH 25 82  82  HOH HOH B . 
H 5 HOH 26 85  85  HOH HOH B . 
H 5 HOH 27 86  86  HOH HOH B . 
H 5 HOH 28 88  88  HOH HOH B . 
H 5 HOH 29 89  89  HOH HOH B . 
H 5 HOH 30 92  92  HOH HOH B . 
H 5 HOH 31 94  94  HOH HOH B . 
H 5 HOH 32 96  96  HOH HOH B . 
H 5 HOH 33 99  99  HOH HOH B . 
H 5 HOH 34 105 105 HOH HOH B . 
H 5 HOH 35 109 109 HOH HOH B . 
H 5 HOH 36 114 114 HOH HOH B . 
H 5 HOH 37 120 120 HOH HOH B . 
H 5 HOH 38 122 122 HOH HOH B . 
H 5 HOH 39 128 128 HOH HOH B . 
H 5 HOH 40 130 130 HOH HOH B . 
H 5 HOH 41 138 138 HOH HOH B . 
H 5 HOH 42 140 140 HOH HOH B . 
H 5 HOH 43 150 150 HOH HOH B . 
H 5 HOH 44 178 178 HOH HOH B . 
H 5 HOH 45 188 188 HOH HOH B . 
H 5 HOH 46 192 192 HOH HOH B . 
H 5 HOH 47 208 208 HOH HOH B . 
H 5 HOH 48 214 214 HOH HOH B . 
H 5 HOH 49 217 217 HOH HOH B . 
H 5 HOH 50 231 231 HOH HOH B . 
I 5 HOH 1  5   5   HOH HOH C . 
I 5 HOH 2  25  25  HOH HOH C . 
I 5 HOH 3  48  48  HOH HOH C . 
I 5 HOH 4  84  84  HOH HOH C . 
I 5 HOH 5  203 203 HOH HOH C . 
I 5 HOH 6  204 204 HOH HOH C . 
I 5 HOH 7  206 206 HOH HOH C . 
J 5 HOH 1  35  35  HOH HOH D . 
J 5 HOH 2  42  42  HOH HOH D . 
J 5 HOH 3  45  45  HOH HOH D . 
J 5 HOH 4  55  55  HOH HOH D . 
J 5 HOH 5  58  58  HOH HOH D . 
J 5 HOH 6  59  59  HOH HOH D . 
J 5 HOH 7  209 209 HOH HOH D . 
J 5 HOH 8  229 229 HOH HOH D . 
# 
loop_
_pdbx_struct_assembly.id 
_pdbx_struct_assembly.details 
_pdbx_struct_assembly.method_details 
_pdbx_struct_assembly.oligomeric_details 
_pdbx_struct_assembly.oligomeric_count 
1 author_and_software_defined_assembly PISA dimeric 2 
2 author_and_software_defined_assembly PISA dimeric 2 
# 
loop_
_pdbx_struct_assembly_gen.assembly_id 
_pdbx_struct_assembly_gen.oper_expression 
_pdbx_struct_assembly_gen.asym_id_list 
1 1 A,C,E,G,I 
2 1 B,D,F,H,J 
# 
loop_
_pdbx_struct_assembly_prop.biol_id 
_pdbx_struct_assembly_prop.type 
_pdbx_struct_assembly_prop.value 
_pdbx_struct_assembly_prop.details 
1 'ABSA (A^2)' 1410 ? 
1 MORE         -9   ? 
1 'SSA (A^2)'  5600 ? 
2 'ABSA (A^2)' 1560 ? 
2 MORE         -4   ? 
2 'SSA (A^2)'  5610 ? 
# 
_pdbx_struct_oper_list.id                   1 
_pdbx_struct_oper_list.type                 'identity operation' 
_pdbx_struct_oper_list.name                 1_555 
_pdbx_struct_oper_list.symmetry_operation   x,y,z 
_pdbx_struct_oper_list.matrix[1][1]         1.0000000000 
_pdbx_struct_oper_list.matrix[1][2]         0.0000000000 
_pdbx_struct_oper_list.matrix[1][3]         0.0000000000 
_pdbx_struct_oper_list.vector[1]            0.0000000000 
_pdbx_struct_oper_list.matrix[2][1]         0.0000000000 
_pdbx_struct_oper_list.matrix[2][2]         1.0000000000 
_pdbx_struct_oper_list.matrix[2][3]         0.0000000000 
_pdbx_struct_oper_list.vector[2]            0.0000000000 
_pdbx_struct_oper_list.matrix[3][1]         0.0000000000 
_pdbx_struct_oper_list.matrix[3][2]         0.0000000000 
_pdbx_struct_oper_list.matrix[3][3]         1.0000000000 
_pdbx_struct_oper_list.vector[3]            0.0000000000 
# 
loop_
_pdbx_audit_revision_history.ordinal 
_pdbx_audit_revision_history.data_content_type 
_pdbx_audit_revision_history.major_revision 
_pdbx_audit_revision_history.minor_revision 
_pdbx_audit_revision_history.revision_date 
1 'Structure model' 1 0 2010-02-09 
2 'Structure model' 1 1 2011-07-13 
3 'Structure model' 1 2 2023-09-06 
# 
_pdbx_audit_revision_details.ordinal             1 
_pdbx_audit_revision_details.revision_ordinal    1 
_pdbx_audit_revision_details.data_content_type   'Structure model' 
_pdbx_audit_revision_details.provider            repository 
_pdbx_audit_revision_details.type                'Initial release' 
_pdbx_audit_revision_details.description         ? 
_pdbx_audit_revision_details.details             ? 
# 
loop_
_pdbx_audit_revision_group.ordinal 
_pdbx_audit_revision_group.revision_ordinal 
_pdbx_audit_revision_group.data_content_type 
_pdbx_audit_revision_group.group 
1 2 'Structure model' Advisory                    
2 2 'Structure model' 'Version format compliance' 
3 3 'Structure model' 'Data collection'           
4 3 'Structure model' 'Database references'       
5 3 'Structure model' 'Derived calculations'      
6 3 'Structure model' 'Refinement description'    
# 
loop_
_pdbx_audit_revision_category.ordinal 
_pdbx_audit_revision_category.revision_ordinal 
_pdbx_audit_revision_category.data_content_type 
_pdbx_audit_revision_category.category 
1 3 'Structure model' chem_comp_atom                
2 3 'Structure model' chem_comp_bond                
3 3 'Structure model' database_2                    
4 3 'Structure model' pdbx_initial_refinement_model 
5 3 'Structure model' struct_ref_seq_dif            
6 3 'Structure model' struct_site                   
# 
loop_
_pdbx_audit_revision_item.ordinal 
_pdbx_audit_revision_item.revision_ordinal 
_pdbx_audit_revision_item.data_content_type 
_pdbx_audit_revision_item.item 
1 3 'Structure model' '_database_2.pdbx_DOI'                
2 3 'Structure model' '_database_2.pdbx_database_accession' 
3 3 'Structure model' '_struct_ref_seq_dif.details'         
4 3 'Structure model' '_struct_site.pdbx_auth_asym_id'      
5 3 'Structure model' '_struct_site.pdbx_auth_comp_id'      
6 3 'Structure model' '_struct_site.pdbx_auth_seq_id'       
# 
loop_
_pdbx_refine_tls.pdbx_refine_id 
_pdbx_refine_tls.id 
_pdbx_refine_tls.details 
_pdbx_refine_tls.method 
_pdbx_refine_tls.origin_x 
_pdbx_refine_tls.origin_y 
_pdbx_refine_tls.origin_z 
_pdbx_refine_tls.T[1][1] 
_pdbx_refine_tls.T[2][2] 
_pdbx_refine_tls.T[3][3] 
_pdbx_refine_tls.T[1][2] 
_pdbx_refine_tls.T[1][3] 
_pdbx_refine_tls.T[2][3] 
_pdbx_refine_tls.L[1][1] 
_pdbx_refine_tls.L[2][2] 
_pdbx_refine_tls.L[3][3] 
_pdbx_refine_tls.L[1][2] 
_pdbx_refine_tls.L[1][3] 
_pdbx_refine_tls.L[2][3] 
_pdbx_refine_tls.S[1][1] 
_pdbx_refine_tls.S[1][2] 
_pdbx_refine_tls.S[1][3] 
_pdbx_refine_tls.S[2][1] 
_pdbx_refine_tls.S[2][2] 
_pdbx_refine_tls.S[2][3] 
_pdbx_refine_tls.S[3][1] 
_pdbx_refine_tls.S[3][2] 
_pdbx_refine_tls.S[3][3] 
'X-RAY DIFFRACTION' 1 ? refined -19.0815 -9.6293  6.1643  0.0161  0.0244  -0.0558 -0.0679 0.0019  0.0016  6.2869  11.5059 4.1127  -2.0238 -1.1741 0.7085  0.0897  -0.1493 -0.0124 -0.1157 -0.0497 0.1398  0.2926  -0.2098 -0.0400 
'X-RAY DIFFRACTION' 2 ? refined -10.7425 0.6098   1.1837  0.0197  0.0263  0.0202  -0.0012 0.0005  -0.0055 1.6602  1.5538  0.5064  0.7206  0.1563  0.2181  0.0262  -0.0036 -0.0081 0.0030  -0.0276 0.0820  0.0260  -0.0103 0.0013  
'X-RAY DIFFRACTION' 3 ? refined -7.8085  8.9273   -7.5939 0.0704  0.0328  0.0188  -0.0001 0.0046  -0.0040 0.9432  8.5844  0.5585  -0.8395 0.0115  -0.9822 0.0717  0.0057  0.0434  -0.0373 -0.0347 0.1044  -0.1057 0.0108  -0.0370 
'X-RAY DIFFRACTION' 4 ? refined 10.2601  -6.9688  3.0341  0.0217  0.0192  0.0461  0.0045  -0.0040 -0.0152 3.2419  1.2739  1.6503  -0.4424 0.6259  -0.7815 -0.0330 -0.0338 -0.0637 0.0213  -0.0065 -0.0869 0.0589  0.0322  0.0394  
'X-RAY DIFFRACTION' 5 ? refined 14.2963  -0.2675  9.5924  0.0012  0.0190  0.0455  0.0021  -0.0347 -0.0268 2.9943  4.0618  3.2102  -2.8691 -2.3014 2.6562  -0.0193 -0.0991 0.3006  -0.0189 0.1064  -0.3476 -0.1127 0.1634  -0.0871 
'X-RAY DIFFRACTION' 6 ? refined 12.9205  3.4099   -3.8033 -0.0029 0.0170  0.0674  -0.0068 0.0175  0.0188  5.3393  2.0920  8.7488  -1.7751 -5.7119 1.3969  -0.0407 0.1451  0.1304  -0.1535 -0.0644 -0.2883 0.1260  0.1081  0.1051  
'X-RAY DIFFRACTION' 7 ? refined -14.1882 8.5239   2.3389  0.0219  -0.0073 0.0533  0.0048  0.0374  -0.0247 3.8392  3.2883  16.0231 -0.4457 4.0944  -5.3011 0.0281  -0.0829 0.3026  0.2107  -0.0226 0.1697  -0.3477 -0.1316 -0.0055 
'X-RAY DIFFRACTION' 8 ? refined 21.0600  -3.3984  -2.3509 -0.0701 0.0389  0.0652  -0.0051 -0.0052 0.0656  15.0382 23.3163 10.2886 0.5169  -0.1878 -4.7036 -0.2817 0.1569  0.4328  0.5506  -0.0646 -0.6038 -0.2282 0.6001  0.3463  
'X-RAY DIFFRACTION' 9 ? refined 7.9580   -14.4322 1.7063  0.0186  0.0226  0.0193  -0.0067 -0.0142 -0.0217 18.7591 19.7174 8.3638  12.5036 -6.0624 -5.5909 -0.0109 0.2058  0.0220  0.0842  0.0531  0.4937  0.2669  -0.6525 -0.0421 
# 
loop_
_pdbx_refine_tls_group.pdbx_refine_id 
_pdbx_refine_tls_group.id 
_pdbx_refine_tls_group.refine_tls_id 
_pdbx_refine_tls_group.beg_auth_asym_id 
_pdbx_refine_tls_group.beg_auth_seq_id 
_pdbx_refine_tls_group.beg_label_asym_id 
_pdbx_refine_tls_group.beg_label_seq_id 
_pdbx_refine_tls_group.end_auth_asym_id 
_pdbx_refine_tls_group.end_auth_seq_id 
_pdbx_refine_tls_group.end_label_asym_id 
_pdbx_refine_tls_group.end_label_seq_id 
_pdbx_refine_tls_group.selection 
_pdbx_refine_tls_group.selection_details 
'X-RAY DIFFRACTION' 1 1 A 545 ? ? A 556 ? ? ? ? 
'X-RAY DIFFRACTION' 2 2 A 557 ? ? A 595 ? ? ? ? 
'X-RAY DIFFRACTION' 3 3 A 596 ? ? A 626 ? ? ? ? 
'X-RAY DIFFRACTION' 4 4 B 553 ? ? B 585 ? ? ? ? 
'X-RAY DIFFRACTION' 5 5 B 586 ? ? B 597 ? ? ? ? 
'X-RAY DIFFRACTION' 6 6 B 598 ? ? B 622 ? ? ? ? 
'X-RAY DIFFRACTION' 7 7 C 111 ? ? C 121 ? ? ? ? 
'X-RAY DIFFRACTION' 8 8 D 110 ? ? D 116 ? ? ? ? 
'X-RAY DIFFRACTION' 9 9 D 117 ? ? D 123 ? ? ? ? 
# 
loop_
_software.name 
_software.classification 
_software.version 
_software.citation_id 
_software.pdbx_ordinal 
ADSC     'data collection' Quantum  ? 1 
PHASER   phasing           .        ? 2 
REFMAC   refinement        5.2.0019 ? 3 
HKL-2000 'data reduction'  .        ? 4 
HKL-2000 'data scaling'    .        ? 5 
# 
loop_
_pdbx_unobs_or_zero_occ_atoms.id 
_pdbx_unobs_or_zero_occ_atoms.PDB_model_num 
_pdbx_unobs_or_zero_occ_atoms.polymer_flag 
_pdbx_unobs_or_zero_occ_atoms.occupancy_flag 
_pdbx_unobs_or_zero_occ_atoms.auth_asym_id 
_pdbx_unobs_or_zero_occ_atoms.auth_comp_id 
_pdbx_unobs_or_zero_occ_atoms.auth_seq_id 
_pdbx_unobs_or_zero_occ_atoms.PDB_ins_code 
_pdbx_unobs_or_zero_occ_atoms.auth_atom_id 
_pdbx_unobs_or_zero_occ_atoms.label_alt_id 
_pdbx_unobs_or_zero_occ_atoms.label_asym_id 
_pdbx_unobs_or_zero_occ_atoms.label_comp_id 
_pdbx_unobs_or_zero_occ_atoms.label_seq_id 
_pdbx_unobs_or_zero_occ_atoms.label_atom_id 
1 1 Y 1 B LYS 620 ? CG  ? B LYS 82 CG  
2 1 Y 1 B LYS 620 ? CD  ? B LYS 82 CD  
3 1 Y 1 B LYS 620 ? CE  ? B LYS 82 CE  
4 1 Y 1 B LYS 620 ? NZ  ? B LYS 82 NZ  
5 1 Y 1 B GLU 621 ? CG  ? B GLU 83 CG  
6 1 Y 1 B GLU 621 ? CD  ? B GLU 83 CD  
7 1 Y 1 B GLU 621 ? OE1 ? B GLU 83 OE1 
8 1 Y 1 B GLU 621 ? OE2 ? B GLU 83 OE2 
# 
loop_
_pdbx_unobs_or_zero_occ_residues.id 
_pdbx_unobs_or_zero_occ_residues.PDB_model_num 
_pdbx_unobs_or_zero_occ_residues.polymer_flag 
_pdbx_unobs_or_zero_occ_residues.occupancy_flag 
_pdbx_unobs_or_zero_occ_residues.auth_asym_id 
_pdbx_unobs_or_zero_occ_residues.auth_comp_id 
_pdbx_unobs_or_zero_occ_residues.auth_seq_id 
_pdbx_unobs_or_zero_occ_residues.PDB_ins_code 
_pdbx_unobs_or_zero_occ_residues.label_asym_id 
_pdbx_unobs_or_zero_occ_residues.label_comp_id 
_pdbx_unobs_or_zero_occ_residues.label_seq_id 
1  1 Y 1 A GLY 539 ? A GLY 1  
2  1 Y 1 A PRO 540 ? A PRO 2  
3  1 Y 1 A LEU 541 ? A LEU 3  
4  1 Y 1 A GLY 542 ? A GLY 4  
5  1 Y 1 A SER 543 ? A SER 5  
6  1 Y 1 A PRO 544 ? A PRO 6  
7  1 Y 1 B GLY 539 ? B GLY 1  
8  1 Y 1 B PRO 540 ? B PRO 2  
9  1 Y 1 B LEU 541 ? B LEU 3  
10 1 Y 1 B GLY 542 ? B GLY 4  
11 1 Y 1 B SER 543 ? B SER 5  
12 1 Y 1 B PRO 544 ? B PRO 6  
13 1 Y 1 B LEU 545 ? B LEU 7  
14 1 Y 1 B THR 546 ? B THR 8  
15 1 Y 1 B ALA 547 ? B ALA 9  
16 1 Y 1 B SER 548 ? B SER 10 
17 1 Y 1 B MET 549 ? B MET 11 
18 1 Y 1 B LEU 550 ? B LEU 12 
19 1 Y 1 B ALA 551 ? B ALA 13 
20 1 Y 1 B SER 552 ? B SER 14 
21 1 Y 1 B ALA 623 ? B ALA 85 
22 1 Y 1 B GLN 624 ? B GLN 86 
23 1 Y 1 B LYS 625 ? B LYS 87 
24 1 Y 1 B ALA 626 ? B ALA 88 
25 1 Y 1 C SER 109 ? C SER 1  
26 1 Y 1 C ASN 110 ? C ASN 2  
27 1 Y 1 C VAL 122 ? C VAL 14 
28 1 Y 1 C LYS 123 ? C LYS 15 
29 1 Y 1 D SER 109 ? D SER 1  
# 
loop_
_chem_comp_atom.comp_id 
_chem_comp_atom.atom_id 
_chem_comp_atom.type_symbol 
_chem_comp_atom.pdbx_aromatic_flag 
_chem_comp_atom.pdbx_stereo_config 
_chem_comp_atom.pdbx_ordinal 
ALA N    N N N 1   
ALA CA   C N S 2   
ALA C    C N N 3   
ALA O    O N N 4   
ALA CB   C N N 5   
ALA OXT  O N N 6   
ALA H    H N N 7   
ALA H2   H N N 8   
ALA HA   H N N 9   
ALA HB1  H N N 10  
ALA HB2  H N N 11  
ALA HB3  H N N 12  
ALA HXT  H N N 13  
ARG N    N N N 14  
ARG CA   C N S 15  
ARG C    C N N 16  
ARG O    O N N 17  
ARG CB   C N N 18  
ARG CG   C N N 19  
ARG CD   C N N 20  
ARG NE   N N N 21  
ARG CZ   C N N 22  
ARG NH1  N N N 23  
ARG NH2  N N N 24  
ARG OXT  O N N 25  
ARG H    H N N 26  
ARG H2   H N N 27  
ARG HA   H N N 28  
ARG HB2  H N N 29  
ARG HB3  H N N 30  
ARG HG2  H N N 31  
ARG HG3  H N N 32  
ARG HD2  H N N 33  
ARG HD3  H N N 34  
ARG HE   H N N 35  
ARG HH11 H N N 36  
ARG HH12 H N N 37  
ARG HH21 H N N 38  
ARG HH22 H N N 39  
ARG HXT  H N N 40  
ASN N    N N N 41  
ASN CA   C N S 42  
ASN C    C N N 43  
ASN O    O N N 44  
ASN CB   C N N 45  
ASN CG   C N N 46  
ASN OD1  O N N 47  
ASN ND2  N N N 48  
ASN OXT  O N N 49  
ASN H    H N N 50  
ASN H2   H N N 51  
ASN HA   H N N 52  
ASN HB2  H N N 53  
ASN HB3  H N N 54  
ASN HD21 H N N 55  
ASN HD22 H N N 56  
ASN HXT  H N N 57  
ASP N    N N N 58  
ASP CA   C N S 59  
ASP C    C N N 60  
ASP O    O N N 61  
ASP CB   C N N 62  
ASP CG   C N N 63  
ASP OD1  O N N 64  
ASP OD2  O N N 65  
ASP OXT  O N N 66  
ASP H    H N N 67  
ASP H2   H N N 68  
ASP HA   H N N 69  
ASP HB2  H N N 70  
ASP HB3  H N N 71  
ASP HD2  H N N 72  
ASP HXT  H N N 73  
EPE N1   N N N 74  
EPE C2   C N N 75  
EPE C3   C N N 76  
EPE N4   N N N 77  
EPE C5   C N N 78  
EPE C6   C N N 79  
EPE C7   C N N 80  
EPE C8   C N N 81  
EPE O8   O N N 82  
EPE C9   C N N 83  
EPE C10  C N N 84  
EPE S    S N N 85  
EPE O1S  O N N 86  
EPE O2S  O N N 87  
EPE O3S  O N N 88  
EPE H21  H N N 89  
EPE H22  H N N 90  
EPE H31  H N N 91  
EPE H32  H N N 92  
EPE H51  H N N 93  
EPE H52  H N N 94  
EPE H61  H N N 95  
EPE H62  H N N 96  
EPE H71  H N N 97  
EPE H72  H N N 98  
EPE H81  H N N 99  
EPE H82  H N N 100 
EPE HO8  H N N 101 
EPE H91  H N N 102 
EPE H92  H N N 103 
EPE H101 H N N 104 
EPE H102 H N N 105 
EPE HOS3 H N N 106 
GLN N    N N N 107 
GLN CA   C N S 108 
GLN C    C N N 109 
GLN O    O N N 110 
GLN CB   C N N 111 
GLN CG   C N N 112 
GLN CD   C N N 113 
GLN OE1  O N N 114 
GLN NE2  N N N 115 
GLN OXT  O N N 116 
GLN H    H N N 117 
GLN H2   H N N 118 
GLN HA   H N N 119 
GLN HB2  H N N 120 
GLN HB3  H N N 121 
GLN HG2  H N N 122 
GLN HG3  H N N 123 
GLN HE21 H N N 124 
GLN HE22 H N N 125 
GLN HXT  H N N 126 
GLU N    N N N 127 
GLU CA   C N S 128 
GLU C    C N N 129 
GLU O    O N N 130 
GLU CB   C N N 131 
GLU CG   C N N 132 
GLU CD   C N N 133 
GLU OE1  O N N 134 
GLU OE2  O N N 135 
GLU OXT  O N N 136 
GLU H    H N N 137 
GLU H2   H N N 138 
GLU HA   H N N 139 
GLU HB2  H N N 140 
GLU HB3  H N N 141 
GLU HG2  H N N 142 
GLU HG3  H N N 143 
GLU HE2  H N N 144 
GLU HXT  H N N 145 
GLY N    N N N 146 
GLY CA   C N N 147 
GLY C    C N N 148 
GLY O    O N N 149 
GLY OXT  O N N 150 
GLY H    H N N 151 
GLY H2   H N N 152 
GLY HA2  H N N 153 
GLY HA3  H N N 154 
GLY HXT  H N N 155 
GOL C1   C N N 156 
GOL O1   O N N 157 
GOL C2   C N N 158 
GOL O2   O N N 159 
GOL C3   C N N 160 
GOL O3   O N N 161 
GOL H11  H N N 162 
GOL H12  H N N 163 
GOL HO1  H N N 164 
GOL H2   H N N 165 
GOL HO2  H N N 166 
GOL H31  H N N 167 
GOL H32  H N N 168 
GOL HO3  H N N 169 
HIS N    N N N 170 
HIS CA   C N S 171 
HIS C    C N N 172 
HIS O    O N N 173 
HIS CB   C N N 174 
HIS CG   C Y N 175 
HIS ND1  N Y N 176 
HIS CD2  C Y N 177 
HIS CE1  C Y N 178 
HIS NE2  N Y N 179 
HIS OXT  O N N 180 
HIS H    H N N 181 
HIS H2   H N N 182 
HIS HA   H N N 183 
HIS HB2  H N N 184 
HIS HB3  H N N 185 
HIS HD1  H N N 186 
HIS HD2  H N N 187 
HIS HE1  H N N 188 
HIS HE2  H N N 189 
HIS HXT  H N N 190 
HOH O    O N N 191 
HOH H1   H N N 192 
HOH H2   H N N 193 
ILE N    N N N 194 
ILE CA   C N S 195 
ILE C    C N N 196 
ILE O    O N N 197 
ILE CB   C N S 198 
ILE CG1  C N N 199 
ILE CG2  C N N 200 
ILE CD1  C N N 201 
ILE OXT  O N N 202 
ILE H    H N N 203 
ILE H2   H N N 204 
ILE HA   H N N 205 
ILE HB   H N N 206 
ILE HG12 H N N 207 
ILE HG13 H N N 208 
ILE HG21 H N N 209 
ILE HG22 H N N 210 
ILE HG23 H N N 211 
ILE HD11 H N N 212 
ILE HD12 H N N 213 
ILE HD13 H N N 214 
ILE HXT  H N N 215 
LEU N    N N N 216 
LEU CA   C N S 217 
LEU C    C N N 218 
LEU O    O N N 219 
LEU CB   C N N 220 
LEU CG   C N N 221 
LEU CD1  C N N 222 
LEU CD2  C N N 223 
LEU OXT  O N N 224 
LEU H    H N N 225 
LEU H2   H N N 226 
LEU HA   H N N 227 
LEU HB2  H N N 228 
LEU HB3  H N N 229 
LEU HG   H N N 230 
LEU HD11 H N N 231 
LEU HD12 H N N 232 
LEU HD13 H N N 233 
LEU HD21 H N N 234 
LEU HD22 H N N 235 
LEU HD23 H N N 236 
LEU HXT  H N N 237 
LYS N    N N N 238 
LYS CA   C N S 239 
LYS C    C N N 240 
LYS O    O N N 241 
LYS CB   C N N 242 
LYS CG   C N N 243 
LYS CD   C N N 244 
LYS CE   C N N 245 
LYS NZ   N N N 246 
LYS OXT  O N N 247 
LYS H    H N N 248 
LYS H2   H N N 249 
LYS HA   H N N 250 
LYS HB2  H N N 251 
LYS HB3  H N N 252 
LYS HG2  H N N 253 
LYS HG3  H N N 254 
LYS HD2  H N N 255 
LYS HD3  H N N 256 
LYS HE2  H N N 257 
LYS HE3  H N N 258 
LYS HZ1  H N N 259 
LYS HZ2  H N N 260 
LYS HZ3  H N N 261 
LYS HXT  H N N 262 
MET N    N N N 263 
MET CA   C N S 264 
MET C    C N N 265 
MET O    O N N 266 
MET CB   C N N 267 
MET CG   C N N 268 
MET SD   S N N 269 
MET CE   C N N 270 
MET OXT  O N N 271 
MET H    H N N 272 
MET H2   H N N 273 
MET HA   H N N 274 
MET HB2  H N N 275 
MET HB3  H N N 276 
MET HG2  H N N 277 
MET HG3  H N N 278 
MET HE1  H N N 279 
MET HE2  H N N 280 
MET HE3  H N N 281 
MET HXT  H N N 282 
PHE N    N N N 283 
PHE CA   C N S 284 
PHE C    C N N 285 
PHE O    O N N 286 
PHE CB   C N N 287 
PHE CG   C Y N 288 
PHE CD1  C Y N 289 
PHE CD2  C Y N 290 
PHE CE1  C Y N 291 
PHE CE2  C Y N 292 
PHE CZ   C Y N 293 
PHE OXT  O N N 294 
PHE H    H N N 295 
PHE H2   H N N 296 
PHE HA   H N N 297 
PHE HB2  H N N 298 
PHE HB3  H N N 299 
PHE HD1  H N N 300 
PHE HD2  H N N 301 
PHE HE1  H N N 302 
PHE HE2  H N N 303 
PHE HZ   H N N 304 
PHE HXT  H N N 305 
PRO N    N N N 306 
PRO CA   C N S 307 
PRO C    C N N 308 
PRO O    O N N 309 
PRO CB   C N N 310 
PRO CG   C N N 311 
PRO CD   C N N 312 
PRO OXT  O N N 313 
PRO H    H N N 314 
PRO HA   H N N 315 
PRO HB2  H N N 316 
PRO HB3  H N N 317 
PRO HG2  H N N 318 
PRO HG3  H N N 319 
PRO HD2  H N N 320 
PRO HD3  H N N 321 
PRO HXT  H N N 322 
SER N    N N N 323 
SER CA   C N S 324 
SER C    C N N 325 
SER O    O N N 326 
SER CB   C N N 327 
SER OG   O N N 328 
SER OXT  O N N 329 
SER H    H N N 330 
SER H2   H N N 331 
SER HA   H N N 332 
SER HB2  H N N 333 
SER HB3  H N N 334 
SER HG   H N N 335 
SER HXT  H N N 336 
THR N    N N N 337 
THR CA   C N S 338 
THR C    C N N 339 
THR O    O N N 340 
THR CB   C N R 341 
THR OG1  O N N 342 
THR CG2  C N N 343 
THR OXT  O N N 344 
THR H    H N N 345 
THR H2   H N N 346 
THR HA   H N N 347 
THR HB   H N N 348 
THR HG1  H N N 349 
THR HG21 H N N 350 
THR HG22 H N N 351 
THR HG23 H N N 352 
THR HXT  H N N 353 
VAL N    N N N 354 
VAL CA   C N S 355 
VAL C    C N N 356 
VAL O    O N N 357 
VAL CB   C N N 358 
VAL CG1  C N N 359 
VAL CG2  C N N 360 
VAL OXT  O N N 361 
VAL H    H N N 362 
VAL H2   H N N 363 
VAL HA   H N N 364 
VAL HB   H N N 365 
VAL HG11 H N N 366 
VAL HG12 H N N 367 
VAL HG13 H N N 368 
VAL HG21 H N N 369 
VAL HG22 H N N 370 
VAL HG23 H N N 371 
VAL HXT  H N N 372 
# 
loop_
_chem_comp_bond.comp_id 
_chem_comp_bond.atom_id_1 
_chem_comp_bond.atom_id_2 
_chem_comp_bond.value_order 
_chem_comp_bond.pdbx_aromatic_flag 
_chem_comp_bond.pdbx_stereo_config 
_chem_comp_bond.pdbx_ordinal 
ALA N   CA   sing N N 1   
ALA N   H    sing N N 2   
ALA N   H2   sing N N 3   
ALA CA  C    sing N N 4   
ALA CA  CB   sing N N 5   
ALA CA  HA   sing N N 6   
ALA C   O    doub N N 7   
ALA C   OXT  sing N N 8   
ALA CB  HB1  sing N N 9   
ALA CB  HB2  sing N N 10  
ALA CB  HB3  sing N N 11  
ALA OXT HXT  sing N N 12  
ARG N   CA   sing N N 13  
ARG N   H    sing N N 14  
ARG N   H2   sing N N 15  
ARG CA  C    sing N N 16  
ARG CA  CB   sing N N 17  
ARG CA  HA   sing N N 18  
ARG C   O    doub N N 19  
ARG C   OXT  sing N N 20  
ARG CB  CG   sing N N 21  
ARG CB  HB2  sing N N 22  
ARG CB  HB3  sing N N 23  
ARG CG  CD   sing N N 24  
ARG CG  HG2  sing N N 25  
ARG CG  HG3  sing N N 26  
ARG CD  NE   sing N N 27  
ARG CD  HD2  sing N N 28  
ARG CD  HD3  sing N N 29  
ARG NE  CZ   sing N N 30  
ARG NE  HE   sing N N 31  
ARG CZ  NH1  sing N N 32  
ARG CZ  NH2  doub N N 33  
ARG NH1 HH11 sing N N 34  
ARG NH1 HH12 sing N N 35  
ARG NH2 HH21 sing N N 36  
ARG NH2 HH22 sing N N 37  
ARG OXT HXT  sing N N 38  
ASN N   CA   sing N N 39  
ASN N   H    sing N N 40  
ASN N   H2   sing N N 41  
ASN CA  C    sing N N 42  
ASN CA  CB   sing N N 43  
ASN CA  HA   sing N N 44  
ASN C   O    doub N N 45  
ASN C   OXT  sing N N 46  
ASN CB  CG   sing N N 47  
ASN CB  HB2  sing N N 48  
ASN CB  HB3  sing N N 49  
ASN CG  OD1  doub N N 50  
ASN CG  ND2  sing N N 51  
ASN ND2 HD21 sing N N 52  
ASN ND2 HD22 sing N N 53  
ASN OXT HXT  sing N N 54  
ASP N   CA   sing N N 55  
ASP N   H    sing N N 56  
ASP N   H2   sing N N 57  
ASP CA  C    sing N N 58  
ASP CA  CB   sing N N 59  
ASP CA  HA   sing N N 60  
ASP C   O    doub N N 61  
ASP C   OXT  sing N N 62  
ASP CB  CG   sing N N 63  
ASP CB  HB2  sing N N 64  
ASP CB  HB3  sing N N 65  
ASP CG  OD1  doub N N 66  
ASP CG  OD2  sing N N 67  
ASP OD2 HD2  sing N N 68  
ASP OXT HXT  sing N N 69  
EPE N1  C2   sing N N 70  
EPE N1  C6   sing N N 71  
EPE N1  C9   sing N N 72  
EPE C2  C3   sing N N 73  
EPE C2  H21  sing N N 74  
EPE C2  H22  sing N N 75  
EPE C3  N4   sing N N 76  
EPE C3  H31  sing N N 77  
EPE C3  H32  sing N N 78  
EPE N4  C5   sing N N 79  
EPE N4  C7   sing N N 80  
EPE C5  C6   sing N N 81  
EPE C5  H51  sing N N 82  
EPE C5  H52  sing N N 83  
EPE C6  H61  sing N N 84  
EPE C6  H62  sing N N 85  
EPE C7  C8   sing N N 86  
EPE C7  H71  sing N N 87  
EPE C7  H72  sing N N 88  
EPE C8  O8   sing N N 89  
EPE C8  H81  sing N N 90  
EPE C8  H82  sing N N 91  
EPE O8  HO8  sing N N 92  
EPE C9  C10  sing N N 93  
EPE C9  H91  sing N N 94  
EPE C9  H92  sing N N 95  
EPE C10 S    sing N N 96  
EPE C10 H101 sing N N 97  
EPE C10 H102 sing N N 98  
EPE S   O1S  doub N N 99  
EPE S   O2S  doub N N 100 
EPE S   O3S  sing N N 101 
EPE O3S HOS3 sing N N 102 
GLN N   CA   sing N N 103 
GLN N   H    sing N N 104 
GLN N   H2   sing N N 105 
GLN CA  C    sing N N 106 
GLN CA  CB   sing N N 107 
GLN CA  HA   sing N N 108 
GLN C   O    doub N N 109 
GLN C   OXT  sing N N 110 
GLN CB  CG   sing N N 111 
GLN CB  HB2  sing N N 112 
GLN CB  HB3  sing N N 113 
GLN CG  CD   sing N N 114 
GLN CG  HG2  sing N N 115 
GLN CG  HG3  sing N N 116 
GLN CD  OE1  doub N N 117 
GLN CD  NE2  sing N N 118 
GLN NE2 HE21 sing N N 119 
GLN NE2 HE22 sing N N 120 
GLN OXT HXT  sing N N 121 
GLU N   CA   sing N N 122 
GLU N   H    sing N N 123 
GLU N   H2   sing N N 124 
GLU CA  C    sing N N 125 
GLU CA  CB   sing N N 126 
GLU CA  HA   sing N N 127 
GLU C   O    doub N N 128 
GLU C   OXT  sing N N 129 
GLU CB  CG   sing N N 130 
GLU CB  HB2  sing N N 131 
GLU CB  HB3  sing N N 132 
GLU CG  CD   sing N N 133 
GLU CG  HG2  sing N N 134 
GLU CG  HG3  sing N N 135 
GLU CD  OE1  doub N N 136 
GLU CD  OE2  sing N N 137 
GLU OE2 HE2  sing N N 138 
GLU OXT HXT  sing N N 139 
GLY N   CA   sing N N 140 
GLY N   H    sing N N 141 
GLY N   H2   sing N N 142 
GLY CA  C    sing N N 143 
GLY CA  HA2  sing N N 144 
GLY CA  HA3  sing N N 145 
GLY C   O    doub N N 146 
GLY C   OXT  sing N N 147 
GLY OXT HXT  sing N N 148 
GOL C1  O1   sing N N 149 
GOL C1  C2   sing N N 150 
GOL C1  H11  sing N N 151 
GOL C1  H12  sing N N 152 
GOL O1  HO1  sing N N 153 
GOL C2  O2   sing N N 154 
GOL C2  C3   sing N N 155 
GOL C2  H2   sing N N 156 
GOL O2  HO2  sing N N 157 
GOL C3  O3   sing N N 158 
GOL C3  H31  sing N N 159 
GOL C3  H32  sing N N 160 
GOL O3  HO3  sing N N 161 
HIS N   CA   sing N N 162 
HIS N   H    sing N N 163 
HIS N   H2   sing N N 164 
HIS CA  C    sing N N 165 
HIS CA  CB   sing N N 166 
HIS CA  HA   sing N N 167 
HIS C   O    doub N N 168 
HIS C   OXT  sing N N 169 
HIS CB  CG   sing N N 170 
HIS CB  HB2  sing N N 171 
HIS CB  HB3  sing N N 172 
HIS CG  ND1  sing Y N 173 
HIS CG  CD2  doub Y N 174 
HIS ND1 CE1  doub Y N 175 
HIS ND1 HD1  sing N N 176 
HIS CD2 NE2  sing Y N 177 
HIS CD2 HD2  sing N N 178 
HIS CE1 NE2  sing Y N 179 
HIS CE1 HE1  sing N N 180 
HIS NE2 HE2  sing N N 181 
HIS OXT HXT  sing N N 182 
HOH O   H1   sing N N 183 
HOH O   H2   sing N N 184 
ILE N   CA   sing N N 185 
ILE N   H    sing N N 186 
ILE N   H2   sing N N 187 
ILE CA  C    sing N N 188 
ILE CA  CB   sing N N 189 
ILE CA  HA   sing N N 190 
ILE C   O    doub N N 191 
ILE C   OXT  sing N N 192 
ILE CB  CG1  sing N N 193 
ILE CB  CG2  sing N N 194 
ILE CB  HB   sing N N 195 
ILE CG1 CD1  sing N N 196 
ILE CG1 HG12 sing N N 197 
ILE CG1 HG13 sing N N 198 
ILE CG2 HG21 sing N N 199 
ILE CG2 HG22 sing N N 200 
ILE CG2 HG23 sing N N 201 
ILE CD1 HD11 sing N N 202 
ILE CD1 HD12 sing N N 203 
ILE CD1 HD13 sing N N 204 
ILE OXT HXT  sing N N 205 
LEU N   CA   sing N N 206 
LEU N   H    sing N N 207 
LEU N   H2   sing N N 208 
LEU CA  C    sing N N 209 
LEU CA  CB   sing N N 210 
LEU CA  HA   sing N N 211 
LEU C   O    doub N N 212 
LEU C   OXT  sing N N 213 
LEU CB  CG   sing N N 214 
LEU CB  HB2  sing N N 215 
LEU CB  HB3  sing N N 216 
LEU CG  CD1  sing N N 217 
LEU CG  CD2  sing N N 218 
LEU CG  HG   sing N N 219 
LEU CD1 HD11 sing N N 220 
LEU CD1 HD12 sing N N 221 
LEU CD1 HD13 sing N N 222 
LEU CD2 HD21 sing N N 223 
LEU CD2 HD22 sing N N 224 
LEU CD2 HD23 sing N N 225 
LEU OXT HXT  sing N N 226 
LYS N   CA   sing N N 227 
LYS N   H    sing N N 228 
LYS N   H2   sing N N 229 
LYS CA  C    sing N N 230 
LYS CA  CB   sing N N 231 
LYS CA  HA   sing N N 232 
LYS C   O    doub N N 233 
LYS C   OXT  sing N N 234 
LYS CB  CG   sing N N 235 
LYS CB  HB2  sing N N 236 
LYS CB  HB3  sing N N 237 
LYS CG  CD   sing N N 238 
LYS CG  HG2  sing N N 239 
LYS CG  HG3  sing N N 240 
LYS CD  CE   sing N N 241 
LYS CD  HD2  sing N N 242 
LYS CD  HD3  sing N N 243 
LYS CE  NZ   sing N N 244 
LYS CE  HE2  sing N N 245 
LYS CE  HE3  sing N N 246 
LYS NZ  HZ1  sing N N 247 
LYS NZ  HZ2  sing N N 248 
LYS NZ  HZ3  sing N N 249 
LYS OXT HXT  sing N N 250 
MET N   CA   sing N N 251 
MET N   H    sing N N 252 
MET N   H2   sing N N 253 
MET CA  C    sing N N 254 
MET CA  CB   sing N N 255 
MET CA  HA   sing N N 256 
MET C   O    doub N N 257 
MET C   OXT  sing N N 258 
MET CB  CG   sing N N 259 
MET CB  HB2  sing N N 260 
MET CB  HB3  sing N N 261 
MET CG  SD   sing N N 262 
MET CG  HG2  sing N N 263 
MET CG  HG3  sing N N 264 
MET SD  CE   sing N N 265 
MET CE  HE1  sing N N 266 
MET CE  HE2  sing N N 267 
MET CE  HE3  sing N N 268 
MET OXT HXT  sing N N 269 
PHE N   CA   sing N N 270 
PHE N   H    sing N N 271 
PHE N   H2   sing N N 272 
PHE CA  C    sing N N 273 
PHE CA  CB   sing N N 274 
PHE CA  HA   sing N N 275 
PHE C   O    doub N N 276 
PHE C   OXT  sing N N 277 
PHE CB  CG   sing N N 278 
PHE CB  HB2  sing N N 279 
PHE CB  HB3  sing N N 280 
PHE CG  CD1  doub Y N 281 
PHE CG  CD2  sing Y N 282 
PHE CD1 CE1  sing Y N 283 
PHE CD1 HD1  sing N N 284 
PHE CD2 CE2  doub Y N 285 
PHE CD2 HD2  sing N N 286 
PHE CE1 CZ   doub Y N 287 
PHE CE1 HE1  sing N N 288 
PHE CE2 CZ   sing Y N 289 
PHE CE2 HE2  sing N N 290 
PHE CZ  HZ   sing N N 291 
PHE OXT HXT  sing N N 292 
PRO N   CA   sing N N 293 
PRO N   CD   sing N N 294 
PRO N   H    sing N N 295 
PRO CA  C    sing N N 296 
PRO CA  CB   sing N N 297 
PRO CA  HA   sing N N 298 
PRO C   O    doub N N 299 
PRO C   OXT  sing N N 300 
PRO CB  CG   sing N N 301 
PRO CB  HB2  sing N N 302 
PRO CB  HB3  sing N N 303 
PRO CG  CD   sing N N 304 
PRO CG  HG2  sing N N 305 
PRO CG  HG3  sing N N 306 
PRO CD  HD2  sing N N 307 
PRO CD  HD3  sing N N 308 
PRO OXT HXT  sing N N 309 
SER N   CA   sing N N 310 
SER N   H    sing N N 311 
SER N   H2   sing N N 312 
SER CA  C    sing N N 313 
SER CA  CB   sing N N 314 
SER CA  HA   sing N N 315 
SER C   O    doub N N 316 
SER C   OXT  sing N N 317 
SER CB  OG   sing N N 318 
SER CB  HB2  sing N N 319 
SER CB  HB3  sing N N 320 
SER OG  HG   sing N N 321 
SER OXT HXT  sing N N 322 
THR N   CA   sing N N 323 
THR N   H    sing N N 324 
THR N   H2   sing N N 325 
THR CA  C    sing N N 326 
THR CA  CB   sing N N 327 
THR CA  HA   sing N N 328 
THR C   O    doub N N 329 
THR C   OXT  sing N N 330 
THR CB  OG1  sing N N 331 
THR CB  CG2  sing N N 332 
THR CB  HB   sing N N 333 
THR OG1 HG1  sing N N 334 
THR CG2 HG21 sing N N 335 
THR CG2 HG22 sing N N 336 
THR CG2 HG23 sing N N 337 
THR OXT HXT  sing N N 338 
VAL N   CA   sing N N 339 
VAL N   H    sing N N 340 
VAL N   H2   sing N N 341 
VAL CA  C    sing N N 342 
VAL CA  CB   sing N N 343 
VAL CA  HA   sing N N 344 
VAL C   O    doub N N 345 
VAL C   OXT  sing N N 346 
VAL CB  CG1  sing N N 347 
VAL CB  CG2  sing N N 348 
VAL CB  HB   sing N N 349 
VAL CG1 HG11 sing N N 350 
VAL CG1 HG12 sing N N 351 
VAL CG1 HG13 sing N N 352 
VAL CG2 HG21 sing N N 353 
VAL CG2 HG22 sing N N 354 
VAL CG2 HG23 sing N N 355 
VAL OXT HXT  sing N N 356 
# 
loop_
_pdbx_entity_nonpoly.entity_id 
_pdbx_entity_nonpoly.name 
_pdbx_entity_nonpoly.comp_id 
3 GLYCEROL                                              GOL 
4 '4-(2-HYDROXYETHYL)-1-PIPERAZINE ETHANESULFONIC ACID' EPE 
5 water                                                 HOH 
# 
_pdbx_initial_refinement_model.id               1 
_pdbx_initial_refinement_model.entity_id_list   ? 
_pdbx_initial_refinement_model.type             'experimental model' 
_pdbx_initial_refinement_model.source_name      PDB 
_pdbx_initial_refinement_model.accession_code   1I2T 
_pdbx_initial_refinement_model.details          'pdb entry 1I2T' 
# 
